data_1QYM
# 
_entry.id   1QYM 
# 
_audit_conform.dict_name       mmcif_pdbx.dic 
_audit_conform.dict_version    5.376 
_audit_conform.dict_location   http://mmcif.pdb.org/dictionaries/ascii/mmcif_pdbx.dic 
# 
loop_
_database_2.database_id 
_database_2.database_code 
_database_2.pdbx_database_accession 
_database_2.pdbx_DOI 
PDB   1QYM         pdb_00001qym 10.2210/pdb1qym/pdb 
RCSB  RCSB020228   ?            ?                   
WWPDB D_1000020228 ?            ?                   
# 
_pdbx_database_status.status_code                     REL 
_pdbx_database_status.entry_id                        1QYM 
_pdbx_database_status.recvd_initial_deposition_date   2003-09-11 
_pdbx_database_status.deposit_site                    RCSB 
_pdbx_database_status.process_site                    RCSB 
_pdbx_database_status.status_code_sf                  REL 
_pdbx_database_status.SG_entry                        . 
_pdbx_database_status.pdb_format_compatible           Y 
_pdbx_database_status.status_code_mr                  ? 
_pdbx_database_status.status_code_cs                  ? 
_pdbx_database_status.status_code_nmr_data            ? 
_pdbx_database_status.methods_development_category    ? 
# 
loop_
_audit_author.name 
_audit_author.pdbx_ordinal 
'Manjasetty, B.A.' 1 
'Quedenau, C.'     2 
'Sievert, V.'      3 
'Buessow, K.'      4 
'Niesen, F.'       5 
'Delbrueck, H.'    6 
'Heinemann, U.'    7 
# 
_citation.id                        primary 
_citation.title                     'X-ray structure of human gankyrin, the product of a gene linked to hepatocellular carcinoma.' 
_citation.journal_abbrev            Proteins 
_citation.journal_volume            55 
_citation.page_first                214 
_citation.page_last                 217 
_citation.year                      2004 
_citation.journal_id_ASTM           PSFGEY 
_citation.country                   US 
_citation.journal_id_ISSN           0887-3585 
_citation.journal_id_CSD            0867 
_citation.book_publisher            ? 
_citation.pdbx_database_id_PubMed   14997555 
_citation.pdbx_database_id_DOI      10.1002/prot.20028 
# 
loop_
_citation_author.citation_id 
_citation_author.name 
_citation_author.ordinal 
_citation_author.identifier_ORCID 
primary 'Manjasetty, B.A.' 1 ? 
primary 'Quedenau, C.'     2 ? 
primary 'Sievert, V.'      3 ? 
primary 'Buessow, K.'      4 ? 
primary 'Niesen, F.'       5 ? 
primary 'Delbrueck, H.'    6 ? 
primary 'Heinemann, U.'    7 ? 
# 
_cell.entry_id           1QYM 
_cell.length_a           116.373 
_cell.length_b           116.373 
_cell.length_c           74.399 
_cell.angle_alpha        90.00 
_cell.angle_beta         90.00 
_cell.angle_gamma        90.00 
_cell.Z_PDB              8 
_cell.pdbx_unique_axis   ? 
# 
_symmetry.entry_id                         1QYM 
_symmetry.space_group_name_H-M             'P 41 21 2' 
_symmetry.pdbx_full_space_group_name_H-M   ? 
_symmetry.cell_setting                     ? 
_symmetry.Int_Tables_number                92 
# 
loop_
_entity.id 
_entity.type 
_entity.src_method 
_entity.pdbx_description 
_entity.formula_weight 
_entity.pdbx_number_of_molecules 
_entity.pdbx_ec 
_entity.pdbx_mutation 
_entity.pdbx_fragment 
_entity.details 
1 polymer man '26S proteasome non-ATPase regulatory subunit 10' 24472.789 1  ? ? ? ? 
2 water   nat water                                             18.015    53 ? ? ? ? 
# 
_entity_name_com.entity_id   1 
_entity_name_com.name        '26S proteasome regulatory subunit p28, Gankyrin' 
# 
_entity_poly.entity_id                      1 
_entity_poly.type                           'polypeptide(L)' 
_entity_poly.nstd_linkage                   no 
_entity_poly.nstd_monomer                   no 
_entity_poly.pdbx_seq_one_letter_code       
;GSEGCVSNLMVCNLAYSGKLEELKESILADKSLATRTDQDSRTALHWACSAGHTEIVEFLLQLGVPVNDKDDAGWSPLHI
AASAGRDEIVKALLGKGAQVNAVNQNGCTPLHYAASKNRHEIAVMLLEGGANPDAKDHYEATAMHRAAAKGNLKMIHILL
YYKASTNIQDTEGNTPLHLACDEERVEEAKLLVSQGASIYIENKEEKTPLQVAKGGLGLILKRMVEG
;
_entity_poly.pdbx_seq_one_letter_code_can   
;GSEGCVSNLMVCNLAYSGKLEELKESILADKSLATRTDQDSRTALHWACSAGHTEIVEFLLQLGVPVNDKDDAGWSPLHI
AASAGRDEIVKALLGKGAQVNAVNQNGCTPLHYAASKNRHEIAVMLLEGGANPDAKDHYEATAMHRAAAKGNLKMIHILL
YYKASTNIQDTEGNTPLHLACDEERVEEAKLLVSQGASIYIENKEEKTPLQVAKGGLGLILKRMVEG
;
_entity_poly.pdbx_strand_id                 A 
_entity_poly.pdbx_target_identifier         ? 
# 
loop_
_entity_poly_seq.entity_id 
_entity_poly_seq.num 
_entity_poly_seq.mon_id 
_entity_poly_seq.hetero 
1 1   GLY n 
1 2   SER n 
1 3   GLU n 
1 4   GLY n 
1 5   CYS n 
1 6   VAL n 
1 7   SER n 
1 8   ASN n 
1 9   LEU n 
1 10  MET n 
1 11  VAL n 
1 12  CYS n 
1 13  ASN n 
1 14  LEU n 
1 15  ALA n 
1 16  TYR n 
1 17  SER n 
1 18  GLY n 
1 19  LYS n 
1 20  LEU n 
1 21  GLU n 
1 22  GLU n 
1 23  LEU n 
1 24  LYS n 
1 25  GLU n 
1 26  SER n 
1 27  ILE n 
1 28  LEU n 
1 29  ALA n 
1 30  ASP n 
1 31  LYS n 
1 32  SER n 
1 33  LEU n 
1 34  ALA n 
1 35  THR n 
1 36  ARG n 
1 37  THR n 
1 38  ASP n 
1 39  GLN n 
1 40  ASP n 
1 41  SER n 
1 42  ARG n 
1 43  THR n 
1 44  ALA n 
1 45  LEU n 
1 46  HIS n 
1 47  TRP n 
1 48  ALA n 
1 49  CYS n 
1 50  SER n 
1 51  ALA n 
1 52  GLY n 
1 53  HIS n 
1 54  THR n 
1 55  GLU n 
1 56  ILE n 
1 57  VAL n 
1 58  GLU n 
1 59  PHE n 
1 60  LEU n 
1 61  LEU n 
1 62  GLN n 
1 63  LEU n 
1 64  GLY n 
1 65  VAL n 
1 66  PRO n 
1 67  VAL n 
1 68  ASN n 
1 69  ASP n 
1 70  LYS n 
1 71  ASP n 
1 72  ASP n 
1 73  ALA n 
1 74  GLY n 
1 75  TRP n 
1 76  SER n 
1 77  PRO n 
1 78  LEU n 
1 79  HIS n 
1 80  ILE n 
1 81  ALA n 
1 82  ALA n 
1 83  SER n 
1 84  ALA n 
1 85  GLY n 
1 86  ARG n 
1 87  ASP n 
1 88  GLU n 
1 89  ILE n 
1 90  VAL n 
1 91  LYS n 
1 92  ALA n 
1 93  LEU n 
1 94  LEU n 
1 95  GLY n 
1 96  LYS n 
1 97  GLY n 
1 98  ALA n 
1 99  GLN n 
1 100 VAL n 
1 101 ASN n 
1 102 ALA n 
1 103 VAL n 
1 104 ASN n 
1 105 GLN n 
1 106 ASN n 
1 107 GLY n 
1 108 CYS n 
1 109 THR n 
1 110 PRO n 
1 111 LEU n 
1 112 HIS n 
1 113 TYR n 
1 114 ALA n 
1 115 ALA n 
1 116 SER n 
1 117 LYS n 
1 118 ASN n 
1 119 ARG n 
1 120 HIS n 
1 121 GLU n 
1 122 ILE n 
1 123 ALA n 
1 124 VAL n 
1 125 MET n 
1 126 LEU n 
1 127 LEU n 
1 128 GLU n 
1 129 GLY n 
1 130 GLY n 
1 131 ALA n 
1 132 ASN n 
1 133 PRO n 
1 134 ASP n 
1 135 ALA n 
1 136 LYS n 
1 137 ASP n 
1 138 HIS n 
1 139 TYR n 
1 140 GLU n 
1 141 ALA n 
1 142 THR n 
1 143 ALA n 
1 144 MET n 
1 145 HIS n 
1 146 ARG n 
1 147 ALA n 
1 148 ALA n 
1 149 ALA n 
1 150 LYS n 
1 151 GLY n 
1 152 ASN n 
1 153 LEU n 
1 154 LYS n 
1 155 MET n 
1 156 ILE n 
1 157 HIS n 
1 158 ILE n 
1 159 LEU n 
1 160 LEU n 
1 161 TYR n 
1 162 TYR n 
1 163 LYS n 
1 164 ALA n 
1 165 SER n 
1 166 THR n 
1 167 ASN n 
1 168 ILE n 
1 169 GLN n 
1 170 ASP n 
1 171 THR n 
1 172 GLU n 
1 173 GLY n 
1 174 ASN n 
1 175 THR n 
1 176 PRO n 
1 177 LEU n 
1 178 HIS n 
1 179 LEU n 
1 180 ALA n 
1 181 CYS n 
1 182 ASP n 
1 183 GLU n 
1 184 GLU n 
1 185 ARG n 
1 186 VAL n 
1 187 GLU n 
1 188 GLU n 
1 189 ALA n 
1 190 LYS n 
1 191 LEU n 
1 192 LEU n 
1 193 VAL n 
1 194 SER n 
1 195 GLN n 
1 196 GLY n 
1 197 ALA n 
1 198 SER n 
1 199 ILE n 
1 200 TYR n 
1 201 ILE n 
1 202 GLU n 
1 203 ASN n 
1 204 LYS n 
1 205 GLU n 
1 206 GLU n 
1 207 LYS n 
1 208 THR n 
1 209 PRO n 
1 210 LEU n 
1 211 GLN n 
1 212 VAL n 
1 213 ALA n 
1 214 LYS n 
1 215 GLY n 
1 216 GLY n 
1 217 LEU n 
1 218 GLY n 
1 219 LEU n 
1 220 ILE n 
1 221 LEU n 
1 222 LYS n 
1 223 ARG n 
1 224 MET n 
1 225 VAL n 
1 226 GLU n 
1 227 GLY n 
# 
_entity_src_gen.entity_id                          1 
_entity_src_gen.pdbx_src_id                        1 
_entity_src_gen.pdbx_alt_source_flag               sample 
_entity_src_gen.pdbx_seq_type                      ? 
_entity_src_gen.pdbx_beg_seq_num                   ? 
_entity_src_gen.pdbx_end_seq_num                   ? 
_entity_src_gen.gene_src_common_name               human 
_entity_src_gen.gene_src_genus                     Homo 
_entity_src_gen.pdbx_gene_src_gene                 PSMD10 
_entity_src_gen.gene_src_species                   ? 
_entity_src_gen.gene_src_strain                    ? 
_entity_src_gen.gene_src_tissue                    ? 
_entity_src_gen.gene_src_tissue_fraction           ? 
_entity_src_gen.gene_src_details                   ? 
_entity_src_gen.pdbx_gene_src_fragment             ? 
_entity_src_gen.pdbx_gene_src_scientific_name      'Homo sapiens' 
_entity_src_gen.pdbx_gene_src_ncbi_taxonomy_id     9606 
_entity_src_gen.pdbx_gene_src_variant              ? 
_entity_src_gen.pdbx_gene_src_cell_line            ? 
_entity_src_gen.pdbx_gene_src_atcc                 ? 
_entity_src_gen.pdbx_gene_src_organ                ? 
_entity_src_gen.pdbx_gene_src_organelle            ? 
_entity_src_gen.pdbx_gene_src_cell                 ? 
_entity_src_gen.pdbx_gene_src_cellular_location    ? 
_entity_src_gen.host_org_common_name               ? 
_entity_src_gen.pdbx_host_org_scientific_name      'Escherichia coli' 
_entity_src_gen.pdbx_host_org_ncbi_taxonomy_id     562 
_entity_src_gen.host_org_genus                     Escherichia 
_entity_src_gen.pdbx_host_org_gene                 ? 
_entity_src_gen.pdbx_host_org_organ                ? 
_entity_src_gen.host_org_species                   ? 
_entity_src_gen.pdbx_host_org_tissue               ? 
_entity_src_gen.pdbx_host_org_tissue_fraction      ? 
_entity_src_gen.pdbx_host_org_strain               SCS1 
_entity_src_gen.pdbx_host_org_variant              ? 
_entity_src_gen.pdbx_host_org_cell_line            ? 
_entity_src_gen.pdbx_host_org_atcc                 ? 
_entity_src_gen.pdbx_host_org_culture_collection   ? 
_entity_src_gen.pdbx_host_org_cell                 ? 
_entity_src_gen.pdbx_host_org_organelle            ? 
_entity_src_gen.pdbx_host_org_cellular_location    cytoplasm 
_entity_src_gen.pdbx_host_org_vector_type          plasmid 
_entity_src_gen.pdbx_host_org_vector               PQTEV 
_entity_src_gen.host_org_details                   ? 
_entity_src_gen.expression_system_id               ? 
_entity_src_gen.plasmid_name                       PSFEP250A062 
_entity_src_gen.plasmid_details                    ? 
_entity_src_gen.pdbx_description                   ? 
# 
_struct_ref.id                         1 
_struct_ref.db_name                    UNP 
_struct_ref.db_code                    PSD10_HUMAN 
_struct_ref.pdbx_db_accession          O75832 
_struct_ref.entity_id                  1 
_struct_ref.pdbx_seq_one_letter_code   
;EGCVSNLMVCNLAYSGKLEELKESILADKSLATRTDQDSRTALHWACSAGHTEIVEFLLQLGVPVNDKDDAGWSPLHIAA
SAGRDEIVKALLGKGAQVNAVNQNGCTPLHYAASKNRHEIAVMLLEGGANPDAKDHYEATAMHRAAAKGNLKMIHILLYY
KASTNIQDTEGNTPLHLACDEERVEEAKLLVSQGASIYIENKEEKTPLQVAKGGLGLILKRMVEG
;
_struct_ref.pdbx_align_begin           2 
_struct_ref.pdbx_db_isoform            ? 
# 
_struct_ref_seq.align_id                      1 
_struct_ref_seq.ref_id                        1 
_struct_ref_seq.pdbx_PDB_id_code              1QYM 
_struct_ref_seq.pdbx_strand_id                A 
_struct_ref_seq.seq_align_beg                 3 
_struct_ref_seq.pdbx_seq_align_beg_ins_code   ? 
_struct_ref_seq.seq_align_end                 227 
_struct_ref_seq.pdbx_seq_align_end_ins_code   ? 
_struct_ref_seq.pdbx_db_accession             O75832 
_struct_ref_seq.db_align_beg                  2 
_struct_ref_seq.pdbx_db_align_beg_ins_code    ? 
_struct_ref_seq.db_align_end                  226 
_struct_ref_seq.pdbx_db_align_end_ins_code    ? 
_struct_ref_seq.pdbx_auth_seq_align_beg       2 
_struct_ref_seq.pdbx_auth_seq_align_end       226 
# 
loop_
_struct_ref_seq_dif.align_id 
_struct_ref_seq_dif.pdbx_pdb_id_code 
_struct_ref_seq_dif.mon_id 
_struct_ref_seq_dif.pdbx_pdb_strand_id 
_struct_ref_seq_dif.seq_num 
_struct_ref_seq_dif.pdbx_pdb_ins_code 
_struct_ref_seq_dif.pdbx_seq_db_name 
_struct_ref_seq_dif.pdbx_seq_db_accession_code 
_struct_ref_seq_dif.db_mon_id 
_struct_ref_seq_dif.pdbx_seq_db_seq_num 
_struct_ref_seq_dif.details 
_struct_ref_seq_dif.pdbx_auth_seq_num 
_struct_ref_seq_dif.pdbx_ordinal 
1 1QYM GLY A 1 ? UNP O75832 ? ? 'cloning artifact' 0 1 
1 1QYM SER A 2 ? UNP O75832 ? ? 'cloning artifact' 1 2 
# 
loop_
_chem_comp.id 
_chem_comp.type 
_chem_comp.mon_nstd_flag 
_chem_comp.name 
_chem_comp.pdbx_synonyms 
_chem_comp.formula 
_chem_comp.formula_weight 
ALA 'L-peptide linking' y ALANINE         ? 'C3 H7 N O2'     89.093  
ARG 'L-peptide linking' y ARGININE        ? 'C6 H15 N4 O2 1' 175.209 
ASN 'L-peptide linking' y ASPARAGINE      ? 'C4 H8 N2 O3'    132.118 
ASP 'L-peptide linking' y 'ASPARTIC ACID' ? 'C4 H7 N O4'     133.103 
CYS 'L-peptide linking' y CYSTEINE        ? 'C3 H7 N O2 S'   121.158 
GLN 'L-peptide linking' y GLUTAMINE       ? 'C5 H10 N2 O3'   146.144 
GLU 'L-peptide linking' y 'GLUTAMIC ACID' ? 'C5 H9 N O4'     147.129 
GLY 'peptide linking'   y GLYCINE         ? 'C2 H5 N O2'     75.067  
HIS 'L-peptide linking' y HISTIDINE       ? 'C6 H10 N3 O2 1' 156.162 
HOH non-polymer         . WATER           ? 'H2 O'           18.015  
ILE 'L-peptide linking' y ISOLEUCINE      ? 'C6 H13 N O2'    131.173 
LEU 'L-peptide linking' y LEUCINE         ? 'C6 H13 N O2'    131.173 
LYS 'L-peptide linking' y LYSINE          ? 'C6 H15 N2 O2 1' 147.195 
MET 'L-peptide linking' y METHIONINE      ? 'C5 H11 N O2 S'  149.211 
PHE 'L-peptide linking' y PHENYLALANINE   ? 'C9 H11 N O2'    165.189 
PRO 'L-peptide linking' y PROLINE         ? 'C5 H9 N O2'     115.130 
SER 'L-peptide linking' y SERINE          ? 'C3 H7 N O3'     105.093 
THR 'L-peptide linking' y THREONINE       ? 'C4 H9 N O3'     119.119 
TRP 'L-peptide linking' y TRYPTOPHAN      ? 'C11 H12 N2 O2'  204.225 
TYR 'L-peptide linking' y TYROSINE        ? 'C9 H11 N O3'    181.189 
VAL 'L-peptide linking' y VALINE          ? 'C5 H11 N O2'    117.146 
# 
_exptl.entry_id          1QYM 
_exptl.method            'X-RAY DIFFRACTION' 
_exptl.crystals_number   1 
# 
_exptl_crystal.id                    1 
_exptl_crystal.density_meas          ? 
_exptl_crystal.density_Matthews      5.15 
_exptl_crystal.density_percent_sol   76.10 
_exptl_crystal.description           ? 
# 
_exptl_crystal_grow.crystal_id      1 
_exptl_crystal_grow.method          'VAPOR DIFFUSION, SITTING DROP' 
_exptl_crystal_grow.temp            293.0 
_exptl_crystal_grow.temp_details    ? 
_exptl_crystal_grow.pH              7.0 
_exptl_crystal_grow.pdbx_details    '3.5M Na Formate , pH 7.0, VAPOR DIFFUSION, SITTING DROP, temperature 293.0K' 
_exptl_crystal_grow.pdbx_pH_range   . 
# 
_diffrn.id                     1 
_diffrn.ambient_temp           100 
_diffrn.ambient_temp_details   ? 
_diffrn.crystal_id             1 
# 
_diffrn_detector.diffrn_id              1 
_diffrn_detector.detector               'IMAGE PLATE' 
_diffrn_detector.type                   MARRESEARCH 
_diffrn_detector.pdbx_collection_date   2003-05-19 
_diffrn_detector.details                mirrors 
# 
_diffrn_radiation.diffrn_id                        1 
_diffrn_radiation.wavelength_id                    1 
_diffrn_radiation.pdbx_monochromatic_or_laue_m_l   M 
_diffrn_radiation.monochromator                    Si111-DCM 
_diffrn_radiation.pdbx_diffrn_protocol             'SINGLE WAVELENGTH' 
_diffrn_radiation.pdbx_scattering_type             x-ray 
# 
_diffrn_radiation_wavelength.id           1 
_diffrn_radiation_wavelength.wavelength   1.0000 
_diffrn_radiation_wavelength.wt           1.0 
# 
_diffrn_source.diffrn_id                   1 
_diffrn_source.source                      SYNCHROTRON 
_diffrn_source.type                        'BESSY BEAMLINE 14.2' 
_diffrn_source.pdbx_synchrotron_site       BESSY 
_diffrn_source.pdbx_synchrotron_beamline   14.2 
_diffrn_source.pdbx_wavelength             ? 
_diffrn_source.pdbx_wavelength_list        1.0000 
# 
_reflns.entry_id                     1QYM 
_reflns.observed_criterion_sigma_F   0.0 
_reflns.observed_criterion_sigma_I   0.0 
_reflns.d_resolution_high            2.8 
_reflns.d_resolution_low             20.0 
_reflns.number_all                   ? 
_reflns.number_obs                   12978 
_reflns.percent_possible_obs         99.8 
_reflns.pdbx_Rmerge_I_obs            0.072 
_reflns.pdbx_Rsym_value              0.072 
_reflns.pdbx_netI_over_sigmaI        35.4 
_reflns.B_iso_Wilson_estimate        ? 
_reflns.pdbx_redundancy              13.0 
_reflns.R_free_details               ? 
_reflns.limit_h_max                  ? 
_reflns.limit_h_min                  ? 
_reflns.limit_k_max                  ? 
_reflns.limit_k_min                  ? 
_reflns.limit_l_max                  ? 
_reflns.limit_l_min                  ? 
_reflns.observed_criterion_F_max     ? 
_reflns.observed_criterion_F_min     ? 
_reflns.pdbx_ordinal                 1 
_reflns.pdbx_diffrn_id               1 
# 
_reflns_shell.d_res_high             2.8 
_reflns_shell.d_res_low              2.9 
_reflns_shell.percent_possible_all   99.3 
_reflns_shell.Rmerge_I_obs           0.62 
_reflns_shell.pdbx_Rsym_value        0.62 
_reflns_shell.meanI_over_sigI_obs    4.0 
_reflns_shell.pdbx_redundancy        ? 
_reflns_shell.percent_possible_obs   ? 
_reflns_shell.number_unique_all      ? 
_reflns_shell.pdbx_ordinal           1 
_reflns_shell.pdbx_diffrn_id         1 
# 
_refine.entry_id                                 1QYM 
_refine.ls_number_reflns_obs                     12144 
_refine.ls_number_reflns_all                     ? 
_refine.pdbx_ls_sigma_I                          0.0 
_refine.pdbx_ls_sigma_F                          0.0 
_refine.pdbx_data_cutoff_high_absF               ? 
_refine.pdbx_data_cutoff_low_absF                ? 
_refine.pdbx_data_cutoff_high_rms_absF           ? 
_refine.ls_d_res_low                             20.00 
_refine.ls_d_res_high                            2.80 
_refine.ls_percent_reflns_obs                    98.01 
_refine.ls_R_factor_obs                          ? 
_refine.ls_R_factor_all                          ? 
_refine.ls_R_factor_R_work                       0.18748 
_refine.ls_R_factor_R_free                       0.23349 
_refine.ls_R_factor_R_free_error                 ? 
_refine.ls_R_factor_R_free_error_details         ? 
_refine.ls_percent_reflns_R_free                 4.9 
_refine.ls_number_reflns_R_free                  632 
_refine.ls_number_parameters                     ? 
_refine.ls_number_restraints                     ? 
_refine.occupancy_min                            ? 
_refine.occupancy_max                            ? 
_refine.correlation_coeff_Fo_to_Fc               0.960 
_refine.correlation_coeff_Fo_to_Fc_free          0.949 
_refine.B_iso_mean                               27.566 
_refine.aniso_B[1][1]                            -1.74 
_refine.aniso_B[2][2]                            -1.74 
_refine.aniso_B[3][3]                            3.48 
_refine.aniso_B[1][2]                            0.00 
_refine.aniso_B[1][3]                            0.00 
_refine.aniso_B[2][3]                            0.00 
_refine.solvent_model_details                    MASK 
_refine.solvent_model_param_ksol                 ? 
_refine.solvent_model_param_bsol                 ? 
_refine.pdbx_solvent_vdw_probe_radii             1.40 
_refine.pdbx_solvent_ion_probe_radii             0.80 
_refine.pdbx_solvent_shrinkage_radii             0.80 
_refine.pdbx_ls_cross_valid_method               THROUGHOUT 
_refine.details                                  
;HYDROGENS HAVE BEEN ADDED IN THE RIDING POSITIONS   
TLS RESTRAINED REFINEMENT
;
_refine.pdbx_starting_model                      
;SWISS-MODEL   
(PDB ENTRIES 1N1I, 1N0R, 1MJ0, 1N0Q)
;
_refine.pdbx_method_to_determine_struct          'MOLECULAR REPLACEMENT' 
_refine.pdbx_isotropic_thermal_model             Isotropic 
_refine.pdbx_stereochemistry_target_values       'MAXIMUM LIKELIHOOD' 
_refine.pdbx_stereochem_target_val_spec_case     ? 
_refine.pdbx_R_Free_selection_details            RANDOM 
_refine.pdbx_overall_ESU_R                       0.310 
_refine.pdbx_overall_ESU_R_Free                  0.253 
_refine.overall_SU_ML                            0.191 
_refine.overall_SU_B                             10.540 
_refine.ls_redundancy_reflns_obs                 ? 
_refine.B_iso_min                                ? 
_refine.B_iso_max                                ? 
_refine.overall_SU_R_Cruickshank_DPI             ? 
_refine.overall_SU_R_free                        ? 
_refine.pdbx_refine_id                           'X-RAY DIFFRACTION' 
_refine.pdbx_TLS_residual_ADP_flag               'LIKELY RESIDUAL' 
_refine.pdbx_diffrn_id                           1 
_refine.pdbx_overall_phase_error                 ? 
_refine.pdbx_overall_SU_R_free_Cruickshank_DPI   ? 
_refine.pdbx_overall_SU_R_Blow_DPI               ? 
_refine.pdbx_overall_SU_R_free_Blow_DPI          ? 
# 
_refine_hist.pdbx_refine_id                   'X-RAY DIFFRACTION' 
_refine_hist.cycle_id                         LAST 
_refine_hist.pdbx_number_atoms_protein        1680 
_refine_hist.pdbx_number_atoms_nucleic_acid   0 
_refine_hist.pdbx_number_atoms_ligand         0 
_refine_hist.number_atoms_solvent             53 
_refine_hist.number_atoms_total               1733 
_refine_hist.d_res_high                       2.80 
_refine_hist.d_res_low                        20.00 
# 
loop_
_refine_ls_restr.type 
_refine_ls_restr.dev_ideal 
_refine_ls_restr.dev_ideal_target 
_refine_ls_restr.weight 
_refine_ls_restr.number 
_refine_ls_restr.pdbx_refine_id 
_refine_ls_restr.pdbx_restraint_function 
r_bond_refined_d         0.011 0.021 ? 1705 'X-RAY DIFFRACTION' ? 
r_bond_other_d           0.002 0.020 ? 1554 'X-RAY DIFFRACTION' ? 
r_angle_refined_deg      1.281 1.960 ? 2308 'X-RAY DIFFRACTION' ? 
r_angle_other_deg        1.037 3.000 ? 3629 'X-RAY DIFFRACTION' ? 
r_dihedral_angle_1_deg   5.897 5.000 ? 222  'X-RAY DIFFRACTION' ? 
r_chiral_restr           0.067 0.200 ? 267  'X-RAY DIFFRACTION' ? 
r_gen_planes_refined     0.004 0.020 ? 1916 'X-RAY DIFFRACTION' ? 
r_gen_planes_other       0.002 0.020 ? 301  'X-RAY DIFFRACTION' ? 
r_nbd_refined            0.208 0.200 ? 415  'X-RAY DIFFRACTION' ? 
r_nbd_other              0.243 0.200 ? 1834 'X-RAY DIFFRACTION' ? 
r_nbtor_other            0.082 0.200 ? 1031 'X-RAY DIFFRACTION' ? 
r_xyhbond_nbd_refined    0.141 0.200 ? 42   'X-RAY DIFFRACTION' ? 
r_symmetry_vdw_refined   0.190 0.200 ? 6    'X-RAY DIFFRACTION' ? 
r_symmetry_vdw_other     0.290 0.200 ? 18   'X-RAY DIFFRACTION' ? 
r_symmetry_hbond_refined 0.230 0.200 ? 1    'X-RAY DIFFRACTION' ? 
r_mcbond_it              0.375 1.500 ? 1103 'X-RAY DIFFRACTION' ? 
r_mcangle_it             0.729 2.000 ? 1752 'X-RAY DIFFRACTION' ? 
r_scbond_it              1.224 3.000 ? 602  'X-RAY DIFFRACTION' ? 
r_scangle_it             2.205 4.500 ? 556  'X-RAY DIFFRACTION' ? 
# 
_refine_ls_shell.pdbx_total_number_of_bins_used   20 
_refine_ls_shell.d_res_high                       2.800 
_refine_ls_shell.d_res_low                        2.872 
_refine_ls_shell.number_reflns_R_work             795 
_refine_ls_shell.R_factor_R_work                  0.343 
_refine_ls_shell.percent_reflns_obs               ? 
_refine_ls_shell.R_factor_R_free                  0.389 
_refine_ls_shell.R_factor_R_free_error            ? 
_refine_ls_shell.percent_reflns_R_free            ? 
_refine_ls_shell.number_reflns_R_free             54 
_refine_ls_shell.number_reflns_obs                ? 
_refine_ls_shell.redundancy_reflns_obs            ? 
_refine_ls_shell.number_reflns_all                ? 
_refine_ls_shell.pdbx_refine_id                   'X-RAY DIFFRACTION' 
_refine_ls_shell.R_factor_all                     ? 
# 
_struct.entry_id                  1QYM 
_struct.title                     'X-ray structure of human gankyrin' 
_struct.pdbx_model_details        ? 
_struct.pdbx_CASP_flag            ? 
_struct.pdbx_model_type_details   ? 
# 
_struct_keywords.entry_id        1QYM 
_struct_keywords.pdbx_keywords   ONCOPROTEIN 
_struct_keywords.text            'ankyrin repeat, structural genomics, ONCOPROTEIN' 
# 
loop_
_struct_asym.id 
_struct_asym.pdbx_blank_PDB_chainid_flag 
_struct_asym.pdbx_modified 
_struct_asym.entity_id 
_struct_asym.details 
A N N 1 ? 
B N N 2 ? 
# 
_struct_biol.id                    1 
_struct_biol.pdbx_parent_biol_id   ? 
_struct_biol.details               ? 
# 
loop_
_struct_conf.conf_type_id 
_struct_conf.id 
_struct_conf.pdbx_PDB_helix_id 
_struct_conf.beg_label_comp_id 
_struct_conf.beg_label_asym_id 
_struct_conf.beg_label_seq_id 
_struct_conf.pdbx_beg_PDB_ins_code 
_struct_conf.end_label_comp_id 
_struct_conf.end_label_asym_id 
_struct_conf.end_label_seq_id 
_struct_conf.pdbx_end_PDB_ins_code 
_struct_conf.beg_auth_comp_id 
_struct_conf.beg_auth_asym_id 
_struct_conf.beg_auth_seq_id 
_struct_conf.end_auth_comp_id 
_struct_conf.end_auth_asym_id 
_struct_conf.end_auth_seq_id 
_struct_conf.pdbx_PDB_helix_class 
_struct_conf.details 
_struct_conf.pdbx_PDB_helix_length 
HELX_P HELX_P1  1  LEU A 9   ? GLY A 18  ? LEU A 8   GLY A 17  1 ? 10 
HELX_P HELX_P2  2  LYS A 19  ? ASP A 30  ? LYS A 18  ASP A 29  1 ? 12 
HELX_P HELX_P3  3  LYS A 31  ? THR A 35  ? LYS A 30  THR A 34  5 ? 5  
HELX_P HELX_P4  4  THR A 43  ? GLY A 52  ? THR A 42  GLY A 51  1 ? 10 
HELX_P HELX_P5  5  HIS A 53  ? GLY A 64  ? HIS A 52  GLY A 63  1 ? 12 
HELX_P HELX_P6  6  SER A 76  ? GLY A 85  ? SER A 75  GLY A 84  1 ? 10 
HELX_P HELX_P7  7  ARG A 86  ? LYS A 96  ? ARG A 85  LYS A 95  1 ? 11 
HELX_P HELX_P8  8  THR A 109 ? LYS A 117 ? THR A 108 LYS A 116 1 ? 9  
HELX_P HELX_P9  9  ARG A 119 ? GLY A 129 ? ARG A 118 GLY A 128 1 ? 11 
HELX_P HELX_P10 10 THR A 142 ? GLY A 151 ? THR A 141 GLY A 150 1 ? 10 
HELX_P HELX_P11 11 ASN A 152 ? TYR A 162 ? ASN A 151 TYR A 161 1 ? 11 
HELX_P HELX_P12 12 THR A 175 ? GLU A 183 ? THR A 174 GLU A 182 1 ? 9  
HELX_P HELX_P13 13 ARG A 185 ? GLN A 195 ? ARG A 184 GLN A 194 1 ? 11 
HELX_P HELX_P14 14 THR A 208 ? ALA A 213 ? THR A 207 ALA A 212 1 ? 6  
HELX_P HELX_P15 15 GLY A 216 ? GLY A 227 ? GLY A 215 GLY A 226 1 ? 12 
# 
_struct_conf_type.id          HELX_P 
_struct_conf_type.criteria    ? 
_struct_conf_type.reference   ? 
# 
_atom_sites.entry_id                    1QYM 
_atom_sites.fract_transf_matrix[1][1]   0.00103572 
_atom_sites.fract_transf_matrix[1][2]   -0.00846187 
_atom_sites.fract_transf_matrix[1][3]   -0.00107873 
_atom_sites.fract_transf_matrix[2][1]   -0.00600451 
_atom_sites.fract_transf_matrix[2][2]   -0.00149504 
_atom_sites.fract_transf_matrix[2][3]   0.00596242 
_atom_sites.fract_transf_matrix[3][1]   -0.00947754 
_atom_sites.fract_transf_matrix[3][2]   0.00005494 
_atom_sites.fract_transf_matrix[3][3]   -0.00953067 
_atom_sites.fract_transf_vector[1]      0.275309 
_atom_sites.fract_transf_vector[2]      0.487318 
_atom_sites.fract_transf_vector[3]      0.495789 
# 
loop_
_atom_type.symbol 
C 
N 
O 
S 
# 
loop_
_atom_site.group_PDB 
_atom_site.id 
_atom_site.type_symbol 
_atom_site.label_atom_id 
_atom_site.label_alt_id 
_atom_site.label_comp_id 
_atom_site.label_asym_id 
_atom_site.label_entity_id 
_atom_site.label_seq_id 
_atom_site.pdbx_PDB_ins_code 
_atom_site.Cartn_x 
_atom_site.Cartn_y 
_atom_site.Cartn_z 
_atom_site.occupancy 
_atom_site.B_iso_or_equiv 
_atom_site.pdbx_formal_charge 
_atom_site.auth_seq_id 
_atom_site.auth_comp_id 
_atom_site.auth_asym_id 
_atom_site.auth_atom_id 
_atom_site.pdbx_PDB_model_num 
ATOM   1    N N   . CYS A 1 5   ? 7.446   -18.354 15.852  1.00 59.10 ? 4   CYS A N   1 
ATOM   2    C CA  . CYS A 1 5   ? 7.871   -19.525 15.020  1.00 59.21 ? 4   CYS A CA  1 
ATOM   3    C C   . CYS A 1 5   ? 7.089   -19.594 13.711  1.00 59.13 ? 4   CYS A C   1 
ATOM   4    O O   . CYS A 1 5   ? 6.255   -20.478 13.513  1.00 58.98 ? 4   CYS A O   1 
ATOM   5    C CB  . CYS A 1 5   ? 7.697   -20.837 15.798  1.00 59.18 ? 4   CYS A CB  1 
ATOM   6    S SG  . CYS A 1 5   ? 8.702   -22.176 15.113  1.00 58.74 ? 4   CYS A SG  1 
ATOM   7    N N   . VAL A 1 6   ? 7.395   -18.683 12.798  1.00 59.14 ? 5   VAL A N   1 
ATOM   8    C CA  . VAL A 1 6   ? 6.480   -18.399 11.697  1.00 59.18 ? 5   VAL A CA  1 
ATOM   9    C C   . VAL A 1 6   ? 6.715   -19.192 10.433  1.00 58.59 ? 5   VAL A C   1 
ATOM   10   O O   . VAL A 1 6   ? 5.889   -19.160 9.537   1.00 58.25 ? 5   VAL A O   1 
ATOM   11   C CB  . VAL A 1 6   ? 6.451   -16.902 11.297  1.00 59.62 ? 5   VAL A CB  1 
ATOM   12   C CG1 . VAL A 1 6   ? 4.973   -16.458 11.050  1.00 60.44 ? 5   VAL A CG1 1 
ATOM   13   C CG2 . VAL A 1 6   ? 7.125   -16.001 12.342  1.00 59.65 ? 5   VAL A CG2 1 
ATOM   14   N N   . SER A 1 7   ? 7.827   -19.902 10.357  1.00 58.19 ? 6   SER A N   1 
ATOM   15   C CA  . SER A 1 7   ? 8.179   -20.624 9.146   1.00 58.02 ? 6   SER A CA  1 
ATOM   16   C C   . SER A 1 7   ? 8.618   -22.049 9.469   1.00 57.77 ? 6   SER A C   1 
ATOM   17   O O   . SER A 1 7   ? 8.840   -22.387 10.626  1.00 57.76 ? 6   SER A O   1 
ATOM   18   C CB  . SER A 1 7   ? 9.276   -19.848 8.410   1.00 57.98 ? 6   SER A CB  1 
ATOM   19   O OG  . SER A 1 7   ? 9.817   -20.575 7.328   1.00 58.07 ? 6   SER A OG  1 
ATOM   20   N N   . ASN A 1 8   ? 8.709   -22.881 8.438   1.00 57.59 ? 7   ASN A N   1 
ATOM   21   C CA  . ASN A 1 8   ? 9.253   -24.237 8.565   1.00 57.50 ? 7   ASN A CA  1 
ATOM   22   C C   . ASN A 1 8   ? 10.764  -24.296 8.299   1.00 57.49 ? 7   ASN A C   1 
ATOM   23   O O   . ASN A 1 8   ? 11.424  -25.274 8.673   1.00 57.38 ? 7   ASN A O   1 
ATOM   24   C CB  . ASN A 1 8   ? 8.516   -25.224 7.644   1.00 57.44 ? 7   ASN A CB  1 
ATOM   25   C CG  . ASN A 1 8   ? 8.481   -24.770 6.192   1.00 57.11 ? 7   ASN A CG  1 
ATOM   26   O OD1 . ASN A 1 8   ? 7.732   -23.866 5.844   1.00 57.84 ? 7   ASN A OD1 1 
ATOM   27   N ND2 . ASN A 1 8   ? 9.290   -25.393 5.343   1.00 55.34 ? 7   ASN A ND2 1 
ATOM   28   N N   . LEU A 1 9   ? 11.288  -23.262 7.638   1.00 57.46 ? 8   LEU A N   1 
ATOM   29   C CA  . LEU A 1 9   ? 12.722  -23.105 7.407   1.00 57.66 ? 8   LEU A CA  1 
ATOM   30   C C   . LEU A 1 9   ? 13.325  -22.279 8.510   1.00 57.85 ? 8   LEU A C   1 
ATOM   31   O O   . LEU A 1 9   ? 12.813  -21.212 8.828   1.00 57.74 ? 8   LEU A O   1 
ATOM   32   C CB  . LEU A 1 9   ? 12.994  -22.383 6.091   1.00 57.61 ? 8   LEU A CB  1 
ATOM   33   C CG  . LEU A 1 9   ? 12.721  -23.130 4.785   1.00 57.92 ? 8   LEU A CG  1 
ATOM   34   C CD1 . LEU A 1 9   ? 13.550  -22.496 3.663   1.00 58.17 ? 8   LEU A CD1 1 
ATOM   35   C CD2 . LEU A 1 9   ? 12.986  -24.646 4.874   1.00 57.76 ? 8   LEU A CD2 1 
ATOM   36   N N   . MET A 1 10  ? 14.432  -22.752 9.070   1.00 58.25 ? 9   MET A N   1 
ATOM   37   C CA  . MET A 1 10  ? 15.017  -22.088 10.223  1.00 58.59 ? 9   MET A CA  1 
ATOM   38   C C   . MET A 1 10  ? 15.500  -20.684 9.874   1.00 58.52 ? 9   MET A C   1 
ATOM   39   O O   . MET A 1 10  ? 15.224  -19.736 10.593  1.00 58.54 ? 9   MET A O   1 
ATOM   40   C CB  . MET A 1 10  ? 16.147  -22.921 10.824  1.00 58.81 ? 9   MET A CB  1 
ATOM   41   C CG  . MET A 1 10  ? 16.343  -22.674 12.320  1.00 59.88 ? 9   MET A CG  1 
ATOM   42   S SD  . MET A 1 10  ? 14.814  -22.899 13.284  1.00 61.60 ? 9   MET A SD  1 
ATOM   43   C CE  . MET A 1 10  ? 14.804  -21.425 14.336  1.00 61.50 ? 9   MET A CE  1 
ATOM   44   N N   . VAL A 1 11  ? 16.218  -20.559 8.768   1.00 58.44 ? 10  VAL A N   1 
ATOM   45   C CA  . VAL A 1 11  ? 16.647  -19.251 8.262   1.00 58.43 ? 10  VAL A CA  1 
ATOM   46   C C   . VAL A 1 11  ? 15.574  -18.177 8.327   1.00 57.92 ? 10  VAL A C   1 
ATOM   47   O O   . VAL A 1 11  ? 15.849  -17.017 8.630   1.00 57.87 ? 10  VAL A O   1 
ATOM   48   C CB  . VAL A 1 11  ? 17.047  -19.286 6.773   1.00 58.67 ? 10  VAL A CB  1 
ATOM   49   C CG1 . VAL A 1 11  ? 18.378  -18.595 6.589   1.00 58.99 ? 10  VAL A CG1 1 
ATOM   50   C CG2 . VAL A 1 11  ? 17.086  -20.700 6.215   1.00 59.55 ? 10  VAL A CG2 1 
ATOM   51   N N   . CYS A 1 12  ? 14.358  -18.556 7.975   1.00 57.38 ? 11  CYS A N   1 
ATOM   52   C CA  . CYS A 1 12  ? 13.257  -17.609 7.967   1.00 56.97 ? 11  CYS A CA  1 
ATOM   53   C C   . CYS A 1 12  ? 12.916  -17.157 9.371   1.00 56.81 ? 11  CYS A C   1 
ATOM   54   O O   . CYS A 1 12  ? 12.771  -15.971 9.617   1.00 56.68 ? 11  CYS A O   1 
ATOM   55   C CB  . CYS A 1 12  ? 12.029  -18.230 7.318   1.00 57.04 ? 11  CYS A CB  1 
ATOM   56   S SG  . CYS A 1 12  ? 12.126  -18.208 5.526   1.00 55.49 ? 11  CYS A SG  1 
ATOM   57   N N   . ASN A 1 13  ? 12.776  -18.112 10.285  1.00 56.60 ? 12  ASN A N   1 
ATOM   58   C CA  . ASN A 1 13  ? 12.561  -17.803 11.702  1.00 56.34 ? 12  ASN A CA  1 
ATOM   59   C C   . ASN A 1 13  ? 13.659  -16.880 12.265  1.00 55.97 ? 12  ASN A C   1 
ATOM   60   O O   . ASN A 1 13  ? 13.380  -15.982 13.051  1.00 55.53 ? 12  ASN A O   1 
ATOM   61   C CB  . ASN A 1 13  ? 12.483  -19.092 12.534  1.00 56.49 ? 12  ASN A CB  1 
ATOM   62   C CG  . ASN A 1 13  ? 11.367  -20.030 12.078  1.00 56.71 ? 12  ASN A CG  1 
ATOM   63   O OD1 . ASN A 1 13  ? 10.238  -19.607 11.843  1.00 57.36 ? 12  ASN A OD1 1 
ATOM   64   N ND2 . ASN A 1 13  ? 11.688  -21.312 11.958  1.00 56.97 ? 12  ASN A ND2 1 
ATOM   65   N N   . LEU A 1 14  ? 14.898  -17.101 11.835  1.00 55.74 ? 13  LEU A N   1 
ATOM   66   C CA  . LEU A 1 14  ? 16.032  -16.296 12.267  1.00 55.64 ? 13  LEU A CA  1 
ATOM   67   C C   . LEU A 1 14  ? 15.911  -14.870 11.747  1.00 55.67 ? 13  LEU A C   1 
ATOM   68   O O   . LEU A 1 14  ? 16.275  -13.923 12.431  1.00 55.46 ? 13  LEU A O   1 
ATOM   69   C CB  . LEU A 1 14  ? 17.353  -16.932 11.806  1.00 55.72 ? 13  LEU A CB  1 
ATOM   70   C CG  . LEU A 1 14  ? 17.765  -18.213 12.554  1.00 55.39 ? 13  LEU A CG  1 
ATOM   71   C CD1 . LEU A 1 14  ? 18.821  -19.002 11.785  1.00 55.02 ? 13  LEU A CD1 1 
ATOM   72   C CD2 . LEU A 1 14  ? 18.256  -17.882 13.964  1.00 55.03 ? 13  LEU A CD2 1 
ATOM   73   N N   . ALA A 1 15  ? 15.382  -14.717 10.542  1.00 55.95 ? 14  ALA A N   1 
ATOM   74   C CA  . ALA A 1 15  ? 15.141  -13.387 9.995   1.00 56.30 ? 14  ALA A CA  1 
ATOM   75   C C   . ALA A 1 15  ? 13.986  -12.675 10.721  1.00 56.60 ? 14  ALA A C   1 
ATOM   76   O O   . ALA A 1 15  ? 14.080  -11.486 11.011  1.00 56.96 ? 14  ALA A O   1 
ATOM   77   C CB  . ALA A 1 15  ? 14.883  -13.461 8.504   1.00 56.24 ? 14  ALA A CB  1 
ATOM   78   N N   . TYR A 1 16  ? 12.913  -13.395 11.042  1.00 56.77 ? 15  TYR A N   1 
ATOM   79   C CA  . TYR A 1 16  ? 11.799  -12.797 11.789  1.00 57.01 ? 15  TYR A CA  1 
ATOM   80   C C   . TYR A 1 16  ? 12.242  -12.413 13.214  1.00 56.86 ? 15  TYR A C   1 
ATOM   81   O O   . TYR A 1 16  ? 11.918  -11.318 13.679  1.00 56.99 ? 15  TYR A O   1 
ATOM   82   C CB  . TYR A 1 16  ? 10.571  -13.729 11.824  1.00 57.10 ? 15  TYR A CB  1 
ATOM   83   C CG  . TYR A 1 16  ? 9.293   -13.057 12.288  1.00 57.48 ? 15  TYR A CG  1 
ATOM   84   C CD1 . TYR A 1 16  ? 8.501   -12.353 11.392  1.00 58.42 ? 15  TYR A CD1 1 
ATOM   85   C CD2 . TYR A 1 16  ? 8.875   -13.131 13.625  1.00 59.03 ? 15  TYR A CD2 1 
ATOM   86   C CE1 . TYR A 1 16  ? 7.317   -11.735 11.800  1.00 59.53 ? 15  TYR A CE1 1 
ATOM   87   C CE2 . TYR A 1 16  ? 7.696   -12.508 14.057  1.00 59.74 ? 15  TYR A CE2 1 
ATOM   88   C CZ  . TYR A 1 16  ? 6.924   -11.815 13.132  1.00 60.11 ? 15  TYR A CZ  1 
ATOM   89   O OH  . TYR A 1 16  ? 5.771   -11.193 13.521  1.00 59.83 ? 15  TYR A OH  1 
ATOM   90   N N   . SER A 1 17  ? 12.988  -13.306 13.878  1.00 56.47 ? 16  SER A N   1 
ATOM   91   C CA  . SER A 1 17  ? 13.506  -13.089 15.240  1.00 56.25 ? 16  SER A CA  1 
ATOM   92   C C   . SER A 1 17  ? 14.442  -11.899 15.338  1.00 56.07 ? 16  SER A C   1 
ATOM   93   O O   . SER A 1 17  ? 14.575  -11.300 16.396  1.00 55.59 ? 16  SER A O   1 
ATOM   94   C CB  . SER A 1 17  ? 14.318  -14.297 15.704  1.00 56.28 ? 16  SER A CB  1 
ATOM   95   O OG  . SER A 1 17  ? 13.536  -15.458 15.876  1.00 56.71 ? 16  SER A OG  1 
ATOM   96   N N   . GLY A 1 18  ? 15.120  -11.587 14.236  1.00 56.28 ? 17  GLY A N   1 
ATOM   97   C CA  . GLY A 1 18  ? 16.102  -10.517 14.212  1.00 56.37 ? 17  GLY A CA  1 
ATOM   98   C C   . GLY A 1 18  ? 17.500  -10.982 14.569  1.00 56.31 ? 17  GLY A C   1 
ATOM   99   O O   . GLY A 1 18  ? 18.381  -10.154 14.777  1.00 55.96 ? 17  GLY A O   1 
ATOM   100  N N   . LYS A 1 19  ? 17.695  -12.306 14.605  1.00 56.43 ? 18  LYS A N   1 
ATOM   101  C CA  . LYS A 1 19  ? 18.970  -12.939 14.963  1.00 56.32 ? 18  LYS A CA  1 
ATOM   102  C C   . LYS A 1 19  ? 19.958  -12.896 13.795  1.00 56.25 ? 18  LYS A C   1 
ATOM   103  O O   . LYS A 1 19  ? 20.258  -13.916 13.175  1.00 56.15 ? 18  LYS A O   1 
ATOM   104  C CB  . LYS A 1 19  ? 18.751  -14.393 15.435  1.00 56.34 ? 18  LYS A CB  1 
ATOM   105  C CG  . LYS A 1 19  ? 17.570  -14.591 16.392  1.00 56.41 ? 18  LYS A CG  1 
ATOM   106  C CD  . LYS A 1 19  ? 17.807  -15.659 17.468  1.00 56.37 ? 18  LYS A CD  1 
ATOM   107  C CE  . LYS A 1 19  ? 16.542  -16.481 17.739  1.00 56.22 ? 18  LYS A CE  1 
ATOM   108  N NZ  . LYS A 1 19  ? 16.395  -16.797 19.176  1.00 55.51 ? 18  LYS A NZ  1 
ATOM   109  N N   . LEU A 1 20  ? 20.482  -11.702 13.536  1.00 56.36 ? 19  LEU A N   1 
ATOM   110  C CA  . LEU A 1 20  ? 21.372  -11.435 12.404  1.00 56.55 ? 19  LEU A CA  1 
ATOM   111  C C   . LEU A 1 20  ? 22.648  -12.276 12.419  1.00 56.83 ? 19  LEU A C   1 
ATOM   112  O O   . LEU A 1 20  ? 23.187  -12.602 11.368  1.00 56.87 ? 19  LEU A O   1 
ATOM   113  C CB  . LEU A 1 20  ? 21.750  -9.942  12.383  1.00 56.50 ? 19  LEU A CB  1 
ATOM   114  C CG  . LEU A 1 20  ? 23.011  -9.477  11.643  1.00 56.52 ? 19  LEU A CG  1 
ATOM   115  C CD1 . LEU A 1 20  ? 22.876  -9.663  10.138  1.00 56.37 ? 19  LEU A CD1 1 
ATOM   116  C CD2 . LEU A 1 20  ? 23.312  -8.016  11.983  1.00 56.68 ? 19  LEU A CD2 1 
ATOM   117  N N   . GLU A 1 21  ? 23.146  -12.611 13.601  1.00 57.20 ? 20  GLU A N   1 
ATOM   118  C CA  . GLU A 1 21  ? 24.450  -13.254 13.681  1.00 57.40 ? 20  GLU A CA  1 
ATOM   119  C C   . GLU A 1 21  ? 24.381  -14.750 13.392  1.00 57.05 ? 20  GLU A C   1 
ATOM   120  O O   . GLU A 1 21  ? 25.260  -15.266 12.707  1.00 57.22 ? 20  GLU A O   1 
ATOM   121  C CB  . GLU A 1 21  ? 25.150  -12.948 15.011  1.00 57.68 ? 20  GLU A CB  1 
ATOM   122  C CG  . GLU A 1 21  ? 25.532  -11.471 15.185  1.00 59.01 ? 20  GLU A CG  1 
ATOM   123  C CD  . GLU A 1 21  ? 26.358  -10.892 14.026  1.00 60.75 ? 20  GLU A CD  1 
ATOM   124  O OE1 . GLU A 1 21  ? 27.350  -11.542 13.599  1.00 60.99 ? 20  GLU A OE1 1 
ATOM   125  O OE2 . GLU A 1 21  ? 26.012  -9.778  13.534  1.00 61.31 ? 20  GLU A OE2 1 
ATOM   126  N N   . GLU A 1 22  ? 23.346  -15.445 13.869  1.00 56.61 ? 21  GLU A N   1 
ATOM   127  C CA  . GLU A 1 22  ? 23.181  -16.854 13.477  1.00 56.28 ? 21  GLU A CA  1 
ATOM   128  C C   . GLU A 1 22  ? 22.621  -16.962 12.055  1.00 56.00 ? 21  GLU A C   1 
ATOM   129  O O   . GLU A 1 22  ? 22.759  -18.004 11.420  1.00 56.07 ? 21  GLU A O   1 
ATOM   130  C CB  . GLU A 1 22  ? 22.334  -17.701 14.451  1.00 56.25 ? 21  GLU A CB  1 
ATOM   131  C CG  . GLU A 1 22  ? 21.684  -16.996 15.639  1.00 56.34 ? 21  GLU A CG  1 
ATOM   132  C CD  . GLU A 1 22  ? 21.018  -17.977 16.607  1.00 55.97 ? 21  GLU A CD  1 
ATOM   133  O OE1 . GLU A 1 22  ? 20.796  -19.152 16.227  1.00 55.19 ? 21  GLU A OE1 1 
ATOM   134  O OE2 . GLU A 1 22  ? 20.714  -17.576 17.752  1.00 55.01 ? 21  GLU A OE2 1 
ATOM   135  N N   . LEU A 1 23  ? 22.007  -15.893 11.550  1.00 55.60 ? 22  LEU A N   1 
ATOM   136  C CA  . LEU A 1 23  ? 21.552  -15.870 10.161  1.00 55.36 ? 22  LEU A CA  1 
ATOM   137  C C   . LEU A 1 23  ? 22.760  -15.875 9.211   1.00 55.03 ? 22  LEU A C   1 
ATOM   138  O O   . LEU A 1 23  ? 22.778  -16.618 8.236   1.00 55.14 ? 22  LEU A O   1 
ATOM   139  C CB  . LEU A 1 23  ? 20.656  -14.663 9.891   1.00 55.19 ? 22  LEU A CB  1 
ATOM   140  C CG  . LEU A 1 23  ? 20.234  -14.488 8.430   1.00 56.23 ? 22  LEU A CG  1 
ATOM   141  C CD1 . LEU A 1 23  ? 19.452  -15.682 7.956   1.00 57.04 ? 22  LEU A CD1 1 
ATOM   142  C CD2 . LEU A 1 23  ? 19.399  -13.246 8.232   1.00 57.28 ? 22  LEU A CD2 1 
ATOM   143  N N   . LYS A 1 24  ? 23.765  -15.051 9.508   1.00 54.58 ? 23  LYS A N   1 
ATOM   144  C CA  . LYS A 1 24  ? 25.024  -15.032 8.755   1.00 54.16 ? 23  LYS A CA  1 
ATOM   145  C C   . LYS A 1 24  ? 25.752  -16.374 8.866   1.00 53.75 ? 23  LYS A C   1 
ATOM   146  O O   . LYS A 1 24  ? 26.374  -16.836 7.907   1.00 53.59 ? 23  LYS A O   1 
ATOM   147  C CB  . LYS A 1 24  ? 25.947  -13.908 9.266   1.00 54.14 ? 23  LYS A CB  1 
ATOM   148  C CG  . LYS A 1 24  ? 25.494  -12.475 8.902   1.00 54.07 ? 23  LYS A CG  1 
ATOM   149  C CD  . LYS A 1 24  ? 26.662  -11.469 8.858   1.00 53.57 ? 23  LYS A CD  1 
ATOM   150  C CE  . LYS A 1 24  ? 26.707  -10.560 10.080  1.00 53.19 ? 23  LYS A CE  1 
ATOM   151  N NZ  . LYS A 1 24  ? 27.326  -9.258  9.752   1.00 52.45 ? 23  LYS A NZ  1 
ATOM   152  N N   . GLU A 1 25  ? 25.649  -16.988 10.043  1.00 53.30 ? 24  GLU A N   1 
ATOM   153  C CA  . GLU A 1 25  ? 26.324  -18.245 10.359  1.00 53.09 ? 24  GLU A CA  1 
ATOM   154  C C   . GLU A 1 25  ? 25.717  -19.413 9.574   1.00 52.92 ? 24  GLU A C   1 
ATOM   155  O O   . GLU A 1 25  ? 26.431  -20.301 9.113   1.00 52.97 ? 24  GLU A O   1 
ATOM   156  C CB  . GLU A 1 25  ? 26.247  -18.514 11.873  1.00 53.02 ? 24  GLU A CB  1 
ATOM   157  C CG  . GLU A 1 25  ? 27.410  -19.302 12.461  1.00 52.81 ? 24  GLU A CG  1 
ATOM   158  C CD  . GLU A 1 25  ? 27.620  -19.030 13.946  1.00 52.89 ? 24  GLU A CD  1 
ATOM   159  O OE1 . GLU A 1 25  ? 26.827  -18.265 14.540  1.00 52.47 ? 24  GLU A OE1 1 
ATOM   160  O OE2 . GLU A 1 25  ? 28.583  -19.582 14.529  1.00 52.19 ? 24  GLU A OE2 1 
ATOM   161  N N   . SER A 1 26  ? 24.400  -19.401 9.415   1.00 52.67 ? 25  SER A N   1 
ATOM   162  C CA  . SER A 1 26  ? 23.724  -20.413 8.615   1.00 52.59 ? 25  SER A CA  1 
ATOM   163  C C   . SER A 1 26  ? 24.114  -20.307 7.140   1.00 52.35 ? 25  SER A C   1 
ATOM   164  O O   . SER A 1 26  ? 24.210  -21.322 6.448   1.00 52.47 ? 25  SER A O   1 
ATOM   165  C CB  . SER A 1 26  ? 22.207  -20.260 8.731   1.00 52.58 ? 25  SER A CB  1 
ATOM   166  O OG  . SER A 1 26  ? 21.769  -20.500 10.049  1.00 52.68 ? 25  SER A OG  1 
ATOM   167  N N   . ILE A 1 27  ? 24.348  -19.079 6.679   1.00 51.88 ? 26  ILE A N   1 
ATOM   168  C CA  . ILE A 1 27  ? 24.476  -18.783 5.255   1.00 51.60 ? 26  ILE A CA  1 
ATOM   169  C C   . ILE A 1 27  ? 25.921  -18.879 4.731   1.00 51.52 ? 26  ILE A C   1 
ATOM   170  O O   . ILE A 1 27  ? 26.141  -19.105 3.538   1.00 51.29 ? 26  ILE A O   1 
ATOM   171  C CB  . ILE A 1 27  ? 23.798  -17.413 4.961   1.00 51.54 ? 26  ILE A CB  1 
ATOM   172  C CG1 . ILE A 1 27  ? 22.279  -17.597 4.987   1.00 51.37 ? 26  ILE A CG1 1 
ATOM   173  C CG2 . ILE A 1 27  ? 24.221  -16.831 3.618   1.00 51.18 ? 26  ILE A CG2 1 
ATOM   174  C CD1 . ILE A 1 27  ? 21.487  -16.303 5.083   1.00 51.61 ? 26  ILE A CD1 1 
ATOM   175  N N   . LEU A 1 28  ? 26.905  -18.741 5.612   1.00 51.48 ? 27  LEU A N   1 
ATOM   176  C CA  . LEU A 1 28  ? 28.276  -19.120 5.252   1.00 51.49 ? 27  LEU A CA  1 
ATOM   177  C C   . LEU A 1 28  ? 28.378  -20.640 5.094   1.00 51.28 ? 27  LEU A C   1 
ATOM   178  O O   . LEU A 1 28  ? 29.076  -21.123 4.209   1.00 51.42 ? 27  LEU A O   1 
ATOM   179  C CB  . LEU A 1 28  ? 29.299  -18.638 6.291   1.00 51.61 ? 27  LEU A CB  1 
ATOM   180  C CG  . LEU A 1 28  ? 29.998  -17.315 5.968   1.00 51.59 ? 27  LEU A CG  1 
ATOM   181  C CD1 . LEU A 1 28  ? 30.648  -16.766 7.230   1.00 51.49 ? 27  LEU A CD1 1 
ATOM   182  C CD2 . LEU A 1 28  ? 31.020  -17.483 4.839   1.00 51.34 ? 27  LEU A CD2 1 
ATOM   183  N N   . ALA A 1 29  ? 27.685  -21.384 5.958   1.00 51.06 ? 28  ALA A N   1 
ATOM   184  C CA  . ALA A 1 29  ? 27.648  -22.848 5.888   1.00 50.88 ? 28  ALA A CA  1 
ATOM   185  C C   . ALA A 1 29  ? 26.948  -23.333 4.619   1.00 50.72 ? 28  ALA A C   1 
ATOM   186  O O   . ALA A 1 29  ? 27.384  -24.305 3.994   1.00 50.71 ? 28  ALA A O   1 
ATOM   187  C CB  . ALA A 1 29  ? 26.956  -23.419 7.118   1.00 50.83 ? 28  ALA A CB  1 
ATOM   188  N N   . ASP A 1 30  ? 25.871  -22.643 4.246   1.00 50.56 ? 29  ASP A N   1 
ATOM   189  C CA  . ASP A 1 30  ? 25.079  -22.981 3.060   1.00 50.46 ? 29  ASP A CA  1 
ATOM   190  C C   . ASP A 1 30  ? 24.554  -21.707 2.348   1.00 50.26 ? 29  ASP A C   1 
ATOM   191  O O   . ASP A 1 30  ? 23.501  -21.176 2.703   1.00 50.36 ? 29  ASP A O   1 
ATOM   192  C CB  . ASP A 1 30  ? 23.925  -23.920 3.464   1.00 50.43 ? 29  ASP A CB  1 
ATOM   193  C CG  . ASP A 1 30  ? 23.382  -24.747 2.296   1.00 50.22 ? 29  ASP A CG  1 
ATOM   194  O OD1 . ASP A 1 30  ? 23.930  -24.679 1.177   1.00 50.26 ? 29  ASP A OD1 1 
ATOM   195  O OD2 . ASP A 1 30  ? 22.395  -25.502 2.406   1.00 49.87 ? 29  ASP A OD2 1 
ATOM   196  N N   . LYS A 1 31  ? 25.305  -21.225 1.351   1.00 49.91 ? 30  LYS A N   1 
ATOM   197  C CA  . LYS A 1 31  ? 24.945  -20.024 0.586   1.00 49.54 ? 30  LYS A CA  1 
ATOM   198  C C   . LYS A 1 31  ? 23.503  -20.083 0.110   1.00 49.40 ? 30  LYS A C   1 
ATOM   199  O O   . LYS A 1 31  ? 22.792  -19.084 0.164   1.00 49.58 ? 30  LYS A O   1 
ATOM   200  C CB  . LYS A 1 31  ? 25.883  -19.842 -0.604  1.00 49.43 ? 30  LYS A CB  1 
ATOM   201  N N   . SER A 1 32  ? 23.079  -21.265 -0.334  1.00 49.22 ? 31  SER A N   1 
ATOM   202  C CA  . SER A 1 32  ? 21.723  -21.509 -0.849  1.00 49.05 ? 31  SER A CA  1 
ATOM   203  C C   . SER A 1 32  ? 20.580  -21.057 0.076   1.00 48.81 ? 31  SER A C   1 
ATOM   204  O O   . SER A 1 32  ? 19.507  -20.707 -0.405  1.00 48.71 ? 31  SER A O   1 
ATOM   205  C CB  . SER A 1 32  ? 21.549  -23.002 -1.132  1.00 49.00 ? 31  SER A CB  1 
ATOM   206  O OG  . SER A 1 32  ? 21.563  -23.725 0.086   1.00 48.95 ? 31  SER A OG  1 
ATOM   207  N N   . LEU A 1 33  ? 20.809  -21.088 1.392   1.00 48.47 ? 32  LEU A N   1 
ATOM   208  C CA  . LEU A 1 33  ? 19.769  -20.777 2.385   1.00 48.19 ? 32  LEU A CA  1 
ATOM   209  C C   . LEU A 1 33  ? 19.226  -19.341 2.302   1.00 47.55 ? 32  LEU A C   1 
ATOM   210  O O   . LEU A 1 33  ? 18.083  -19.091 2.677   1.00 47.61 ? 32  LEU A O   1 
ATOM   211  C CB  . LEU A 1 33  ? 20.263  -21.063 3.824   1.00 48.40 ? 32  LEU A CB  1 
ATOM   212  C CG  . LEU A 1 33  ? 20.217  -22.500 4.397   1.00 49.11 ? 32  LEU A CG  1 
ATOM   213  C CD1 . LEU A 1 33  ? 20.889  -22.568 5.772   1.00 49.33 ? 32  LEU A CD1 1 
ATOM   214  C CD2 . LEU A 1 33  ? 18.793  -23.057 4.513   1.00 49.61 ? 32  LEU A CD2 1 
ATOM   215  N N   . ALA A 1 34  ? 20.033  -18.401 1.819   1.00 46.76 ? 33  ALA A N   1 
ATOM   216  C CA  . ALA A 1 34  ? 19.586  -17.010 1.706   1.00 46.03 ? 33  ALA A CA  1 
ATOM   217  C C   . ALA A 1 34  ? 18.465  -16.823 0.685   1.00 45.22 ? 33  ALA A C   1 
ATOM   218  O O   . ALA A 1 34  ? 17.803  -15.800 0.699   1.00 44.86 ? 33  ALA A O   1 
ATOM   219  C CB  . ALA A 1 34  ? 20.753  -16.103 1.357   1.00 46.07 ? 33  ALA A CB  1 
ATOM   220  N N   . THR A 1 35  ? 18.276  -17.792 -0.209  1.00 44.61 ? 34  THR A N   1 
ATOM   221  C CA  . THR A 1 35  ? 17.192  -17.732 -1.197  1.00 44.25 ? 34  THR A CA  1 
ATOM   222  C C   . THR A 1 35  ? 16.233  -18.910 -1.121  1.00 43.96 ? 34  THR A C   1 
ATOM   223  O O   . THR A 1 35  ? 15.300  -18.979 -1.922  1.00 43.92 ? 34  THR A O   1 
ATOM   224  C CB  . THR A 1 35  ? 17.741  -17.632 -2.646  1.00 44.15 ? 34  THR A CB  1 
ATOM   225  O OG1 . THR A 1 35  ? 18.478  -18.816 -2.989  1.00 43.56 ? 34  THR A OG1 1 
ATOM   226  C CG2 . THR A 1 35  ? 18.741  -16.501 -2.771  1.00 44.48 ? 34  THR A CG2 1 
ATOM   227  N N   . ARG A 1 36  ? 16.422  -19.817 -0.162  1.00 43.60 ? 35  ARG A N   1 
ATOM   228  C CA  . ARG A 1 36  ? 15.513  -20.953 -0.062  1.00 43.46 ? 35  ARG A CA  1 
ATOM   229  C C   . ARG A 1 36  ? 14.142  -20.516 0.443   1.00 42.75 ? 35  ARG A C   1 
ATOM   230  O O   . ARG A 1 36  ? 14.042  -19.771 1.408   1.00 42.52 ? 35  ARG A O   1 
ATOM   231  C CB  . ARG A 1 36  ? 16.071  -22.095 0.791   1.00 43.68 ? 35  ARG A CB  1 
ATOM   232  C CG  . ARG A 1 36  ? 15.789  -23.434 0.128   1.00 44.94 ? 35  ARG A CG  1 
ATOM   233  C CD  . ARG A 1 36  ? 16.207  -24.656 0.911   1.00 46.69 ? 35  ARG A CD  1 
ATOM   234  N NE  . ARG A 1 36  ? 17.361  -25.287 0.268   1.00 47.90 ? 35  ARG A NE  1 
ATOM   235  C CZ  . ARG A 1 36  ? 18.591  -25.345 0.780   1.00 49.63 ? 35  ARG A CZ  1 
ATOM   236  N NH1 . ARG A 1 36  ? 18.861  -24.830 1.971   1.00 50.49 ? 35  ARG A NH1 1 
ATOM   237  N NH2 . ARG A 1 36  ? 19.565  -25.937 0.099   1.00 50.85 ? 35  ARG A NH2 1 
ATOM   238  N N   . THR A 1 37  ? 13.111  -21.009 -0.242  1.00 41.93 ? 36  THR A N   1 
ATOM   239  C CA  . THR A 1 37  ? 11.723  -20.643 -0.014  1.00 41.34 ? 36  THR A CA  1 
ATOM   240  C C   . THR A 1 37  ? 11.089  -21.607 0.977   1.00 40.96 ? 36  THR A C   1 
ATOM   241  O O   . THR A 1 37  ? 11.362  -22.808 0.920   1.00 40.89 ? 36  THR A O   1 
ATOM   242  C CB  . THR A 1 37  ? 10.932  -20.713 -1.351  1.00 41.38 ? 36  THR A CB  1 
ATOM   243  O OG1 . THR A 1 37  ? 11.026  -22.029 -1.920  1.00 41.31 ? 36  THR A OG1 1 
ATOM   244  C CG2 . THR A 1 37  ? 11.547  -19.807 -2.427  1.00 41.44 ? 36  THR A CG2 1 
ATOM   245  N N   . ASP A 1 38  ? 10.231  -21.087 1.858   1.00 40.40 ? 37  ASP A N   1 
ATOM   246  C CA  . ASP A 1 38  ? 9.495   -21.906 2.836   1.00 40.16 ? 37  ASP A CA  1 
ATOM   247  C C   . ASP A 1 38  ? 8.131   -22.332 2.289   1.00 39.57 ? 37  ASP A C   1 
ATOM   248  O O   . ASP A 1 38  ? 7.963   -22.389 1.078   1.00 39.58 ? 37  ASP A O   1 
ATOM   249  C CB  . ASP A 1 38  ? 9.403   -21.213 4.213   1.00 40.45 ? 37  ASP A CB  1 
ATOM   250  C CG  . ASP A 1 38  ? 8.547   -19.942 4.217   1.00 41.16 ? 37  ASP A CG  1 
ATOM   251  O OD1 . ASP A 1 38  ? 7.851   -19.619 3.219   1.00 41.61 ? 37  ASP A OD1 1 
ATOM   252  O OD2 . ASP A 1 38  ? 8.523   -19.207 5.232   1.00 41.35 ? 37  ASP A OD2 1 
ATOM   253  N N   . GLN A 1 39  ? 7.171   -22.651 3.154   1.00 38.93 ? 38  GLN A N   1 
ATOM   254  C CA  . GLN A 1 39  ? 5.920   -23.259 2.681   1.00 38.84 ? 38  GLN A CA  1 
ATOM   255  C C   . GLN A 1 39  ? 4.987   -22.216 2.082   1.00 37.97 ? 38  GLN A C   1 
ATOM   256  O O   . GLN A 1 39  ? 4.155   -22.523 1.206   1.00 37.66 ? 38  GLN A O   1 
ATOM   257  C CB  . GLN A 1 39  ? 5.218   -24.035 3.799   1.00 39.19 ? 38  GLN A CB  1 
ATOM   258  C CG  . GLN A 1 39  ? 4.702   -23.177 4.972   1.00 40.52 ? 38  GLN A CG  1 
ATOM   259  C CD  . GLN A 1 39  ? 4.908   -23.849 6.336   1.00 41.89 ? 38  GLN A CD  1 
ATOM   260  O OE1 . GLN A 1 39  ? 5.014   -23.162 7.355   1.00 42.25 ? 38  GLN A OE1 1 
ATOM   261  N NE2 . GLN A 1 39  ? 4.984   -25.186 6.351   1.00 41.77 ? 38  GLN A NE2 1 
ATOM   262  N N   . ASP A 1 40  ? 5.152   -20.984 2.572   1.00 37.02 ? 39  ASP A N   1 
ATOM   263  C CA  . ASP A 1 40  ? 4.463   -19.807 2.051   1.00 36.10 ? 39  ASP A CA  1 
ATOM   264  C C   . ASP A 1 40  ? 5.217   -19.164 0.859   1.00 34.50 ? 39  ASP A C   1 
ATOM   265  O O   . ASP A 1 40  ? 4.892   -18.047 0.453   1.00 34.01 ? 39  ASP A O   1 
ATOM   266  C CB  . ASP A 1 40  ? 4.289   -18.771 3.181   1.00 36.55 ? 39  ASP A CB  1 
ATOM   267  C CG  . ASP A 1 40  ? 3.397   -19.266 4.329   1.00 37.96 ? 39  ASP A CG  1 
ATOM   268  O OD1 . ASP A 1 40  ? 2.450   -20.040 4.070   1.00 38.93 ? 39  ASP A OD1 1 
ATOM   269  O OD2 . ASP A 1 40  ? 3.565   -18.909 5.522   1.00 39.31 ? 39  ASP A OD2 1 
ATOM   270  N N   . SER A 1 41  ? 6.208   -19.863 0.301   1.00 32.39 ? 40  SER A N   1 
ATOM   271  C CA  . SER A 1 41  ? 7.026   -19.342 -0.802  1.00 30.88 ? 40  SER A CA  1 
ATOM   272  C C   . SER A 1 41  ? 7.753   -18.053 -0.432  1.00 29.47 ? 40  SER A C   1 
ATOM   273  O O   . SER A 1 41  ? 7.932   -17.175 -1.273  1.00 29.13 ? 40  SER A O   1 
ATOM   274  C CB  . SER A 1 41  ? 6.177   -19.116 -2.063  1.00 30.88 ? 40  SER A CB  1 
ATOM   275  O OG  . SER A 1 41  ? 6.076   -20.299 -2.812  1.00 30.81 ? 40  SER A OG  1 
ATOM   276  N N   . ARG A 1 42  ? 8.168   -17.956 0.830   1.00 27.96 ? 41  ARG A N   1 
ATOM   277  C CA  . ARG A 1 42  ? 8.877   -16.786 1.353   1.00 26.66 ? 41  ARG A CA  1 
ATOM   278  C C   . ARG A 1 42  ? 10.330  -17.118 1.614   1.00 26.27 ? 41  ARG A C   1 
ATOM   279  O O   . ARG A 1 42  ? 10.647  -18.237 1.982   1.00 26.32 ? 41  ARG A O   1 
ATOM   280  C CB  . ARG A 1 42  ? 8.255   -16.350 2.665   1.00 26.15 ? 41  ARG A CB  1 
ATOM   281  C CG  . ARG A 1 42  ? 7.269   -15.253 2.510   1.00 25.35 ? 41  ARG A CG  1 
ATOM   282  C CD  . ARG A 1 42  ? 6.424   -15.016 3.733   1.00 23.84 ? 41  ARG A CD  1 
ATOM   283  N NE  . ARG A 1 42  ? 5.419   -13.972 3.526   1.00 22.45 ? 41  ARG A NE  1 
ATOM   284  C CZ  . ARG A 1 42  ? 4.952   -13.183 4.489   1.00 21.19 ? 41  ARG A CZ  1 
ATOM   285  N NH1 . ARG A 1 42  ? 5.385   -13.299 5.734   1.00 21.97 ? 41  ARG A NH1 1 
ATOM   286  N NH2 . ARG A 1 42  ? 4.044   -12.265 4.209   1.00 20.52 ? 41  ARG A NH2 1 
ATOM   287  N N   . THR A 1 43  ? 11.220  -16.152 1.434   1.00 25.76 ? 42  THR A N   1 
ATOM   288  C CA  . THR A 1 43  ? 12.602  -16.315 1.875   1.00 25.53 ? 42  THR A CA  1 
ATOM   289  C C   . THR A 1 43  ? 12.822  -15.491 3.114   1.00 25.13 ? 42  THR A C   1 
ATOM   290  O O   . THR A 1 43  ? 11.922  -14.778 3.580   1.00 25.06 ? 42  THR A O   1 
ATOM   291  C CB  . THR A 1 43  ? 13.609  -15.858 0.803   1.00 25.59 ? 42  THR A CB  1 
ATOM   292  O OG1 . THR A 1 43  ? 13.429  -14.463 0.540   1.00 25.82 ? 42  THR A OG1 1 
ATOM   293  C CG2 . THR A 1 43  ? 13.366  -16.554 -0.526  1.00 25.51 ? 42  THR A CG2 1 
ATOM   294  N N   . ALA A 1 44  ? 14.036  -15.589 3.633   1.00 24.49 ? 43  ALA A N   1 
ATOM   295  C CA  . ALA A 1 44  ? 14.458  -14.777 4.749   1.00 24.22 ? 43  ALA A CA  1 
ATOM   296  C C   . ALA A 1 44  ? 14.160  -13.310 4.511   1.00 23.90 ? 43  ALA A C   1 
ATOM   297  O O   . ALA A 1 44  ? 13.836  -12.595 5.450   1.00 24.33 ? 43  ALA A O   1 
ATOM   298  C CB  . ALA A 1 44  ? 15.932  -14.956 4.989   1.00 24.53 ? 43  ALA A CB  1 
ATOM   299  N N   . LEU A 1 45  ? 14.278  -12.852 3.271   1.00 23.19 ? 44  LEU A N   1 
ATOM   300  C CA  . LEU A 1 45  ? 14.091  -11.441 2.989   1.00 22.94 ? 44  LEU A CA  1 
ATOM   301  C C   . LEU A 1 45  ? 12.683  -10.978 3.333   1.00 23.00 ? 44  LEU A C   1 
ATOM   302  O O   . LEU A 1 45  ? 12.507  -9.932  3.957   1.00 22.88 ? 44  LEU A O   1 
ATOM   303  C CB  . LEU A 1 45  ? 14.388  -11.138 1.534   1.00 22.85 ? 44  LEU A CB  1 
ATOM   304  C CG  . LEU A 1 45  ? 14.010  -9.733  1.063   1.00 23.61 ? 44  LEU A CG  1 
ATOM   305  C CD1 . LEU A 1 45  ? 14.727  -8.660  1.844   1.00 23.86 ? 44  LEU A CD1 1 
ATOM   306  C CD2 . LEU A 1 45  ? 14.324  -9.586  -0.405  1.00 24.83 ? 44  LEU A CD2 1 
ATOM   307  N N   . HIS A 1 46  ? 11.685  -11.752 2.915   1.00 22.94 ? 45  HIS A N   1 
ATOM   308  C CA  . HIS A 1 46  ? 10.290  -11.423 3.202   1.00 22.82 ? 45  HIS A CA  1 
ATOM   309  C C   . HIS A 1 46  ? 10.064  -11.250 4.685   1.00 22.46 ? 45  HIS A C   1 
ATOM   310  O O   . HIS A 1 46  ? 9.401   -10.302 5.126   1.00 22.28 ? 45  HIS A O   1 
ATOM   311  C CB  . HIS A 1 46  ? 9.356   -12.525 2.723   1.00 22.80 ? 45  HIS A CB  1 
ATOM   312  C CG  . HIS A 1 46  ? 9.259   -12.631 1.237   1.00 24.04 ? 45  HIS A CG  1 
ATOM   313  N ND1 . HIS A 1 46  ? 9.854   -13.650 0.529   1.00 24.36 ? 45  HIS A ND1 1 
ATOM   314  C CD2 . HIS A 1 46  ? 8.631   -11.853 0.322   1.00 25.21 ? 45  HIS A CD2 1 
ATOM   315  C CE1 . HIS A 1 46  ? 9.595   -13.500 -0.757  1.00 24.96 ? 45  HIS A CE1 1 
ATOM   316  N NE2 . HIS A 1 46  ? 8.847   -12.421 -0.909  1.00 25.28 ? 45  HIS A NE2 1 
ATOM   317  N N   . TRP A 1 47  ? 10.600  -12.191 5.451   1.00 21.87 ? 46  TRP A N   1 
ATOM   318  C CA  . TRP A 1 47  ? 10.301  -12.249 6.865   1.00 21.44 ? 46  TRP A CA  1 
ATOM   319  C C   . TRP A 1 47  ? 11.018  -11.155 7.620   1.00 21.47 ? 46  TRP A C   1 
ATOM   320  O O   . TRP A 1 47  ? 10.492  -10.636 8.582   1.00 21.38 ? 46  TRP A O   1 
ATOM   321  C CB  . TRP A 1 47  ? 10.646  -13.612 7.429   1.00 21.13 ? 46  TRP A CB  1 
ATOM   322  C CG  . TRP A 1 47  ? 9.642   -14.658 7.059   1.00 20.77 ? 46  TRP A CG  1 
ATOM   323  C CD1 . TRP A 1 47  ? 9.839   -15.714 6.225   1.00 19.89 ? 46  TRP A CD1 1 
ATOM   324  C CD2 . TRP A 1 47  ? 8.281   -14.756 7.511   1.00 20.30 ? 46  TRP A CD2 1 
ATOM   325  N NE1 . TRP A 1 47  ? 8.697   -16.470 6.136   1.00 18.84 ? 46  TRP A NE1 1 
ATOM   326  C CE2 . TRP A 1 47  ? 7.722   -15.904 6.915   1.00 19.62 ? 46  TRP A CE2 1 
ATOM   327  C CE3 . TRP A 1 47  ? 7.480   -14.002 8.383   1.00 20.63 ? 46  TRP A CE3 1 
ATOM   328  C CZ2 . TRP A 1 47  ? 6.400   -16.309 7.148   1.00 20.25 ? 46  TRP A CZ2 1 
ATOM   329  C CZ3 . TRP A 1 47  ? 6.170   -14.399 8.611   1.00 20.39 ? 46  TRP A CZ3 1 
ATOM   330  C CH2 . TRP A 1 47  ? 5.641   -15.542 7.994   1.00 20.07 ? 46  TRP A CH2 1 
ATOM   331  N N   . ALA A 1 48  ? 12.210  -10.786 7.170   1.00 21.69 ? 47  ALA A N   1 
ATOM   332  C CA  . ALA A 1 48  ? 12.935  -9.673  7.768   1.00 21.75 ? 47  ALA A CA  1 
ATOM   333  C C   . ALA A 1 48  ? 12.222  -8.352  7.466   1.00 21.99 ? 47  ALA A C   1 
ATOM   334  O O   . ALA A 1 48  ? 12.189  -7.451  8.310   1.00 21.72 ? 47  ALA A O   1 
ATOM   335  C CB  . ALA A 1 48  ? 14.365  -9.639  7.273   1.00 21.75 ? 47  ALA A CB  1 
ATOM   336  N N   . CYS A 1 49  ? 11.635  -8.246  6.272   1.00 22.31 ? 48  CYS A N   1 
ATOM   337  C CA  . CYS A 1 49  ? 10.816  -7.086  5.935   1.00 22.39 ? 48  CYS A CA  1 
ATOM   338  C C   . CYS A 1 49  ? 9.641   -7.031  6.887   1.00 22.27 ? 48  CYS A C   1 
ATOM   339  O O   . CYS A 1 49  ? 9.351   -5.981  7.453   1.00 22.79 ? 48  CYS A O   1 
ATOM   340  C CB  . CYS A 1 49  ? 10.343  -7.131  4.489   1.00 22.17 ? 48  CYS A CB  1 
ATOM   341  S SG  . CYS A 1 49  ? 11.696  -6.899  3.297   1.00 23.95 ? 48  CYS A SG  1 
ATOM   342  N N   . SER A 1 50  ? 9.014   -8.180  7.119   1.00 22.09 ? 49  SER A N   1 
ATOM   343  C CA  . SER A 1 50  ? 7.761   -8.244  7.874   1.00 21.53 ? 49  SER A CA  1 
ATOM   344  C C   . SER A 1 50  ? 7.956   -7.765  9.296   1.00 21.43 ? 49  SER A C   1 
ATOM   345  O O   . SER A 1 50  ? 7.111   -7.055  9.824   1.00 21.26 ? 49  SER A O   1 
ATOM   346  C CB  . SER A 1 50  ? 7.222   -9.670  7.880   1.00 21.50 ? 49  SER A CB  1 
ATOM   347  O OG  . SER A 1 50  ? 6.012   -9.760  8.587   1.00 20.50 ? 49  SER A OG  1 
ATOM   348  N N   . ALA A 1 51  ? 9.095   -8.145  9.882   1.00 21.26 ? 50  ALA A N   1 
ATOM   349  C CA  . ALA A 1 51  ? 9.459   -7.844  11.272  1.00 20.87 ? 50  ALA A CA  1 
ATOM   350  C C   . ALA A 1 51  ? 10.167  -6.497  11.410  1.00 20.80 ? 50  ALA A C   1 
ATOM   351  O O   . ALA A 1 51  ? 10.363  -6.003  12.518  1.00 20.57 ? 50  ALA A O   1 
ATOM   352  C CB  . ALA A 1 51  ? 10.358  -8.945  11.811  1.00 20.59 ? 50  ALA A CB  1 
ATOM   353  N N   . GLY A 1 52  ? 10.570  -5.928  10.278  1.00 20.82 ? 51  GLY A N   1 
ATOM   354  C CA  . GLY A 1 52  ? 11.208  -4.629  10.238  1.00 20.66 ? 51  GLY A CA  1 
ATOM   355  C C   . GLY A 1 52  ? 12.658  -4.656  10.659  1.00 20.36 ? 51  GLY A C   1 
ATOM   356  O O   . GLY A 1 52  ? 13.135  -3.706  11.275  1.00 20.95 ? 51  GLY A O   1 
ATOM   357  N N   . HIS A 1 53  ? 13.361  -5.735  10.354  1.00 19.80 ? 52  HIS A N   1 
ATOM   358  C CA  . HIS A 1 53  ? 14.773  -5.830  10.711  1.00 19.63 ? 52  HIS A CA  1 
ATOM   359  C C   . HIS A 1 53  ? 15.668  -5.303  9.586   1.00 19.48 ? 52  HIS A C   1 
ATOM   360  O O   . HIS A 1 53  ? 16.159  -6.075  8.774   1.00 19.70 ? 52  HIS A O   1 
ATOM   361  C CB  . HIS A 1 53  ? 15.124  -7.269  11.088  1.00 19.63 ? 52  HIS A CB  1 
ATOM   362  C CG  . HIS A 1 53  ? 14.496  -7.711  12.377  1.00 19.96 ? 52  HIS A CG  1 
ATOM   363  N ND1 . HIS A 1 53  ? 14.558  -6.955  13.530  1.00 20.99 ? 52  HIS A ND1 1 
ATOM   364  C CD2 . HIS A 1 53  ? 13.787  -8.820  12.691  1.00 19.87 ? 52  HIS A CD2 1 
ATOM   365  C CE1 . HIS A 1 53  ? 13.913  -7.580  14.499  1.00 21.08 ? 52  HIS A CE1 1 
ATOM   366  N NE2 . HIS A 1 53  ? 13.434  -8.712  14.014  1.00 21.29 ? 52  HIS A NE2 1 
ATOM   367  N N   . THR A 1 54  ? 15.889  -3.979  9.567   1.00 19.37 ? 53  THR A N   1 
ATOM   368  C CA  . THR A 1 54  ? 16.625  -3.281  8.500   1.00 19.48 ? 53  THR A CA  1 
ATOM   369  C C   . THR A 1 54  ? 18.021  -3.790  8.233   1.00 20.24 ? 53  THR A C   1 
ATOM   370  O O   . THR A 1 54  ? 18.436  -3.886  7.082   1.00 20.18 ? 53  THR A O   1 
ATOM   371  C CB  . THR A 1 54  ? 16.740  -1.792  8.832   1.00 19.22 ? 53  THR A CB  1 
ATOM   372  O OG1 . THR A 1 54  ? 15.434  -1.224  8.932   1.00 19.83 ? 53  THR A OG1 1 
ATOM   373  C CG2 . THR A 1 54  ? 17.411  -1.017  7.705   1.00 19.31 ? 53  THR A CG2 1 
ATOM   374  N N   . GLU A 1 55  ? 18.770  -4.064  9.289   1.00 21.31 ? 54  GLU A N   1 
ATOM   375  C CA  . GLU A 1 55  ? 20.135  -4.535  9.118   1.00 21.85 ? 54  GLU A CA  1 
ATOM   376  C C   . GLU A 1 55  ? 20.181  -5.899  8.423   1.00 21.96 ? 54  GLU A C   1 
ATOM   377  O O   . GLU A 1 55  ? 21.097  -6.160  7.644   1.00 22.80 ? 54  GLU A O   1 
ATOM   378  C CB  . GLU A 1 55  ? 20.860  -4.588  10.456  1.00 22.00 ? 54  GLU A CB  1 
ATOM   379  C CG  . GLU A 1 55  ? 22.322  -4.184  10.361  1.00 23.43 ? 54  GLU A CG  1 
ATOM   380  C CD  . GLU A 1 55  ? 22.989  -4.041  11.721  1.00 24.65 ? 54  GLU A CD  1 
ATOM   381  O OE1 . GLU A 1 55  ? 22.296  -3.651  12.698  1.00 25.56 ? 54  GLU A OE1 1 
ATOM   382  O OE2 . GLU A 1 55  ? 24.207  -4.319  11.806  1.00 24.76 ? 54  GLU A OE2 1 
ATOM   383  N N   . ILE A 1 56  ? 19.199  -6.762  8.686   1.00 21.54 ? 55  ILE A N   1 
ATOM   384  C CA  . ILE A 1 56  ? 19.151  -8.085  8.059   1.00 21.33 ? 55  ILE A CA  1 
ATOM   385  C C   . ILE A 1 56  ? 18.713  -7.977  6.605   1.00 21.31 ? 55  ILE A C   1 
ATOM   386  O O   . ILE A 1 56  ? 19.201  -8.705  5.752   1.00 21.19 ? 55  ILE A O   1 
ATOM   387  C CB  . ILE A 1 56  ? 18.215  -9.041  8.845   1.00 21.24 ? 55  ILE A CB  1 
ATOM   388  C CG1 . ILE A 1 56  ? 18.926  -9.544  10.102  1.00 21.88 ? 55  ILE A CG1 1 
ATOM   389  C CG2 . ILE A 1 56  ? 17.808  -10.230 8.001   1.00 20.99 ? 55  ILE A CG2 1 
ATOM   390  C CD1 . ILE A 1 56  ? 18.038  -10.282 11.112  1.00 22.11 ? 55  ILE A CD1 1 
ATOM   391  N N   . VAL A 1 57  ? 17.765  -7.091  6.330   1.00 21.28 ? 56  VAL A N   1 
ATOM   392  C CA  . VAL A 1 57  ? 17.380  -6.815  4.962   1.00 21.09 ? 56  VAL A CA  1 
ATOM   393  C C   . VAL A 1 57  ? 18.611  -6.287  4.229   1.00 20.95 ? 56  VAL A C   1 
ATOM   394  O O   . VAL A 1 57  ? 19.007  -6.852  3.243   1.00 21.34 ? 56  VAL A O   1 
ATOM   395  C CB  . VAL A 1 57  ? 16.228  -5.814  4.882   1.00 21.17 ? 56  VAL A CB  1 
ATOM   396  C CG1 . VAL A 1 57  ? 16.181  -5.168  3.505   1.00 21.17 ? 56  VAL A CG1 1 
ATOM   397  C CG2 . VAL A 1 57  ? 14.885  -6.507  5.208   1.00 21.47 ? 56  VAL A CG2 1 
ATOM   398  N N   . GLU A 1 58  ? 19.232  -5.235  4.737   1.00 20.75 ? 57  GLU A N   1 
ATOM   399  C CA  . GLU A 1 58  ? 20.416  -4.659  4.105   1.00 20.67 ? 57  GLU A CA  1 
ATOM   400  C C   . GLU A 1 58  ? 21.516  -5.683  3.828   1.00 20.65 ? 57  GLU A C   1 
ATOM   401  O O   . GLU A 1 58  ? 22.233  -5.579  2.820   1.00 20.04 ? 57  GLU A O   1 
ATOM   402  C CB  . GLU A 1 58  ? 20.983  -3.517  4.954   1.00 20.75 ? 57  GLU A CB  1 
ATOM   403  C CG  . GLU A 1 58  ? 20.659  -2.137  4.398   1.00 20.87 ? 57  GLU A CG  1 
ATOM   404  C CD  . GLU A 1 58  ? 20.759  -1.028  5.430   1.00 21.11 ? 57  GLU A CD  1 
ATOM   405  O OE1 . GLU A 1 58  ? 21.489  -1.146  6.453   1.00 19.84 ? 57  GLU A OE1 1 
ATOM   406  O OE2 . GLU A 1 58  ? 20.092  -0.013  5.193   1.00 21.60 ? 57  GLU A OE2 1 
ATOM   407  N N   . PHE A 1 59  ? 21.636  -6.669  4.716   1.00 20.80 ? 58  PHE A N   1 
ATOM   408  C CA  . PHE A 1 59  ? 22.659  -7.716  4.588   1.00 21.15 ? 58  PHE A CA  1 
ATOM   409  C C   . PHE A 1 59  ? 22.340  -8.612  3.404   1.00 21.53 ? 58  PHE A C   1 
ATOM   410  O O   . PHE A 1 59  ? 23.209  -8.887  2.580   1.00 22.13 ? 58  PHE A O   1 
ATOM   411  C CB  . PHE A 1 59  ? 22.782  -8.542  5.890   1.00 20.96 ? 58  PHE A CB  1 
ATOM   412  C CG  . PHE A 1 59  ? 23.398  -9.921  5.707   1.00 20.85 ? 58  PHE A CG  1 
ATOM   413  C CD1 . PHE A 1 59  ? 24.777  -10.073 5.528   1.00 21.25 ? 58  PHE A CD1 1 
ATOM   414  C CD2 . PHE A 1 59  ? 22.602  -11.071 5.735   1.00 20.41 ? 58  PHE A CD2 1 
ATOM   415  C CE1 . PHE A 1 59  ? 25.352  -11.341 5.364   1.00 20.59 ? 58  PHE A CE1 1 
ATOM   416  C CE2 . PHE A 1 59  ? 23.173  -12.344 5.575   1.00 20.58 ? 58  PHE A CE2 1 
ATOM   417  C CZ  . PHE A 1 59  ? 24.550  -12.473 5.390   1.00 20.72 ? 58  PHE A CZ  1 
ATOM   418  N N   . LEU A 1 60  ? 21.096  -9.070  3.334   1.00 21.94 ? 59  LEU A N   1 
ATOM   419  C CA  . LEU A 1 60  ? 20.643  -9.935  2.252   1.00 22.35 ? 59  LEU A CA  1 
ATOM   420  C C   . LEU A 1 60  ? 20.712  -9.219  0.901   1.00 22.71 ? 59  LEU A C   1 
ATOM   421  O O   . LEU A 1 60  ? 21.068  -9.818  -0.096  1.00 23.19 ? 59  LEU A O   1 
ATOM   422  C CB  . LEU A 1 60  ? 19.210  -10.444 2.521   1.00 22.40 ? 59  LEU A CB  1 
ATOM   423  C CG  . LEU A 1 60  ? 18.975  -11.346 3.747   1.00 22.29 ? 59  LEU A CG  1 
ATOM   424  C CD1 . LEU A 1 60  ? 17.482  -11.585 3.971   1.00 21.82 ? 59  LEU A CD1 1 
ATOM   425  C CD2 . LEU A 1 60  ? 19.695  -12.674 3.619   1.00 22.21 ? 59  LEU A CD2 1 
ATOM   426  N N   . LEU A 1 61  ? 20.385  -7.937  0.862   1.00 23.17 ? 60  LEU A N   1 
ATOM   427  C CA  . LEU A 1 61  ? 20.415  -7.197  -0.392  1.00 23.64 ? 60  LEU A CA  1 
ATOM   428  C C   . LEU A 1 61  ? 21.836  -7.097  -0.968  1.00 24.07 ? 60  LEU A C   1 
ATOM   429  O O   . LEU A 1 61  ? 22.012  -7.248  -2.185  1.00 24.22 ? 60  LEU A O   1 
ATOM   430  C CB  . LEU A 1 61  ? 19.803  -5.800  -0.234  1.00 23.51 ? 60  LEU A CB  1 
ATOM   431  C CG  . LEU A 1 61  ? 18.339  -5.677  0.170   1.00 24.39 ? 60  LEU A CG  1 
ATOM   432  C CD1 . LEU A 1 61  ? 17.881  -4.228  0.094   1.00 25.37 ? 60  LEU A CD1 1 
ATOM   433  C CD2 . LEU A 1 61  ? 17.440  -6.539  -0.676  1.00 25.66 ? 60  LEU A CD2 1 
ATOM   434  N N   . GLN A 1 62  ? 22.826  -6.836  -0.107  1.00 24.68 ? 61  GLN A N   1 
ATOM   435  C CA  . GLN A 1 62  ? 24.248  -6.837  -0.507  1.00 25.31 ? 61  GLN A CA  1 
ATOM   436  C C   . GLN A 1 62  ? 24.653  -8.184  -1.099  1.00 25.29 ? 61  GLN A C   1 
ATOM   437  O O   . GLN A 1 62  ? 25.471  -8.258  -2.020  1.00 25.32 ? 61  GLN A O   1 
ATOM   438  C CB  . GLN A 1 62  ? 25.179  -6.603  0.681   1.00 25.39 ? 61  GLN A CB  1 
ATOM   439  C CG  . GLN A 1 62  ? 26.406  -7.557  0.619   1.00 27.40 ? 61  GLN A CG  1 
ATOM   440  C CD  . GLN A 1 62  ? 26.911  -7.997  1.946   1.00 29.71 ? 61  GLN A CD  1 
ATOM   441  O OE1 . GLN A 1 62  ? 26.192  -7.915  2.946   1.00 32.75 ? 61  GLN A OE1 1 
ATOM   442  N NE2 . GLN A 1 62  ? 28.146  -8.511  1.969   1.00 29.56 ? 61  GLN A NE2 1 
ATOM   443  N N   . LEU A 1 63  ? 24.105  -9.242  -0.507  1.00 25.36 ? 62  LEU A N   1 
ATOM   444  C CA  . LEU A 1 63  ? 24.387  -10.619 -0.890  1.00 25.58 ? 62  LEU A CA  1 
ATOM   445  C C   . LEU A 1 63  ? 24.034  -10.914 -2.341  1.00 25.56 ? 62  LEU A C   1 
ATOM   446  O O   . LEU A 1 63  ? 24.565  -11.860 -2.920  1.00 25.76 ? 62  LEU A O   1 
ATOM   447  C CB  . LEU A 1 63  ? 23.606  -11.577 0.014   1.00 25.74 ? 62  LEU A CB  1 
ATOM   448  C CG  . LEU A 1 63  ? 24.350  -12.744 0.661   1.00 26.61 ? 62  LEU A CG  1 
ATOM   449  C CD1 . LEU A 1 63  ? 25.511  -12.261 1.541   1.00 26.69 ? 62  LEU A CD1 1 
ATOM   450  C CD2 . LEU A 1 63  ? 23.350  -13.559 1.482   1.00 27.04 ? 62  LEU A CD2 1 
ATOM   451  N N   . GLY A 1 64  ? 23.129  -10.118 -2.908  1.00 25.44 ? 63  GLY A N   1 
ATOM   452  C CA  . GLY A 1 64  ? 22.726  -10.246 -4.291  1.00 25.41 ? 63  GLY A CA  1 
ATOM   453  C C   . GLY A 1 64  ? 21.358  -10.891 -4.443  1.00 25.46 ? 63  GLY A C   1 
ATOM   454  O O   . GLY A 1 64  ? 20.927  -11.157 -5.566  1.00 25.68 ? 63  GLY A O   1 
ATOM   455  N N   . VAL A 1 65  ? 20.647  -11.123 -3.341  1.00 25.10 ? 64  VAL A N   1 
ATOM   456  C CA  . VAL A 1 65  ? 19.435  -11.934 -3.426  1.00 24.88 ? 64  VAL A CA  1 
ATOM   457  C C   . VAL A 1 65  ? 18.369  -11.229 -4.251  1.00 24.84 ? 64  VAL A C   1 
ATOM   458  O O   . VAL A 1 65  ? 18.414  -10.015 -4.394  1.00 24.52 ? 64  VAL A O   1 
ATOM   459  C CB  . VAL A 1 65  ? 18.837  -12.333 -2.041  1.00 24.80 ? 64  VAL A CB  1 
ATOM   460  C CG1 . VAL A 1 65  ? 19.859  -13.071 -1.202  1.00 24.48 ? 64  VAL A CG1 1 
ATOM   461  C CG2 . VAL A 1 65  ? 18.257  -11.139 -1.298  1.00 24.34 ? 64  VAL A CG2 1 
ATOM   462  N N   . PRO A 1 66  ? 17.438  -12.008 -4.799  1.00 25.09 ? 65  PRO A N   1 
ATOM   463  C CA  . PRO A 1 66  ? 16.272  -11.435 -5.481  1.00 24.94 ? 65  PRO A CA  1 
ATOM   464  C C   . PRO A 1 66  ? 15.482  -10.518 -4.565  1.00 25.20 ? 65  PRO A C   1 
ATOM   465  O O   . PRO A 1 66  ? 15.304  -10.772 -3.367  1.00 25.26 ? 65  PRO A O   1 
ATOM   466  C CB  . PRO A 1 66  ? 15.457  -12.667 -5.870  1.00 24.76 ? 65  PRO A CB  1 
ATOM   467  C CG  . PRO A 1 66  ? 16.478  -13.766 -5.956  1.00 25.02 ? 65  PRO A CG  1 
ATOM   468  C CD  . PRO A 1 66  ? 17.404  -13.497 -4.826  1.00 25.17 ? 65  PRO A CD  1 
ATOM   469  N N   . VAL A 1 67  ? 15.008  -9.438  -5.159  1.00 25.23 ? 66  VAL A N   1 
ATOM   470  C CA  . VAL A 1 67  ? 14.302  -8.401  -4.462  1.00 25.23 ? 66  VAL A CA  1 
ATOM   471  C C   . VAL A 1 67  ? 12.785  -8.465  -4.714  1.00 25.14 ? 66  VAL A C   1 
ATOM   472  O O   . VAL A 1 67  ? 11.986  -7.971  -3.902  1.00 25.10 ? 66  VAL A O   1 
ATOM   473  C CB  . VAL A 1 67  ? 14.877  -7.039  -4.919  1.00 25.34 ? 66  VAL A CB  1 
ATOM   474  C CG1 . VAL A 1 67  ? 13.994  -5.913  -4.502  1.00 26.91 ? 66  VAL A CG1 1 
ATOM   475  C CG2 . VAL A 1 67  ? 16.248  -6.831  -4.337  1.00 25.24 ? 66  VAL A CG2 1 
ATOM   476  N N   . ASN A 1 68  ? 12.373  -9.060  -5.842  1.00 25.10 ? 67  ASN A N   1 
ATOM   477  C CA  . ASN A 1 68  ? 10.966  -8.928  -6.268  1.00 24.64 ? 67  ASN A CA  1 
ATOM   478  C C   . ASN A 1 68  ? 10.064  -10.159 -6.254  1.00 24.17 ? 67  ASN A C   1 
ATOM   479  O O   . ASN A 1 68  ? 8.923   -10.076 -6.694  1.00 24.02 ? 67  ASN A O   1 
ATOM   480  C CB  . ASN A 1 68  ? 10.936  -8.235  -7.620  1.00 24.07 ? 67  ASN A CB  1 
ATOM   481  C CG  . ASN A 1 68  ? 11.321  -6.782  -7.501  1.00 23.65 ? 67  ASN A CG  1 
ATOM   482  O OD1 . ASN A 1 68  ? 11.904  -6.215  -8.399  1.00 23.03 ? 67  ASN A OD1 1 
ATOM   483  N ND2 . ASN A 1 68  ? 11.019  -6.180  -6.359  1.00 22.82 ? 67  ASN A ND2 1 
ATOM   484  N N   . ASP A 1 69  ? 10.541  -11.264 -5.691  1.00 23.75 ? 68  ASP A N   1 
ATOM   485  C CA  . ASP A 1 69  ? 9.770   -12.501 -5.686  1.00 23.40 ? 68  ASP A CA  1 
ATOM   486  C C   . ASP A 1 69  ? 8.558   -12.427 -4.761  1.00 22.71 ? 68  ASP A C   1 
ATOM   487  O O   . ASP A 1 69  ? 8.645   -11.987 -3.636  1.00 22.72 ? 68  ASP A O   1 
ATOM   488  C CB  . ASP A 1 69  ? 10.659  -13.692 -5.341  1.00 23.60 ? 68  ASP A CB  1 
ATOM   489  C CG  . ASP A 1 69  ? 11.801  -13.866 -6.329  1.00 24.51 ? 68  ASP A CG  1 
ATOM   490  O OD1 . ASP A 1 69  ? 11.726  -13.274 -7.431  1.00 24.85 ? 68  ASP A OD1 1 
ATOM   491  O OD2 . ASP A 1 69  ? 12.803  -14.576 -6.071  1.00 25.27 ? 68  ASP A OD2 1 
ATOM   492  N N   . LYS A 1 70  ? 7.427   -12.857 -5.278  1.00 22.26 ? 69  LYS A N   1 
ATOM   493  C CA  . LYS A 1 70  ? 6.173   -12.820 -4.563  1.00 21.94 ? 69  LYS A CA  1 
ATOM   494  C C   . LYS A 1 70  ? 5.965   -14.135 -3.812  1.00 21.57 ? 69  LYS A C   1 
ATOM   495  O O   . LYS A 1 70  ? 6.355   -15.175 -4.291  1.00 21.40 ? 69  LYS A O   1 
ATOM   496  C CB  . LYS A 1 70  ? 5.025   -12.563 -5.549  1.00 21.79 ? 69  LYS A CB  1 
ATOM   497  C CG  . LYS A 1 70  ? 5.288   -11.436 -6.551  1.00 21.82 ? 69  LYS A CG  1 
ATOM   498  C CD  . LYS A 1 70  ? 3.992   -10.822 -7.129  1.00 20.51 ? 69  LYS A CD  1 
ATOM   499  C CE  . LYS A 1 70  ? 4.124   -10.506 -8.616  1.00 20.47 ? 69  LYS A CE  1 
ATOM   500  N NZ  . LYS A 1 70  ? 3.161   -9.543  -9.183  1.00 20.38 ? 69  LYS A NZ  1 
ATOM   501  N N   . ASP A 1 71  ? 5.350   -14.084 -2.635  1.00 21.50 ? 70  ASP A N   1 
ATOM   502  C CA  . ASP A 1 71  ? 5.010   -15.291 -1.876  1.00 21.43 ? 70  ASP A CA  1 
ATOM   503  C C   . ASP A 1 71  ? 3.682   -15.938 -2.374  1.00 21.14 ? 70  ASP A C   1 
ATOM   504  O O   . ASP A 1 71  ? 3.097   -15.470 -3.336  1.00 21.19 ? 70  ASP A O   1 
ATOM   505  C CB  . ASP A 1 71  ? 4.990   -14.968 -0.361  1.00 21.66 ? 70  ASP A CB  1 
ATOM   506  C CG  . ASP A 1 71  ? 3.836   -14.039 0.063   1.00 21.26 ? 70  ASP A CG  1 
ATOM   507  O OD1 . ASP A 1 71  ? 2.996   -13.661 -0.773  1.00 19.65 ? 70  ASP A OD1 1 
ATOM   508  O OD2 . ASP A 1 71  ? 3.700   -13.651 1.237   1.00 21.02 ? 70  ASP A OD2 1 
ATOM   509  N N   . ASP A 1 72  ? 3.234   -17.016 -1.724  1.00 20.70 ? 71  ASP A N   1 
ATOM   510  C CA  . ASP A 1 72  ? 1.946   -17.682 -2.011  1.00 20.10 ? 71  ASP A CA  1 
ATOM   511  C C   . ASP A 1 72  ? 0.762   -16.733 -2.248  1.00 19.02 ? 71  ASP A C   1 
ATOM   512  O O   . ASP A 1 72  ? -0.066  -16.975 -3.122  1.00 18.31 ? 71  ASP A O   1 
ATOM   513  C CB  . ASP A 1 72  ? 1.607   -18.685 -0.888  1.00 20.35 ? 71  ASP A CB  1 
ATOM   514  C CG  . ASP A 1 72  ? 2.149   -20.121 -1.183  1.00 22.71 ? 71  ASP A CG  1 
ATOM   515  O OD1 . ASP A 1 72  ? 3.179   -20.267 -1.902  1.00 24.43 ? 71  ASP A OD1 1 
ATOM   516  O OD2 . ASP A 1 72  ? 1.604   -21.172 -0.751  1.00 24.69 ? 71  ASP A OD2 1 
ATOM   517  N N   . ALA A 1 73  ? 0.700   -15.644 -1.491  1.00 18.11 ? 72  ALA A N   1 
ATOM   518  C CA  . ALA A 1 73  ? -0.368  -14.653 -1.645  1.00 17.52 ? 72  ALA A CA  1 
ATOM   519  C C   . ALA A 1 73  ? -0.054  -13.519 -2.631  1.00 17.03 ? 72  ALA A C   1 
ATOM   520  O O   . ALA A 1 73  ? -0.864  -12.594 -2.804  1.00 16.88 ? 72  ALA A O   1 
ATOM   521  C CB  . ALA A 1 73  ? -0.723  -14.064 -0.283  1.00 17.54 ? 72  ALA A CB  1 
ATOM   522  N N   . GLY A 1 74  ? 1.122   -13.569 -3.248  1.00 16.43 ? 73  GLY A N   1 
ATOM   523  C CA  . GLY A 1 74  ? 1.544   -12.570 -4.220  1.00 16.02 ? 73  GLY A CA  1 
ATOM   524  C C   . GLY A 1 74  ? 2.226   -11.321 -3.676  1.00 15.93 ? 73  GLY A C   1 
ATOM   525  O O   . GLY A 1 74  ? 2.393   -10.336 -4.405  1.00 15.63 ? 73  GLY A O   1 
ATOM   526  N N   . TRP A 1 75  ? 2.625   -11.354 -2.403  1.00 16.02 ? 74  TRP A N   1 
ATOM   527  C CA  . TRP A 1 75  ? 3.296   -10.233 -1.758  1.00 15.63 ? 74  TRP A CA  1 
ATOM   528  C C   . TRP A 1 75  ? 4.762   -10.278 -2.066  1.00 15.80 ? 74  TRP A C   1 
ATOM   529  O O   . TRP A 1 75  ? 5.420   -11.294 -1.878  1.00 15.46 ? 74  TRP A O   1 
ATOM   530  C CB  . TRP A 1 75  ? 3.098   -10.280 -0.245  1.00 15.84 ? 74  TRP A CB  1 
ATOM   531  C CG  . TRP A 1 75  ? 1.686   -9.961  0.205   1.00 15.87 ? 74  TRP A CG  1 
ATOM   532  C CD1 . TRP A 1 75  ? 0.537   -10.586 -0.177  1.00 15.18 ? 74  TRP A CD1 1 
ATOM   533  C CD2 . TRP A 1 75  ? 1.295   -8.936  1.113   1.00 15.61 ? 74  TRP A CD2 1 
ATOM   534  N NE1 . TRP A 1 75  ? -0.548  -10.014 0.445   1.00 15.24 ? 74  TRP A NE1 1 
ATOM   535  C CE2 . TRP A 1 75  ? -0.113  -9.002  1.246   1.00 15.26 ? 74  TRP A CE2 1 
ATOM   536  C CE3 . TRP A 1 75  ? 1.995   -7.977  1.849   1.00 15.81 ? 74  TRP A CE3 1 
ATOM   537  C CZ2 . TRP A 1 75  ? -0.828  -8.148  2.058   1.00 15.38 ? 74  TRP A CZ2 1 
ATOM   538  C CZ3 . TRP A 1 75  ? 1.280   -7.128  2.681   1.00 17.98 ? 74  TRP A CZ3 1 
ATOM   539  C CH2 . TRP A 1 75  ? -0.123  -7.215  2.772   1.00 16.93 ? 74  TRP A CH2 1 
ATOM   540  N N   . SER A 1 76  ? 5.267   -9.160  -2.564  1.00 16.31 ? 75  SER A N   1 
ATOM   541  C CA  . SER A 1 76  ? 6.700   -8.954  -2.754  1.00 16.25 ? 75  SER A CA  1 
ATOM   542  C C   . SER A 1 76  ? 7.223   -8.441  -1.440  1.00 15.77 ? 75  SER A C   1 
ATOM   543  O O   . SER A 1 76  ? 6.425   -8.075  -0.594  1.00 15.70 ? 75  SER A O   1 
ATOM   544  C CB  . SER A 1 76  ? 6.932   -7.901  -3.851  1.00 16.53 ? 75  SER A CB  1 
ATOM   545  O OG  . SER A 1 76  ? 6.413   -6.630  -3.476  1.00 16.60 ? 75  SER A OG  1 
ATOM   546  N N   . PRO A 1 77  ? 8.531   -8.431  -1.242  1.00 15.79 ? 76  PRO A N   1 
ATOM   547  C CA  . PRO A 1 77  ? 9.128   -7.733  -0.108  1.00 16.40 ? 76  PRO A CA  1 
ATOM   548  C C   . PRO A 1 77  ? 8.649   -6.295  0.051   1.00 17.03 ? 76  PRO A C   1 
ATOM   549  O O   . PRO A 1 77  ? 8.272   -5.877  1.148   1.00 16.74 ? 76  PRO A O   1 
ATOM   550  C CB  . PRO A 1 77  ? 10.612  -7.799  -0.425  1.00 16.62 ? 76  PRO A CB  1 
ATOM   551  C CG  . PRO A 1 77  ? 10.748  -9.124  -1.073  1.00 16.15 ? 76  PRO A CG  1 
ATOM   552  C CD  . PRO A 1 77  ? 9.554   -9.162  -2.000  1.00 16.40 ? 76  PRO A CD  1 
ATOM   553  N N   . LEU A 1 78  ? 8.610   -5.560  -1.048  1.00 17.70 ? 77  LEU A N   1 
ATOM   554  C CA  . LEU A 1 78  ? 8.119   -4.186  -1.004  1.00 18.02 ? 77  LEU A CA  1 
ATOM   555  C C   . LEU A 1 78  ? 6.690   -4.115  -0.477  1.00 18.05 ? 77  LEU A C   1 
ATOM   556  O O   . LEU A 1 78  ? 6.376   -3.257  0.314   1.00 18.44 ? 77  LEU A O   1 
ATOM   557  C CB  . LEU A 1 78  ? 8.233   -3.521  -2.384  1.00 18.00 ? 77  LEU A CB  1 
ATOM   558  C CG  . LEU A 1 78  ? 7.945   -2.017  -2.422  1.00 17.63 ? 77  LEU A CG  1 
ATOM   559  C CD1 . LEU A 1 78  ? 8.936   -1.243  -1.579  1.00 18.10 ? 77  LEU A CD1 1 
ATOM   560  C CD2 . LEU A 1 78  ? 7.976   -1.520  -3.843  1.00 17.68 ? 77  LEU A CD2 1 
ATOM   561  N N   . HIS A 1 79  ? 5.823   -5.018  -0.895  1.00 18.68 ? 78  HIS A N   1 
ATOM   562  C CA  . HIS A 1 79  ? 4.463   -5.053  -0.348  1.00 19.45 ? 78  HIS A CA  1 
ATOM   563  C C   . HIS A 1 79  ? 4.468   -5.201  1.181   1.00 19.57 ? 78  HIS A C   1 
ATOM   564  O O   . HIS A 1 79  ? 3.754   -4.512  1.913   1.00 19.62 ? 78  HIS A O   1 
ATOM   565  C CB  . HIS A 1 79  ? 3.711   -6.261  -0.878  1.00 19.83 ? 78  HIS A CB  1 
ATOM   566  C CG  . HIS A 1 79  ? 3.073   -6.073  -2.211  1.00 20.81 ? 78  HIS A CG  1 
ATOM   567  N ND1 . HIS A 1 79  ? 3.547   -6.700  -3.344  1.00 22.01 ? 78  HIS A ND1 1 
ATOM   568  C CD2 . HIS A 1 79  ? 1.947   -5.419  -2.579  1.00 21.98 ? 78  HIS A CD2 1 
ATOM   569  C CE1 . HIS A 1 79  ? 2.755   -6.410  -4.363  1.00 23.73 ? 78  HIS A CE1 1 
ATOM   570  N NE2 . HIS A 1 79  ? 1.780   -5.631  -3.927  1.00 23.66 ? 78  HIS A NE2 1 
ATOM   571  N N   . ILE A 1 80  ? 5.263   -6.155  1.644   1.00 19.58 ? 79  ILE A N   1 
ATOM   572  C CA  . ILE A 1 80  ? 5.320   -6.485  3.046   1.00 19.35 ? 79  ILE A CA  1 
ATOM   573  C C   . ILE A 1 80  ? 5.817   -5.285  3.843   1.00 19.38 ? 79  ILE A C   1 
ATOM   574  O O   . ILE A 1 80  ? 5.280   -4.981  4.909   1.00 19.47 ? 79  ILE A O   1 
ATOM   575  C CB  . ILE A 1 80  ? 6.239   -7.703  3.243   1.00 19.27 ? 79  ILE A CB  1 
ATOM   576  C CG1 . ILE A 1 80  ? 5.527   -8.954  2.740   1.00 18.75 ? 79  ILE A CG1 1 
ATOM   577  C CG2 . ILE A 1 80  ? 6.644   -7.844  4.718   1.00 19.75 ? 79  ILE A CG2 1 
ATOM   578  C CD1 . ILE A 1 80  ? 6.408   -10.167 2.620   1.00 19.34 ? 79  ILE A CD1 1 
ATOM   579  N N   . ALA A 1 81  ? 6.836   -4.611  3.310   1.00 19.33 ? 80  ALA A N   1 
ATOM   580  C CA  . ALA A 1 81  ? 7.531   -3.546  4.026   1.00 19.11 ? 80  ALA A CA  1 
ATOM   581  C C   . ALA A 1 81  ? 6.664   -2.287  4.033   1.00 19.28 ? 80  ALA A C   1 
ATOM   582  O O   . ALA A 1 81  ? 6.533   -1.607  5.062   1.00 18.79 ? 80  ALA A O   1 
ATOM   583  C CB  . ALA A 1 81  ? 8.878   -3.273  3.386   1.00 18.73 ? 80  ALA A CB  1 
ATOM   584  N N   . ALA A 1 82  ? 6.053   -1.994  2.889   1.00 18.98 ? 81  ALA A N   1 
ATOM   585  C CA  . ALA A 1 82  ? 5.162   -0.849  2.804   1.00 18.98 ? 81  ALA A CA  1 
ATOM   586  C C   . ALA A 1 82  ? 4.012   -1.012  3.777   1.00 18.80 ? 81  ALA A C   1 
ATOM   587  O O   . ALA A 1 82  ? 3.711   -0.099  4.526   1.00 18.72 ? 81  ALA A O   1 
ATOM   588  C CB  . ALA A 1 82  ? 4.643   -0.693  1.418   1.00 19.34 ? 81  ALA A CB  1 
ATOM   589  N N   . SER A 1 83  ? 3.389   -2.185  3.765   1.00 18.77 ? 82  SER A N   1 
ATOM   590  C CA  . SER A 1 83  ? 2.261   -2.472  4.644   1.00 18.94 ? 82  SER A CA  1 
ATOM   591  C C   . SER A 1 83  ? 2.619   -2.372  6.117   1.00 18.92 ? 82  SER A C   1 
ATOM   592  O O   . SER A 1 83  ? 1.881   -1.780  6.902   1.00 18.40 ? 82  SER A O   1 
ATOM   593  C CB  . SER A 1 83  ? 1.694   -3.867  4.391   1.00 18.98 ? 82  SER A CB  1 
ATOM   594  O OG  . SER A 1 83  ? 0.575   -4.089  5.248   1.00 19.87 ? 82  SER A OG  1 
ATOM   595  N N   . ALA A 1 84  ? 3.753   -2.958  6.484   1.00 19.13 ? 83  ALA A N   1 
ATOM   596  C CA  . ALA A 1 84  ? 4.148   -3.046  7.887   1.00 19.28 ? 83  ALA A CA  1 
ATOM   597  C C   . ALA A 1 84  ? 4.701   -1.721  8.427   1.00 19.36 ? 83  ALA A C   1 
ATOM   598  O O   . ALA A 1 84  ? 4.883   -1.561  9.626   1.00 19.13 ? 83  ALA A O   1 
ATOM   599  C CB  . ALA A 1 84  ? 5.155   -4.170  8.079   1.00 19.22 ? 83  ALA A CB  1 
ATOM   600  N N   . GLY A 1 85  ? 4.964   -0.786  7.527   1.00 19.80 ? 84  GLY A N   1 
ATOM   601  C CA  . GLY A 1 85  ? 5.416   0.538   7.883   1.00 20.07 ? 84  GLY A CA  1 
ATOM   602  C C   . GLY A 1 85  ? 6.917   0.645   8.073   1.00 20.19 ? 84  GLY A C   1 
ATOM   603  O O   . GLY A 1 85  ? 7.354   1.442   8.897   1.00 21.18 ? 84  GLY A O   1 
ATOM   604  N N   . ARG A 1 86  ? 7.694   -0.117  7.311   1.00 20.24 ? 85  ARG A N   1 
ATOM   605  C CA  . ARG A 1 86  ? 9.155   -0.138  7.430   1.00 20.44 ? 85  ARG A CA  1 
ATOM   606  C C   . ARG A 1 86  ? 9.823   0.898   6.528   1.00 20.97 ? 85  ARG A C   1 
ATOM   607  O O   . ARG A 1 86  ? 10.313  0.573   5.438   1.00 21.48 ? 85  ARG A O   1 
ATOM   608  C CB  . ARG A 1 86  ? 9.710   -1.530  7.095   1.00 20.31 ? 85  ARG A CB  1 
ATOM   609  C CG  . ARG A 1 86  ? 9.043   -2.698  7.800   1.00 19.29 ? 85  ARG A CG  1 
ATOM   610  C CD  . ARG A 1 86  ? 8.657   -2.422  9.211   1.00 17.85 ? 85  ARG A CD  1 
ATOM   611  N NE  . ARG A 1 86  ? 8.218   -3.621  9.907   1.00 17.88 ? 85  ARG A NE  1 
ATOM   612  C CZ  . ARG A 1 86  ? 7.796   -3.638  11.173  1.00 15.97 ? 85  ARG A CZ  1 
ATOM   613  N NH1 . ARG A 1 86  ? 7.762   -2.525  11.886  1.00 15.53 ? 85  ARG A NH1 1 
ATOM   614  N NH2 . ARG A 1 86  ? 7.415   -4.772  11.736  1.00 15.21 ? 85  ARG A NH2 1 
ATOM   615  N N   . ASP A 1 87  ? 9.857   2.137   6.996   1.00 21.20 ? 86  ASP A N   1 
ATOM   616  C CA  . ASP A 1 87  ? 10.350  3.258   6.207   1.00 21.64 ? 86  ASP A CA  1 
ATOM   617  C C   . ASP A 1 87  ? 11.723  2.995   5.529   1.00 21.90 ? 86  ASP A C   1 
ATOM   618  O O   . ASP A 1 87  ? 11.861  3.148   4.309   1.00 21.21 ? 86  ASP A O   1 
ATOM   619  C CB  . ASP A 1 87  ? 10.382  4.513   7.089   1.00 21.85 ? 86  ASP A CB  1 
ATOM   620  C CG  . ASP A 1 87  ? 9.006   5.184   7.229   1.00 22.48 ? 86  ASP A CG  1 
ATOM   621  O OD1 . ASP A 1 87  ? 7.972   4.532   6.986   1.00 23.91 ? 86  ASP A OD1 1 
ATOM   622  O OD2 . ASP A 1 87  ? 8.870   6.382   7.574   1.00 23.74 ? 86  ASP A OD2 1 
ATOM   623  N N   . GLU A 1 88  ? 12.722  2.582   6.307   1.00 22.43 ? 87  GLU A N   1 
ATOM   624  C CA  . GLU A 1 88  ? 14.070  2.376   5.762   1.00 23.07 ? 87  GLU A CA  1 
ATOM   625  C C   . GLU A 1 88  ? 14.209  1.151   4.889   1.00 22.33 ? 87  GLU A C   1 
ATOM   626  O O   . GLU A 1 88  ? 15.030  1.145   3.996   1.00 22.56 ? 87  GLU A O   1 
ATOM   627  C CB  . GLU A 1 88  ? 15.112  2.228   6.858   1.00 23.91 ? 87  GLU A CB  1 
ATOM   628  C CG  . GLU A 1 88  ? 15.320  3.434   7.746   1.00 26.70 ? 87  GLU A CG  1 
ATOM   629  C CD  . GLU A 1 88  ? 15.102  3.082   9.209   1.00 31.35 ? 87  GLU A CD  1 
ATOM   630  O OE1 . GLU A 1 88  ? 15.823  2.186   9.737   1.00 32.45 ? 87  GLU A OE1 1 
ATOM   631  O OE2 . GLU A 1 88  ? 14.187  3.692   9.823   1.00 35.52 ? 87  GLU A OE2 1 
ATOM   632  N N   . ILE A 1 89  ? 13.448  0.103   5.172   1.00 21.65 ? 88  ILE A N   1 
ATOM   633  C CA  . ILE A 1 89  ? 13.497  -1.110  4.366   1.00 20.72 ? 88  ILE A CA  1 
ATOM   634  C C   . ILE A 1 89  ? 12.924  -0.822  2.994   1.00 20.13 ? 88  ILE A C   1 
ATOM   635  O O   . ILE A 1 89  ? 13.480  -1.259  1.992   1.00 20.38 ? 88  ILE A O   1 
ATOM   636  C CB  . ILE A 1 89  ? 12.770  -2.280  5.055   1.00 20.53 ? 88  ILE A CB  1 
ATOM   637  C CG1 . ILE A 1 89  ? 13.680  -2.849  6.152   1.00 20.18 ? 88  ILE A CG1 1 
ATOM   638  C CG2 . ILE A 1 89  ? 12.408  -3.375  4.047   1.00 21.01 ? 88  ILE A CG2 1 
ATOM   639  C CD1 . ILE A 1 89  ? 12.970  -3.610  7.251   1.00 19.92 ? 88  ILE A CD1 1 
ATOM   640  N N   . VAL A 1 90  ? 11.829  -0.075  2.949   1.00 19.22 ? 89  VAL A N   1 
ATOM   641  C CA  . VAL A 1 90  ? 11.283  0.400   1.673   1.00 18.75 ? 89  VAL A CA  1 
ATOM   642  C C   . VAL A 1 90  ? 12.349  1.188   0.885   1.00 18.34 ? 89  VAL A C   1 
ATOM   643  O O   . VAL A 1 90  ? 12.531  1.003   -0.311  1.00 17.48 ? 89  VAL A O   1 
ATOM   644  C CB  . VAL A 1 90  ? 10.026  1.292   1.892   1.00 18.66 ? 89  VAL A CB  1 
ATOM   645  C CG1 . VAL A 1 90  ? 9.590   1.973   0.606   1.00 18.12 ? 89  VAL A CG1 1 
ATOM   646  C CG2 . VAL A 1 90  ? 8.873   0.472   2.469   1.00 19.12 ? 89  VAL A CG2 1 
ATOM   647  N N   . LYS A 1 91  ? 13.051  2.073   1.581   1.00 18.24 ? 90  LYS A N   1 
ATOM   648  C CA  . LYS A 1 91  ? 14.083  2.887   0.942   1.00 18.13 ? 90  LYS A CA  1 
ATOM   649  C C   . LYS A 1 91  ? 15.169  2.026   0.327   1.00 17.66 ? 90  LYS A C   1 
ATOM   650  O O   . LYS A 1 91  ? 15.604  2.300   -0.790  1.00 17.16 ? 90  LYS A O   1 
ATOM   651  C CB  . LYS A 1 91  ? 14.758  3.865   1.924   1.00 18.08 ? 90  LYS A CB  1 
ATOM   652  C CG  . LYS A 1 91  ? 15.674  4.828   1.172   1.00 18.22 ? 90  LYS A CG  1 
ATOM   653  C CD  . LYS A 1 91  ? 16.047  6.099   1.916   1.00 18.19 ? 90  LYS A CD  1 
ATOM   654  C CE  . LYS A 1 91  ? 17.233  6.750   1.217   1.00 16.93 ? 90  LYS A CE  1 
ATOM   655  N NZ  . LYS A 1 91  ? 17.621  7.949   1.930   1.00 17.35 ? 90  LYS A NZ  1 
ATOM   656  N N   . ALA A 1 92  ? 15.617  1.023   1.089   1.00 17.07 ? 91  ALA A N   1 
ATOM   657  C CA  . ALA A 1 92  ? 16.637  0.087   0.637   1.00 16.83 ? 91  ALA A CA  1 
ATOM   658  C C   . ALA A 1 92  ? 16.095  -0.722  -0.526  1.00 16.90 ? 91  ALA A C   1 
ATOM   659  O O   . ALA A 1 92  ? 16.772  -0.905  -1.524  1.00 17.43 ? 91  ALA A O   1 
ATOM   660  C CB  . ALA A 1 92  ? 17.060  -0.833  1.760   1.00 16.47 ? 91  ALA A CB  1 
ATOM   661  N N   . LEU A 1 93  ? 14.859  -1.178  -0.399  1.00 16.72 ? 92  LEU A N   1 
ATOM   662  C CA  . LEU A 1 93  ? 14.274  -2.044  -1.394  1.00 16.72 ? 92  LEU A CA  1 
ATOM   663  C C   . LEU A 1 93  ? 14.252  -1.309  -2.722  1.00 16.68 ? 92  LEU A C   1 
ATOM   664  O O   . LEU A 1 93  ? 14.752  -1.818  -3.719  1.00 16.59 ? 92  LEU A O   1 
ATOM   665  C CB  . LEU A 1 93  ? 12.868  -2.479  -0.972  1.00 16.86 ? 92  LEU A CB  1 
ATOM   666  C CG  . LEU A 1 93  ? 12.593  -3.945  -0.592  1.00 17.07 ? 92  LEU A CG  1 
ATOM   667  C CD1 . LEU A 1 93  ? 13.822  -4.743  -0.247  1.00 17.24 ? 92  LEU A CD1 1 
ATOM   668  C CD2 . LEU A 1 93  ? 11.590  -4.018  0.557   1.00 17.16 ? 92  LEU A CD2 1 
ATOM   669  N N   . LEU A 1 94  ? 13.714  -0.092  -2.724  1.00 16.62 ? 93  LEU A N   1 
ATOM   670  C CA  . LEU A 1 94  ? 13.622  0.723   -3.941  1.00 16.28 ? 93  LEU A CA  1 
ATOM   671  C C   . LEU A 1 94  ? 14.999  0.999   -4.538  1.00 16.11 ? 93  LEU A C   1 
ATOM   672  O O   . LEU A 1 94  ? 15.194  0.902   -5.739  1.00 15.69 ? 93  LEU A O   1 
ATOM   673  C CB  . LEU A 1 94  ? 12.890  2.039   -3.659  1.00 15.97 ? 93  LEU A CB  1 
ATOM   674  C CG  . LEU A 1 94  ? 11.409  1.883   -3.312  1.00 17.13 ? 93  LEU A CG  1 
ATOM   675  C CD1 . LEU A 1 94  ? 10.791  3.174   -2.808  1.00 17.60 ? 93  LEU A CD1 1 
ATOM   676  C CD2 . LEU A 1 94  ? 10.620  1.377   -4.503  1.00 17.89 ? 93  LEU A CD2 1 
ATOM   677  N N   . GLY A 1 95  ? 15.947  1.336   -3.674  1.00 16.12 ? 94  GLY A N   1 
ATOM   678  C CA  . GLY A 1 95  ? 17.323  1.531   -4.065  1.00 16.12 ? 94  GLY A CA  1 
ATOM   679  C C   . GLY A 1 95  ? 17.929  0.338   -4.767  1.00 16.32 ? 94  GLY A C   1 
ATOM   680  O O   . GLY A 1 95  ? 18.733  0.529   -5.664  1.00 16.62 ? 94  GLY A O   1 
ATOM   681  N N   . LYS A 1 96  ? 17.535  -0.876  -4.387  1.00 16.74 ? 95  LYS A N   1 
ATOM   682  C CA  . LYS A 1 96  ? 18.049  -2.106  -5.015  1.00 17.38 ? 95  LYS A CA  1 
ATOM   683  C C   . LYS A 1 96  ? 17.179  -2.676  -6.170  1.00 17.17 ? 95  LYS A C   1 
ATOM   684  O O   . LYS A 1 96  ? 17.310  -3.839  -6.539  1.00 16.54 ? 95  LYS A O   1 
ATOM   685  C CB  . LYS A 1 96  ? 18.328  -3.183  -3.949  1.00 17.62 ? 95  LYS A CB  1 
ATOM   686  C CG  . LYS A 1 96  ? 19.823  -3.503  -3.804  1.00 20.05 ? 95  LYS A CG  1 
ATOM   687  C CD  . LYS A 1 96  ? 20.372  -4.361  -4.967  1.00 22.83 ? 95  LYS A CD  1 
ATOM   688  C CE  . LYS A 1 96  ? 21.849  -4.710  -4.740  1.00 24.67 ? 95  LYS A CE  1 
ATOM   689  N NZ  . LYS A 1 96  ? 22.692  -4.587  -5.985  1.00 26.01 ? 95  LYS A NZ  1 
ATOM   690  N N   . GLY A 1 97  ? 16.323  -1.837  -6.747  1.00 17.42 ? 96  GLY A N   1 
ATOM   691  C CA  . GLY A 1 97  ? 15.551  -2.179  -7.932  1.00 17.53 ? 96  GLY A CA  1 
ATOM   692  C C   . GLY A 1 97  ? 14.176  -2.776  -7.670  1.00 17.60 ? 96  GLY A C   1 
ATOM   693  O O   . GLY A 1 97  ? 13.567  -3.340  -8.557  1.00 17.45 ? 96  GLY A O   1 
ATOM   694  N N   . ALA A 1 98  ? 13.665  -2.641  -6.463  1.00 17.85 ? 97  ALA A N   1 
ATOM   695  C CA  . ALA A 1 98  ? 12.381  -3.242  -6.133  1.00 18.05 ? 97  ALA A CA  1 
ATOM   696  C C   . ALA A 1 98  ? 11.318  -2.696  -7.053  1.00 18.11 ? 97  ALA A C   1 
ATOM   697  O O   . ALA A 1 98  ? 11.334  -1.513  -7.347  1.00 17.89 ? 97  ALA A O   1 
ATOM   698  C CB  . ALA A 1 98  ? 12.010  -2.952  -4.670  1.00 18.22 ? 97  ALA A CB  1 
ATOM   699  N N   . GLN A 1 99  ? 10.398  -3.555  -7.494  1.00 18.57 ? 98  GLN A N   1 
ATOM   700  C CA  . GLN A 1 99  ? 9.326   -3.150  -8.397  1.00 18.69 ? 98  GLN A CA  1 
ATOM   701  C C   . GLN A 1 99  ? 8.171   -2.505  -7.629  1.00 18.72 ? 98  GLN A C   1 
ATOM   702  O O   . GLN A 1 99  ? 7.515   -3.117  -6.761  1.00 18.53 ? 98  GLN A O   1 
ATOM   703  C CB  . GLN A 1 99  ? 8.817   -4.312  -9.225  1.00 18.90 ? 98  GLN A CB  1 
ATOM   704  C CG  . GLN A 1 99  ? 7.644   -3.920  -10.148 1.00 20.03 ? 98  GLN A CG  1 
ATOM   705  C CD  . GLN A 1 99  ? 8.051   -2.971  -11.273 1.00 19.90 ? 98  GLN A CD  1 
ATOM   706  O OE1 . GLN A 1 99  ? 9.033   -3.242  -11.976 1.00 20.74 ? 98  GLN A OE1 1 
ATOM   707  N NE2 . GLN A 1 99  ? 7.296   -1.869  -11.453 1.00 17.37 ? 98  GLN A NE2 1 
ATOM   708  N N   . VAL A 1 100 ? 7.910   -1.266  -8.010  1.00 18.63 ? 99  VAL A N   1 
ATOM   709  C CA  . VAL A 1 100 ? 7.087   -0.345  -7.247  1.00 18.52 ? 99  VAL A CA  1 
ATOM   710  C C   . VAL A 1 100 ? 5.626   -0.491  -7.637  1.00 17.71 ? 99  VAL A C   1 
ATOM   711  O O   . VAL A 1 100 ? 4.737   -0.099  -6.895  1.00 17.74 ? 99  VAL A O   1 
ATOM   712  C CB  . VAL A 1 100 ? 7.595   1.110   -7.489  1.00 18.61 ? 99  VAL A CB  1 
ATOM   713  C CG1 . VAL A 1 100 ? 7.027   1.707   -8.777  1.00 18.93 ? 99  VAL A CG1 1 
ATOM   714  C CG2 . VAL A 1 100 ? 7.266   1.971   -6.342  1.00 19.42 ? 99  VAL A CG2 1 
ATOM   715  N N   . ASN A 1 101 ? 5.407   -1.056  -8.816  1.00 17.01 ? 100 ASN A N   1 
ATOM   716  C CA  . ASN A 1 101 ? 4.076   -1.266  -9.357  1.00 16.64 ? 100 ASN A CA  1 
ATOM   717  C C   . ASN A 1 101 ? 3.731   -2.739  -9.383  1.00 16.47 ? 100 ASN A C   1 
ATOM   718  O O   . ASN A 1 101 ? 2.909   -3.189  -10.169 1.00 16.05 ? 100 ASN A O   1 
ATOM   719  C CB  . ASN A 1 101 ? 3.994   -0.662  -10.756 1.00 16.41 ? 100 ASN A CB  1 
ATOM   720  C CG  . ASN A 1 101 ? 3.769   0.828   -10.716 1.00 15.98 ? 100 ASN A CG  1 
ATOM   721  O OD1 . ASN A 1 101 ? 2.916   1.305   -9.977  1.00 15.78 ? 100 ASN A OD1 1 
ATOM   722  N ND2 . ASN A 1 101 ? 4.538   1.571   -11.490 1.00 15.38 ? 100 ASN A ND2 1 
ATOM   723  N N   . ALA A 1 102 ? 4.356   -3.482  -8.486  1.00 16.62 ? 101 ALA A N   1 
ATOM   724  C CA  . ALA A 1 102 ? 4.071   -4.887  -8.334  1.00 16.97 ? 101 ALA A CA  1 
ATOM   725  C C   . ALA A 1 102 ? 2.653   -5.101  -7.789  1.00 17.35 ? 101 ALA A C   1 
ATOM   726  O O   . ALA A 1 102 ? 2.144   -4.282  -7.024  1.00 17.90 ? 101 ALA A O   1 
ATOM   727  C CB  . ALA A 1 102 ? 5.088   -5.506  -7.413  1.00 17.03 ? 101 ALA A CB  1 
ATOM   728  N N   . VAL A 1 103 ? 2.033   -6.209  -8.182  1.00 17.48 ? 102 VAL A N   1 
ATOM   729  C CA  . VAL A 1 103 ? 0.653   -6.529  -7.812  1.00 17.70 ? 102 VAL A CA  1 
ATOM   730  C C   . VAL A 1 103 ? 0.603   -7.890  -7.130  1.00 17.87 ? 102 VAL A C   1 
ATOM   731  O O   . VAL A 1 103 ? 1.252   -8.828  -7.571  1.00 17.57 ? 102 VAL A O   1 
ATOM   732  C CB  . VAL A 1 103 ? -0.318  -6.533  -9.057  1.00 17.56 ? 102 VAL A CB  1 
ATOM   733  C CG1 . VAL A 1 103 ? -0.765  -5.119  -9.401  1.00 17.31 ? 102 VAL A CG1 1 
ATOM   734  C CG2 . VAL A 1 103 ? 0.331   -7.182  -10.286 1.00 17.68 ? 102 VAL A CG2 1 
ATOM   735  N N   . ASN A 1 104 ? -0.158  -7.993  -6.044  1.00 18.53 ? 103 ASN A N   1 
ATOM   736  C CA  . ASN A 1 104 ? -0.409  -9.289  -5.416  1.00 18.70 ? 103 ASN A CA  1 
ATOM   737  C C   . ASN A 1 104 ? -1.645  -9.923  -6.018  1.00 19.11 ? 103 ASN A C   1 
ATOM   738  O O   . ASN A 1 104 ? -2.173  -9.429  -7.010  1.00 19.05 ? 103 ASN A O   1 
ATOM   739  C CB  . ASN A 1 104 ? -0.452  -9.201  -3.871  1.00 18.54 ? 103 ASN A CB  1 
ATOM   740  C CG  . ASN A 1 104 ? -1.610  -8.424  -3.350  1.00 17.66 ? 103 ASN A CG  1 
ATOM   741  O OD1 . ASN A 1 104 ? -2.581  -8.199  -4.047  1.00 15.64 ? 103 ASN A OD1 1 
ATOM   742  N ND2 . ASN A 1 104 ? -1.505  -7.989  -2.099  1.00 17.76 ? 103 ASN A ND2 1 
ATOM   743  N N   . GLN A 1 105 ? -2.096  -11.024 -5.430  1.00 19.97 ? 104 GLN A N   1 
ATOM   744  C CA  . GLN A 1 105 ? -3.170  -11.824 -6.020  1.00 20.45 ? 104 GLN A CA  1 
ATOM   745  C C   . GLN A 1 105 ? -4.541  -11.204 -5.893  1.00 20.19 ? 104 GLN A C   1 
ATOM   746  O O   . GLN A 1 105 ? -5.460  -11.625 -6.562  1.00 20.62 ? 104 GLN A O   1 
ATOM   747  C CB  . GLN A 1 105 ? -3.129  -13.240 -5.462  1.00 20.73 ? 104 GLN A CB  1 
ATOM   748  C CG  . GLN A 1 105 ? -1.811  -13.942 -5.865  1.00 22.60 ? 104 GLN A CG  1 
ATOM   749  C CD  . GLN A 1 105 ? -1.884  -15.456 -5.852  1.00 25.00 ? 104 GLN A CD  1 
ATOM   750  O OE1 . GLN A 1 105 ? -2.878  -16.042 -5.384  1.00 26.33 ? 104 GLN A OE1 1 
ATOM   751  N NE2 . GLN A 1 105 ? -0.826  -16.101 -6.363  1.00 25.76 ? 104 GLN A NE2 1 
ATOM   752  N N   . ASN A 1 106 ? -4.673  -10.188 -5.055  1.00 20.47 ? 105 ASN A N   1 
ATOM   753  C CA  . ASN A 1 106 ? -5.855  -9.327  -5.075  1.00 20.76 ? 105 ASN A CA  1 
ATOM   754  C C   . ASN A 1 106 ? -5.722  -8.100  -6.001  1.00 20.84 ? 105 ASN A C   1 
ATOM   755  O O   . ASN A 1 106 ? -6.672  -7.362  -6.161  1.00 21.17 ? 105 ASN A O   1 
ATOM   756  C CB  . ASN A 1 106 ? -6.217  -8.856  -3.650  1.00 20.79 ? 105 ASN A CB  1 
ATOM   757  C CG  . ASN A 1 106 ? -6.531  -10.022 -2.682  1.00 21.26 ? 105 ASN A CG  1 
ATOM   758  O OD1 . ASN A 1 106 ? -7.197  -11.019 -3.032  1.00 20.88 ? 105 ASN A OD1 1 
ATOM   759  N ND2 . ASN A 1 106 ? -6.045  -9.884  -1.452  1.00 21.87 ? 105 ASN A ND2 1 
ATOM   760  N N   . GLY A 1 107 ? -4.559  -7.873  -6.601  1.00 21.06 ? 106 GLY A N   1 
ATOM   761  C CA  . GLY A 1 107 ? -4.357  -6.741  -7.504  1.00 21.10 ? 106 GLY A CA  1 
ATOM   762  C C   . GLY A 1 107 ? -3.857  -5.466  -6.834  1.00 21.13 ? 106 GLY A C   1 
ATOM   763  O O   . GLY A 1 107 ? -3.846  -4.379  -7.456  1.00 20.82 ? 106 GLY A O   1 
ATOM   764  N N   . CYS A 1 108 ? -3.424  -5.603  -5.578  1.00 21.23 ? 107 CYS A N   1 
ATOM   765  C CA  . CYS A 1 108 ? -2.913  -4.483  -4.785  1.00 21.14 ? 107 CYS A CA  1 
ATOM   766  C C   . CYS A 1 108 ? -1.453  -4.218  -5.038  1.00 20.57 ? 107 CYS A C   1 
ATOM   767  O O   . CYS A 1 108 ? -0.641  -5.136  -5.005  1.00 20.27 ? 107 CYS A O   1 
ATOM   768  C CB  . CYS A 1 108 ? -3.090  -4.753  -3.296  1.00 21.45 ? 107 CYS A CB  1 
ATOM   769  S SG  . CYS A 1 108 ? -4.810  -4.869  -2.821  1.00 22.65 ? 107 CYS A SG  1 
ATOM   770  N N   . THR A 1 109 ? -1.145  -2.958  -5.335  1.00 20.25 ? 108 THR A N   1 
ATOM   771  C CA  . THR A 1 109 ? 0.217   -2.424  -5.248  1.00 20.21 ? 108 THR A CA  1 
ATOM   772  C C   . THR A 1 109 ? 0.622   -2.119  -3.813  1.00 19.33 ? 108 THR A C   1 
ATOM   773  O O   . THR A 1 109 ? -0.222  -2.041  -2.934  1.00 19.33 ? 108 THR A O   1 
ATOM   774  C CB  . THR A 1 109 ? 0.367   -1.135  -6.088  1.00 20.33 ? 108 THR A CB  1 
ATOM   775  O OG1 . THR A 1 109 ? -0.529  -0.124  -5.599  1.00 22.43 ? 108 THR A OG1 1 
ATOM   776  C CG2 . THR A 1 109 ? -0.022  -1.372  -7.556  1.00 19.23 ? 108 THR A CG2 1 
ATOM   777  N N   . PRO A 1 110 ? 1.915   -1.983  -3.568  1.00 18.70 ? 109 PRO A N   1 
ATOM   778  C CA  . PRO A 1 110 ? 2.400   -1.464  -2.288  1.00 19.05 ? 109 PRO A CA  1 
ATOM   779  C C   . PRO A 1 110 ? 1.735   -0.162  -1.852  1.00 19.00 ? 109 PRO A C   1 
ATOM   780  O O   . PRO A 1 110 ? 1.487   0.000   -0.670  1.00 18.54 ? 109 PRO A O   1 
ATOM   781  C CB  . PRO A 1 110 ? 3.881   -1.246  -2.548  1.00 18.86 ? 109 PRO A CB  1 
ATOM   782  C CG  . PRO A 1 110 ? 4.191   -2.293  -3.514  1.00 19.12 ? 109 PRO A CG  1 
ATOM   783  C CD  . PRO A 1 110 ? 3.021   -2.389  -4.435  1.00 18.78 ? 109 PRO A CD  1 
ATOM   784  N N   . LEU A 1 111 ? 1.437   0.716   -2.798  1.00 19.12 ? 110 LEU A N   1 
ATOM   785  C CA  . LEU A 1 111 ? 0.864   2.002   -2.483  1.00 19.70 ? 110 LEU A CA  1 
ATOM   786  C C   . LEU A 1 111 ? -0.540  1.859   -1.925  1.00 20.53 ? 110 LEU A C   1 
ATOM   787  O O   . LEU A 1 111 ? -0.963  2.681   -1.107  1.00 20.89 ? 110 LEU A O   1 
ATOM   788  C CB  . LEU A 1 111 ? 0.824   2.882   -3.723  1.00 19.95 ? 110 LEU A CB  1 
ATOM   789  C CG  . LEU A 1 111 ? 0.222   4.279   -3.548  1.00 20.36 ? 110 LEU A CG  1 
ATOM   790  C CD1 . LEU A 1 111 ? 1.077   5.086   -2.575  1.00 20.32 ? 110 LEU A CD1 1 
ATOM   791  C CD2 . LEU A 1 111 ? 0.075   4.981   -4.906  1.00 20.52 ? 110 LEU A CD2 1 
ATOM   792  N N   . HIS A 1 112 ? -1.278  0.845   -2.386  1.00 21.14 ? 111 HIS A N   1 
ATOM   793  C CA  . HIS A 1 112 ? -2.597  0.563   -1.846  1.00 21.26 ? 111 HIS A CA  1 
ATOM   794  C C   . HIS A 1 112 ? -2.486  0.368   -0.359  1.00 21.66 ? 111 HIS A C   1 
ATOM   795  O O   . HIS A 1 112 ? -3.296  0.891   0.395   1.00 21.95 ? 111 HIS A O   1 
ATOM   796  C CB  . HIS A 1 112 ? -3.187  -0.714  -2.424  1.00 21.34 ? 111 HIS A CB  1 
ATOM   797  C CG  . HIS A 1 112 ? -3.784  -0.566  -3.783  1.00 21.37 ? 111 HIS A CG  1 
ATOM   798  N ND1 . HIS A 1 112 ? -5.032  -0.029  -3.994  1.00 22.36 ? 111 HIS A ND1 1 
ATOM   799  C CD2 . HIS A 1 112 ? -3.329  -0.935  -4.997  1.00 21.43 ? 111 HIS A CD2 1 
ATOM   800  C CE1 . HIS A 1 112 ? -5.305  -0.051  -5.286  1.00 22.31 ? 111 HIS A CE1 1 
ATOM   801  N NE2 . HIS A 1 112 ? -4.291  -0.606  -5.915  1.00 21.06 ? 111 HIS A NE2 1 
ATOM   802  N N   . TYR A 1 113 ? -1.494  -0.416  0.058   1.00 22.09 ? 112 TYR A N   1 
ATOM   803  C CA  . TYR A 1 113 ? -1.325  -0.739  1.476   1.00 22.53 ? 112 TYR A CA  1 
ATOM   804  C C   . TYR A 1 113 ? -0.743  0.420   2.277   1.00 22.25 ? 112 TYR A C   1 
ATOM   805  O O   . TYR A 1 113 ? -1.038  0.574   3.457   1.00 22.07 ? 112 TYR A O   1 
ATOM   806  C CB  . TYR A 1 113 ? -0.447  -1.974  1.648   1.00 23.01 ? 112 TYR A CB  1 
ATOM   807  C CG  . TYR A 1 113 ? -1.140  -3.238  1.240   1.00 24.33 ? 112 TYR A CG  1 
ATOM   808  C CD1 . TYR A 1 113 ? -0.714  -3.951  0.146   1.00 25.74 ? 112 TYR A CD1 1 
ATOM   809  C CD2 . TYR A 1 113 ? -2.227  -3.714  1.950   1.00 26.83 ? 112 TYR A CD2 1 
ATOM   810  C CE1 . TYR A 1 113 ? -1.346  -5.102  -0.236  1.00 27.36 ? 112 TYR A CE1 1 
ATOM   811  C CE2 . TYR A 1 113 ? -2.875  -4.879  1.571   1.00 28.00 ? 112 TYR A CE2 1 
ATOM   812  C CZ  . TYR A 1 113 ? -2.426  -5.562  0.469   1.00 27.55 ? 112 TYR A CZ  1 
ATOM   813  O OH  . TYR A 1 113 ? -3.039  -6.713  0.056   1.00 28.38 ? 112 TYR A OH  1 
ATOM   814  N N   . ALA A 1 114 ? 0.085   1.228   1.630   1.00 22.15 ? 113 ALA A N   1 
ATOM   815  C CA  . ALA A 1 114 ? 0.656   2.399   2.270   1.00 22.21 ? 113 ALA A CA  1 
ATOM   816  C C   . ALA A 1 114 ? -0.478  3.357   2.542   1.00 22.30 ? 113 ALA A C   1 
ATOM   817  O O   . ALA A 1 114 ? -0.605  3.878   3.639   1.00 22.17 ? 113 ALA A O   1 
ATOM   818  C CB  . ALA A 1 114 ? 1.725   3.048   1.387   1.00 22.13 ? 113 ALA A CB  1 
ATOM   819  N N   . ALA A 1 115 ? -1.331  3.547   1.545   1.00 22.52 ? 114 ALA A N   1 
ATOM   820  C CA  . ALA A 1 115 ? -2.483  4.439   1.675   1.00 22.93 ? 114 ALA A CA  1 
ATOM   821  C C   . ALA A 1 115 ? -3.431  3.970   2.760   1.00 23.06 ? 114 ALA A C   1 
ATOM   822  O O   . ALA A 1 115 ? -3.944  4.758   3.542   1.00 23.05 ? 114 ALA A O   1 
ATOM   823  C CB  . ALA A 1 115 ? -3.220  4.531   0.360   1.00 23.09 ? 114 ALA A CB  1 
ATOM   824  N N   . SER A 1 116 ? -3.644  2.672   2.812   1.00 23.45 ? 115 SER A N   1 
ATOM   825  C CA  . SER A 1 116 ? -4.647  2.115   3.696   1.00 24.04 ? 115 SER A CA  1 
ATOM   826  C C   . SER A 1 116 ? -4.214  2.177   5.165   1.00 23.92 ? 115 SER A C   1 
ATOM   827  O O   . SER A 1 116 ? -4.999  2.494   6.058   1.00 23.64 ? 115 SER A O   1 
ATOM   828  C CB  . SER A 1 116 ? -4.937  0.669   3.290   1.00 24.13 ? 115 SER A CB  1 
ATOM   829  O OG  . SER A 1 116 ? -6.168  0.283   3.861   1.00 25.41 ? 115 SER A OG  1 
ATOM   830  N N   . LYS A 1 117 ? -2.942  1.875   5.381   1.00 23.98 ? 116 LYS A N   1 
ATOM   831  C CA  . LYS A 1 117 ? -2.343  1.843   6.703   1.00 23.93 ? 116 LYS A CA  1 
ATOM   832  C C   . LYS A 1 117 ? -1.679  3.191   7.079   1.00 23.36 ? 116 LYS A C   1 
ATOM   833  O O   . LYS A 1 117 ? -0.999  3.290   8.107   1.00 23.16 ? 116 LYS A O   1 
ATOM   834  C CB  . LYS A 1 117 ? -1.319  0.706   6.755   1.00 24.37 ? 116 LYS A CB  1 
ATOM   835  C CG  . LYS A 1 117 ? -1.919  -0.693  6.623   1.00 25.73 ? 116 LYS A CG  1 
ATOM   836  C CD  . LYS A 1 117 ? -1.557  -1.570  7.823   1.00 29.11 ? 116 LYS A CD  1 
ATOM   837  C CE  . LYS A 1 117 ? -2.522  -2.732  7.987   1.00 31.58 ? 116 LYS A CE  1 
ATOM   838  N NZ  . LYS A 1 117 ? -2.652  -3.465  6.685   1.00 33.98 ? 116 LYS A NZ  1 
ATOM   839  N N   . ASN A 1 118 ? -1.889  4.218   6.249   1.00 22.72 ? 117 ASN A N   1 
ATOM   840  C CA  . ASN A 1 118 ? -1.518  5.598   6.569   1.00 22.35 ? 117 ASN A CA  1 
ATOM   841  C C   . ASN A 1 118 ? -0.007  5.852   6.612   1.00 21.93 ? 117 ASN A C   1 
ATOM   842  O O   . ASN A 1 118 ? 0.477   6.650   7.406   1.00 21.52 ? 117 ASN A O   1 
ATOM   843  C CB  . ASN A 1 118 ? -2.185  6.023   7.892   1.00 22.59 ? 117 ASN A CB  1 
ATOM   844  C CG  . ASN A 1 118 ? -2.874  7.369   7.806   1.00 22.76 ? 117 ASN A CG  1 
ATOM   845  O OD1 . ASN A 1 118 ? -2.633  8.164   6.910   1.00 24.06 ? 117 ASN A OD1 1 
ATOM   846  N ND2 . ASN A 1 118 ? -3.736  7.627   8.758   1.00 25.19 ? 117 ASN A ND2 1 
ATOM   847  N N   . ARG A 1 119 ? 0.719   5.189   5.725   1.00 22.02 ? 118 ARG A N   1 
ATOM   848  C CA  . ARG A 1 119 ? 2.180   5.278   5.659   1.00 22.22 ? 118 ARG A CA  1 
ATOM   849  C C   . ARG A 1 119 ? 2.618   6.449   4.776   1.00 23.18 ? 118 ARG A C   1 
ATOM   850  O O   . ARG A 1 119 ? 2.900   6.271   3.586   1.00 23.40 ? 118 ARG A O   1 
ATOM   851  C CB  . ARG A 1 119 ? 2.777   3.968   5.110   1.00 21.90 ? 118 ARG A CB  1 
ATOM   852  C CG  . ARG A 1 119 ? 2.209   2.688   5.696   1.00 20.09 ? 118 ARG A CG  1 
ATOM   853  C CD  . ARG A 1 119 ? 2.143   2.688   7.201   1.00 17.74 ? 118 ARG A CD  1 
ATOM   854  N NE  . ARG A 1 119 ? 2.073   1.336   7.732   1.00 16.35 ? 118 ARG A NE  1 
ATOM   855  C CZ  . ARG A 1 119 ? 1.941   1.031   9.009   1.00 12.55 ? 118 ARG A CZ  1 
ATOM   856  N NH1 . ARG A 1 119 ? 1.862   1.976   9.924   1.00 11.03 ? 118 ARG A NH1 1 
ATOM   857  N NH2 . ARG A 1 119 ? 1.890   -0.235  9.373   1.00 12.58 ? 118 ARG A NH2 1 
ATOM   858  N N   . HIS A 1 120 ? 2.684   7.646   5.358   1.00 24.14 ? 119 HIS A N   1 
ATOM   859  C CA  . HIS A 1 120 ? 2.832   8.880   4.564   1.00 24.65 ? 119 HIS A CA  1 
ATOM   860  C C   . HIS A 1 120 ? 4.124   8.925   3.784   1.00 24.66 ? 119 HIS A C   1 
ATOM   861  O O   . HIS A 1 120 ? 4.173   9.357   2.642   1.00 24.84 ? 119 HIS A O   1 
ATOM   862  C CB  . HIS A 1 120 ? 2.776   10.109  5.453   1.00 24.55 ? 119 HIS A CB  1 
ATOM   863  C CG  . HIS A 1 120 ? 1.632   10.096  6.404   1.00 26.01 ? 119 HIS A CG  1 
ATOM   864  N ND1 . HIS A 1 120 ? 0.328   10.308  5.998   1.00 27.26 ? 119 HIS A ND1 1 
ATOM   865  C CD2 . HIS A 1 120 ? 1.587   9.883   7.740   1.00 26.64 ? 119 HIS A CD2 1 
ATOM   866  C CE1 . HIS A 1 120 ? -0.467  10.241  7.049   1.00 27.39 ? 119 HIS A CE1 1 
ATOM   867  N NE2 . HIS A 1 120 ? 0.271   9.979   8.116   1.00 28.10 ? 119 HIS A NE2 1 
ATOM   868  N N   . GLU A 1 121 ? 5.170   8.446   4.409   1.00 24.55 ? 120 GLU A N   1 
ATOM   869  C CA  . GLU A 1 121 ? 6.499   8.755   3.953   1.00 24.96 ? 120 GLU A CA  1 
ATOM   870  C C   . GLU A 1 121 ? 6.897   7.684   2.972   1.00 23.89 ? 120 GLU A C   1 
ATOM   871  O O   . GLU A 1 121 ? 7.657   7.940   2.056   1.00 23.96 ? 120 GLU A O   1 
ATOM   872  C CB  . GLU A 1 121 ? 7.415   8.867   5.168   1.00 25.91 ? 120 GLU A CB  1 
ATOM   873  C CG  . GLU A 1 121 ? 6.586   9.082   6.446   1.00 29.16 ? 120 GLU A CG  1 
ATOM   874  C CD  . GLU A 1 121 ? 7.206   10.024  7.424   1.00 34.25 ? 120 GLU A CD  1 
ATOM   875  O OE1 . GLU A 1 121 ? 8.457   10.106  7.444   1.00 38.67 ? 120 GLU A OE1 1 
ATOM   876  O OE2 . GLU A 1 121 ? 6.436   10.686  8.168   1.00 37.78 ? 120 GLU A OE2 1 
ATOM   877  N N   . ILE A 1 122 ? 6.315   6.500   3.158   1.00 22.79 ? 121 ILE A N   1 
ATOM   878  C CA  . ILE A 1 122 ? 6.445   5.368   2.262   1.00 21.21 ? 121 ILE A CA  1 
ATOM   879  C C   . ILE A 1 122 ? 5.664   5.668   1.001   1.00 20.75 ? 121 ILE A C   1 
ATOM   880  O O   . ILE A 1 122 ? 6.111   5.351   -0.105  1.00 21.06 ? 121 ILE A O   1 
ATOM   881  C CB  . ILE A 1 122 ? 5.950   4.082   2.975   1.00 20.49 ? 121 ILE A CB  1 
ATOM   882  C CG1 . ILE A 1 122 ? 7.044   3.591   3.926   1.00 20.54 ? 121 ILE A CG1 1 
ATOM   883  C CG2 . ILE A 1 122 ? 5.644   2.995   1.999   1.00 20.78 ? 121 ILE A CG2 1 
ATOM   884  C CD1 . ILE A 1 122 ? 6.638   2.516   4.898   1.00 20.23 ? 121 ILE A CD1 1 
ATOM   885  N N   . ALA A 1 123 ? 4.514   6.305   1.153   1.00 19.98 ? 122 ALA A N   1 
ATOM   886  C CA  . ALA A 1 123 ? 3.708   6.650   -0.010  1.00 19.99 ? 122 ALA A CA  1 
ATOM   887  C C   . ALA A 1 123 ? 4.483   7.596   -0.903  1.00 19.36 ? 122 ALA A C   1 
ATOM   888  O O   . ALA A 1 123 ? 4.536   7.407   -2.120  1.00 19.18 ? 122 ALA A O   1 
ATOM   889  C CB  . ALA A 1 123 ? 2.380   7.279   0.398   1.00 20.20 ? 122 ALA A CB  1 
ATOM   890  N N   . VAL A 1 124 ? 5.093   8.599   -0.276  1.00 18.58 ? 123 VAL A N   1 
ATOM   891  C CA  . VAL A 1 124 ? 5.918   9.567   -0.968  1.00 18.02 ? 123 VAL A CA  1 
ATOM   892  C C   . VAL A 1 124 ? 7.051   8.832   -1.674  1.00 18.05 ? 123 VAL A C   1 
ATOM   893  O O   . VAL A 1 124 ? 7.264   9.044   -2.857  1.00 18.26 ? 123 VAL A O   1 
ATOM   894  C CB  . VAL A 1 124 ? 6.448   10.659  -0.011  1.00 17.76 ? 123 VAL A CB  1 
ATOM   895  C CG1 . VAL A 1 124 ? 7.447   11.548  -0.702  1.00 18.01 ? 123 VAL A CG1 1 
ATOM   896  C CG2 . VAL A 1 124 ? 5.324   11.522  0.470   1.00 17.13 ? 123 VAL A CG2 1 
ATOM   897  N N   . MET A 1 125 ? 7.733   7.927   -0.986  1.00 17.96 ? 124 MET A N   1 
ATOM   898  C CA  . MET A 1 125 ? 8.839   7.180   -1.613  1.00 18.34 ? 124 MET A CA  1 
ATOM   899  C C   . MET A 1 125 ? 8.405   6.401   -2.851  1.00 18.40 ? 124 MET A C   1 
ATOM   900  O O   . MET A 1 125 ? 9.107   6.396   -3.869  1.00 18.18 ? 124 MET A O   1 
ATOM   901  C CB  . MET A 1 125 ? 9.488   6.202   -0.628  1.00 18.44 ? 124 MET A CB  1 
ATOM   902  C CG  . MET A 1 125 ? 10.044  6.886   0.606   1.00 18.75 ? 124 MET A CG  1 
ATOM   903  S SD  . MET A 1 125 ? 10.917  5.821   1.682   1.00 16.62 ? 124 MET A SD  1 
ATOM   904  C CE  . MET A 1 125 ? 12.387  5.928   0.756   1.00 21.89 ? 124 MET A CE  1 
ATOM   905  N N   . LEU A 1 126 ? 7.253   5.745   -2.748  1.00 18.67 ? 125 LEU A N   1 
ATOM   906  C CA  . LEU A 1 126 ? 6.735   4.905   -3.824  1.00 18.66 ? 125 LEU A CA  1 
ATOM   907  C C   . LEU A 1 126 ? 6.358   5.774   -5.010  1.00 19.03 ? 125 LEU A C   1 
ATOM   908  O O   . LEU A 1 126 ? 6.735   5.498   -6.145  1.00 18.93 ? 125 LEU A O   1 
ATOM   909  C CB  . LEU A 1 126 ? 5.516   4.101   -3.351  1.00 18.54 ? 125 LEU A CB  1 
ATOM   910  C CG  . LEU A 1 126 ? 5.782   2.987   -2.323  1.00 18.05 ? 125 LEU A CG  1 
ATOM   911  C CD1 . LEU A 1 126 ? 4.498   2.459   -1.710  1.00 17.65 ? 125 LEU A CD1 1 
ATOM   912  C CD2 . LEU A 1 126 ? 6.579   1.844   -2.938  1.00 16.47 ? 125 LEU A CD2 1 
ATOM   913  N N   . LEU A 1 127 ? 5.633   6.852   -4.735  1.00 19.59 ? 126 LEU A N   1 
ATOM   914  C CA  . LEU A 1 127 ? 5.153   7.740   -5.793  1.00 19.74 ? 126 LEU A CA  1 
ATOM   915  C C   . LEU A 1 127 ? 6.331   8.414   -6.473  1.00 19.89 ? 126 LEU A C   1 
ATOM   916  O O   . LEU A 1 127 ? 6.405   8.491   -7.696  1.00 19.56 ? 126 LEU A O   1 
ATOM   917  C CB  . LEU A 1 127 ? 4.178   8.780   -5.222  1.00 19.61 ? 126 LEU A CB  1 
ATOM   918  C CG  . LEU A 1 127 ? 2.805   8.179   -4.929  1.00 19.57 ? 126 LEU A CG  1 
ATOM   919  C CD1 . LEU A 1 127 ? 2.091   8.910   -3.811  1.00 19.54 ? 126 LEU A CD1 1 
ATOM   920  C CD2 . LEU A 1 127 ? 1.954   8.152   -6.199  1.00 20.11 ? 126 LEU A CD2 1 
ATOM   921  N N   . GLU A 1 128 ? 7.265   8.875   -5.656  1.00 20.36 ? 127 GLU A N   1 
ATOM   922  C CA  . GLU A 1 128 ? 8.446   9.545   -6.165  1.00 20.81 ? 127 GLU A CA  1 
ATOM   923  C C   . GLU A 1 128 ? 9.316   8.521   -6.876  1.00 20.47 ? 127 GLU A C   1 
ATOM   924  O O   . GLU A 1 128 ? 10.013  8.865   -7.794  1.00 20.58 ? 127 GLU A O   1 
ATOM   925  C CB  . GLU A 1 128 ? 9.176   10.309  -5.042  1.00 21.03 ? 127 GLU A CB  1 
ATOM   926  C CG  . GLU A 1 128 ? 9.322   11.811  -5.286  1.00 22.22 ? 127 GLU A CG  1 
ATOM   927  C CD  . GLU A 1 128 ? 10.781  12.133  -5.386  1.00 27.02 ? 127 GLU A CD  1 
ATOM   928  O OE1 . GLU A 1 128 ? 11.269  12.548  -6.468  1.00 29.20 ? 127 GLU A OE1 1 
ATOM   929  O OE2 . GLU A 1 128 ? 11.482  11.894  -4.371  1.00 30.97 ? 127 GLU A OE2 1 
ATOM   930  N N   . GLY A 1 129 ? 9.164   7.250   -6.578  1.00 20.58 ? 128 GLY A N   1 
ATOM   931  C CA  . GLY A 1 129 ? 9.840   6.167   -7.278  1.00 20.67 ? 128 GLY A CA  1 
ATOM   932  C C   . GLY A 1 129 ? 9.133   5.531   -8.473  1.00 20.75 ? 128 GLY A C   1 
ATOM   933  O O   . GLY A 1 129 ? 9.586   4.515   -8.990  1.00 20.92 ? 128 GLY A O   1 
ATOM   934  N N   . GLY A 1 130 ? 8.018   6.102   -8.906  1.00 21.02 ? 129 GLY A N   1 
ATOM   935  C CA  . GLY A 1 130 ? 7.365   5.689   -10.143 1.00 21.04 ? 129 GLY A CA  1 
ATOM   936  C C   . GLY A 1 130 ? 6.018   4.988   -10.000 1.00 20.94 ? 129 GLY A C   1 
ATOM   937  O O   . GLY A 1 130 ? 5.468   4.463   -10.976 1.00 21.02 ? 129 GLY A O   1 
ATOM   938  N N   . ALA A 1 131 ? 5.469   4.973   -8.798  1.00 20.51 ? 130 ALA A N   1 
ATOM   939  C CA  . ALA A 1 131 ? 4.235   4.262   -8.587  1.00 20.45 ? 130 ALA A CA  1 
ATOM   940  C C   . ALA A 1 131 ? 3.111   5.000   -9.272  1.00 20.24 ? 130 ALA A C   1 
ATOM   941  O O   . ALA A 1 131 ? 3.069   6.222   -9.245  1.00 20.08 ? 130 ALA A O   1 
ATOM   942  C CB  . ALA A 1 131 ? 3.953   4.119   -7.129  1.00 21.06 ? 130 ALA A CB  1 
ATOM   943  N N   . ASN A 1 132 ? 2.227   4.232   -9.906  1.00 20.24 ? 131 ASN A N   1 
ATOM   944  C CA  . ASN A 1 132 ? 1.012   4.734   -10.533 1.00 20.09 ? 131 ASN A CA  1 
ATOM   945  C C   . ASN A 1 132 ? -0.050  4.966   -9.449  1.00 19.79 ? 131 ASN A C   1 
ATOM   946  O O   . ASN A 1 132 ? -0.475  4.032   -8.771  1.00 20.38 ? 131 ASN A O   1 
ATOM   947  C CB  . ASN A 1 132 ? 0.515   3.718   -11.565 1.00 20.11 ? 131 ASN A CB  1 
ATOM   948  C CG  . ASN A 1 132 ? -0.809  4.124   -12.224 1.00 20.97 ? 131 ASN A CG  1 
ATOM   949  O OD1 . ASN A 1 132 ? -1.271  5.265   -12.114 1.00 22.46 ? 131 ASN A OD1 1 
ATOM   950  N ND2 . ASN A 1 132 ? -1.420  3.175   -12.919 1.00 20.64 ? 131 ASN A ND2 1 
ATOM   951  N N   . PRO A 1 133 ? -0.470  6.202   -9.257  1.00 19.02 ? 132 PRO A N   1 
ATOM   952  C CA  . PRO A 1 133 ? -1.438  6.500   -8.199  1.00 18.81 ? 132 PRO A CA  1 
ATOM   953  C C   . PRO A 1 133 ? -2.851  6.004   -8.543  1.00 18.57 ? 132 PRO A C   1 
ATOM   954  O O   . PRO A 1 133 ? -3.695  5.828   -7.647  1.00 18.85 ? 132 PRO A O   1 
ATOM   955  C CB  . PRO A 1 133 ? -1.408  8.021   -8.139  1.00 18.73 ? 132 PRO A CB  1 
ATOM   956  C CG  . PRO A 1 133 ? -1.083  8.417   -9.523  1.00 18.84 ? 132 PRO A CG  1 
ATOM   957  C CD  . PRO A 1 133 ? -0.090  7.407   -10.008 1.00 18.73 ? 132 PRO A CD  1 
ATOM   958  N N   . ASP A 1 134 ? -3.095  5.796   -9.836  1.00 17.78 ? 133 ASP A N   1 
ATOM   959  C CA  . ASP A 1 134 ? -4.384  5.348   -10.324 1.00 16.96 ? 133 ASP A CA  1 
ATOM   960  C C   . ASP A 1 134 ? -4.496  3.826   -10.481 1.00 16.49 ? 133 ASP A C   1 
ATOM   961  O O   . ASP A 1 134 ? -5.521  3.343   -10.961 1.00 16.63 ? 133 ASP A O   1 
ATOM   962  C CB  . ASP A 1 134 ? -4.696  6.041   -11.651 1.00 16.99 ? 133 ASP A CB  1 
ATOM   963  C CG  . ASP A 1 134 ? -5.042  7.502   -11.476 1.00 16.64 ? 133 ASP A CG  1 
ATOM   964  O OD1 . ASP A 1 134 ? -5.147  7.946   -10.318 1.00 17.57 ? 133 ASP A OD1 1 
ATOM   965  O OD2 . ASP A 1 134 ? -5.231  8.274   -12.435 1.00 14.93 ? 133 ASP A OD2 1 
ATOM   966  N N   . ALA A 1 135 ? -3.467  3.079   -10.077 1.00 15.67 ? 134 ALA A N   1 
ATOM   967  C CA  . ALA A 1 135 ? -3.528  1.621   -10.053 1.00 14.95 ? 134 ALA A CA  1 
ATOM   968  C C   . ALA A 1 135 ? -4.819  1.131   -9.404  1.00 15.19 ? 134 ALA A C   1 
ATOM   969  O O   . ALA A 1 135 ? -5.167  1.538   -8.292  1.00 15.43 ? 134 ALA A O   1 
ATOM   970  C CB  . ALA A 1 135 ? -2.356  1.081   -9.308  1.00 14.66 ? 134 ALA A CB  1 
ATOM   971  N N   . LYS A 1 136 ? -5.538  0.269   -10.108 1.00 15.54 ? 135 LYS A N   1 
ATOM   972  C CA  . LYS A 1 136 ? -6.776  -0.285  -9.605  1.00 15.88 ? 135 LYS A CA  1 
ATOM   973  C C   . LYS A 1 136 ? -6.530  -1.737  -9.255  1.00 16.17 ? 135 LYS A C   1 
ATOM   974  O O   . LYS A 1 136 ? -5.828  -2.430  -9.961  1.00 16.18 ? 135 LYS A O   1 
ATOM   975  C CB  . LYS A 1 136 ? -7.923  -0.165  -10.629 1.00 15.96 ? 135 LYS A CB  1 
ATOM   976  C CG  . LYS A 1 136 ? -7.942  1.082   -11.532 1.00 16.32 ? 135 LYS A CG  1 
ATOM   977  C CD  . LYS A 1 136 ? -9.377  1.621   -11.786 1.00 18.37 ? 135 LYS A CD  1 
ATOM   978  C CE  . LYS A 1 136 ? -10.098 1.010   -13.040 1.00 19.65 ? 135 LYS A CE  1 
ATOM   979  N NZ  . LYS A 1 136 ? -11.549 1.450   -13.139 1.00 19.00 ? 135 LYS A NZ  1 
ATOM   980  N N   . ASP A 1 137 ? -7.126  -2.186  -8.163  1.00 17.16 ? 136 ASP A N   1 
ATOM   981  C CA  . ASP A 1 137 ? -7.030  -3.570  -7.714  1.00 17.94 ? 136 ASP A CA  1 
ATOM   982  C C   . ASP A 1 137 ? -8.113  -4.416  -8.403  1.00 18.40 ? 136 ASP A C   1 
ATOM   983  O O   . ASP A 1 137 ? -8.663  -3.984  -9.402  1.00 18.58 ? 136 ASP A O   1 
ATOM   984  C CB  . ASP A 1 137 ? -7.084  -3.622  -6.169  1.00 18.24 ? 136 ASP A CB  1 
ATOM   985  C CG  . ASP A 1 137 ? -8.465  -3.313  -5.599  1.00 18.06 ? 136 ASP A CG  1 
ATOM   986  O OD1 . ASP A 1 137 ? -8.547  -2.758  -4.504  1.00 17.03 ? 136 ASP A OD1 1 
ATOM   987  O OD2 . ASP A 1 137 ? -9.532  -3.607  -6.146  1.00 20.10 ? 136 ASP A OD2 1 
ATOM   988  N N   . HIS A 1 138 ? -8.424  -5.605  -7.889  1.00 19.28 ? 137 HIS A N   1 
ATOM   989  C CA  . HIS A 1 138 ? -9.385  -6.515  -8.557  1.00 19.92 ? 137 HIS A CA  1 
ATOM   990  C C   . HIS A 1 138 ? -10.841 -6.074  -8.362  1.00 20.72 ? 137 HIS A C   1 
ATOM   991  O O   . HIS A 1 138 ? -11.723 -6.545  -9.076  1.00 20.98 ? 137 HIS A O   1 
ATOM   992  C CB  . HIS A 1 138 ? -9.232  -7.981  -8.083  1.00 19.70 ? 137 HIS A CB  1 
ATOM   993  C CG  . HIS A 1 138 ? -8.004  -8.681  -8.602  1.00 18.97 ? 137 HIS A CG  1 
ATOM   994  N ND1 . HIS A 1 138 ? -7.223  -8.177  -9.621  1.00 19.04 ? 137 HIS A ND1 1 
ATOM   995  C CD2 . HIS A 1 138 ? -7.423  -9.847  -8.231  1.00 18.15 ? 137 HIS A CD2 1 
ATOM   996  C CE1 . HIS A 1 138 ? -6.215  -8.999  -9.854  1.00 17.68 ? 137 HIS A CE1 1 
ATOM   997  N NE2 . HIS A 1 138 ? -6.312  -10.019 -9.023  1.00 17.56 ? 137 HIS A NE2 1 
ATOM   998  N N   . TYR A 1 139 ? -11.079 -5.213  -7.368  1.00 21.82 ? 138 TYR A N   1 
ATOM   999  C CA  . TYR A 1 139 ? -12.373 -4.547  -7.143  1.00 22.65 ? 138 TYR A CA  1 
ATOM   1000 C C   . TYR A 1 139 ? -12.395 -3.138  -7.738  1.00 23.06 ? 138 TYR A C   1 
ATOM   1001 O O   . TYR A 1 139 ? -13.294 -2.339  -7.463  1.00 22.75 ? 138 TYR A O   1 
ATOM   1002 C CB  . TYR A 1 139 ? -12.721 -4.550  -5.639  1.00 22.78 ? 138 TYR A CB  1 
ATOM   1003 C CG  . TYR A 1 139 ? -13.060 -5.955  -5.168  1.00 24.99 ? 138 TYR A CG  1 
ATOM   1004 C CD1 . TYR A 1 139 ? -14.198 -6.619  -5.674  1.00 26.45 ? 138 TYR A CD1 1 
ATOM   1005 C CD2 . TYR A 1 139 ? -12.219 -6.656  -4.284  1.00 26.52 ? 138 TYR A CD2 1 
ATOM   1006 C CE1 . TYR A 1 139 ? -14.503 -7.930  -5.295  1.00 27.49 ? 138 TYR A CE1 1 
ATOM   1007 C CE2 . TYR A 1 139 ? -12.524 -7.980  -3.888  1.00 27.40 ? 138 TYR A CE2 1 
ATOM   1008 C CZ  . TYR A 1 139 ? -13.667 -8.605  -4.400  1.00 27.98 ? 138 TYR A CZ  1 
ATOM   1009 O OH  . TYR A 1 139 ? -13.990 -9.898  -4.037  1.00 27.63 ? 138 TYR A OH  1 
ATOM   1010 N N   . GLU A 1 140 ? -11.409 -2.871  -8.591  1.00 23.92 ? 139 GLU A N   1 
ATOM   1011 C CA  . GLU A 1 140 ? -11.246 -1.592  -9.295  1.00 24.71 ? 139 GLU A CA  1 
ATOM   1012 C C   . GLU A 1 140 ? -11.107 -0.379  -8.369  1.00 24.03 ? 139 GLU A C   1 
ATOM   1013 O O   . GLU A 1 140 ? -11.499 0.726   -8.719  1.00 23.62 ? 139 GLU A O   1 
ATOM   1014 C CB  . GLU A 1 140 ? -12.377 -1.384  -10.330 1.00 25.50 ? 139 GLU A CB  1 
ATOM   1015 C CG  . GLU A 1 140 ? -12.271 -2.319  -11.534 1.00 27.91 ? 139 GLU A CG  1 
ATOM   1016 C CD  . GLU A 1 140 ? -13.502 -2.282  -12.433 1.00 32.12 ? 139 GLU A CD  1 
ATOM   1017 O OE1 . GLU A 1 140 ? -14.596 -2.677  -11.976 1.00 34.57 ? 139 GLU A OE1 1 
ATOM   1018 O OE2 . GLU A 1 140 ? -13.382 -1.867  -13.607 1.00 35.44 ? 139 GLU A OE2 1 
ATOM   1019 N N   . ALA A 1 141 ? -10.511 -0.591  -7.206  1.00 23.67 ? 140 ALA A N   1 
ATOM   1020 C CA  . ALA A 1 141 ? -10.361 0.466   -6.230  1.00 23.46 ? 140 ALA A CA  1 
ATOM   1021 C C   . ALA A 1 141 ? -8.930  0.980   -6.232  1.00 23.30 ? 140 ALA A C   1 
ATOM   1022 O O   . ALA A 1 141 ? -8.016  0.238   -6.508  1.00 22.77 ? 140 ALA A O   1 
ATOM   1023 C CB  . ALA A 1 141 ? -10.744 -0.050  -4.867  1.00 23.57 ? 140 ALA A CB  1 
ATOM   1024 N N   . THR A 1 142 ? -8.762  2.257   -5.912  1.00 23.63 ? 141 THR A N   1 
ATOM   1025 C CA  . THR A 1 142 ? -7.458  2.917   -5.885  1.00 23.99 ? 141 THR A CA  1 
ATOM   1026 C C   . THR A 1 142 ? -6.953  3.139   -4.468  1.00 24.04 ? 141 THR A C   1 
ATOM   1027 O O   . THR A 1 142 ? -7.667  2.909   -3.495  1.00 24.27 ? 141 THR A O   1 
ATOM   1028 C CB  . THR A 1 142 ? -7.548  4.304   -6.578  1.00 24.22 ? 141 THR A CB  1 
ATOM   1029 O OG1 . THR A 1 142 ? -8.439  5.179   -5.864  1.00 24.37 ? 141 THR A OG1 1 
ATOM   1030 C CG2 . THR A 1 142 ? -8.171  4.190   -7.957  1.00 24.56 ? 141 THR A CG2 1 
ATOM   1031 N N   . ALA A 1 143 ? -5.721  3.622   -4.360  1.00 24.13 ? 142 ALA A N   1 
ATOM   1032 C CA  . ALA A 1 143 ? -5.193  4.109   -3.088  1.00 24.20 ? 142 ALA A CA  1 
ATOM   1033 C C   . ALA A 1 143 ? -6.111  5.208   -2.506  1.00 24.22 ? 142 ALA A C   1 
ATOM   1034 O O   . ALA A 1 143 ? -6.352  5.274   -1.312  1.00 23.66 ? 142 ALA A O   1 
ATOM   1035 C CB  . ALA A 1 143 ? -3.777  4.633   -3.288  1.00 24.00 ? 142 ALA A CB  1 
ATOM   1036 N N   . MET A 1 144 ? -6.647  6.040   -3.386  1.00 24.46 ? 143 MET A N   1 
ATOM   1037 C CA  . MET A 1 144 ? -7.483  7.160   -2.997  1.00 24.83 ? 143 MET A CA  1 
ATOM   1038 C C   . MET A 1 144 ? -8.838  6.691   -2.433  1.00 24.05 ? 143 MET A C   1 
ATOM   1039 O O   . MET A 1 144 ? -9.432  7.337   -1.588  1.00 23.11 ? 143 MET A O   1 
ATOM   1040 C CB  . MET A 1 144 ? -7.689  8.055   -4.219  1.00 25.58 ? 143 MET A CB  1 
ATOM   1041 C CG  . MET A 1 144 ? -8.540  9.278   -3.980  1.00 27.77 ? 143 MET A CG  1 
ATOM   1042 S SD  . MET A 1 144 ? -7.654  10.413  -2.958  1.00 32.96 ? 143 MET A SD  1 
ATOM   1043 C CE  . MET A 1 144 ? -6.805  11.285  -4.213  1.00 33.82 ? 143 MET A CE  1 
ATOM   1044 N N   . HIS A 1 145 ? -9.325  5.564   -2.927  1.00 23.57 ? 144 HIS A N   1 
ATOM   1045 C CA  . HIS A 1 145 ? -10.507 4.948   -2.364  1.00 22.85 ? 144 HIS A CA  1 
ATOM   1046 C C   . HIS A 1 145 ? -10.231 4.592   -0.926  1.00 22.45 ? 144 HIS A C   1 
ATOM   1047 O O   . HIS A 1 145 ? -11.054 4.823   -0.064  1.00 22.34 ? 144 HIS A O   1 
ATOM   1048 C CB  . HIS A 1 145 ? -10.883 3.685   -3.134  1.00 22.69 ? 144 HIS A CB  1 
ATOM   1049 C CG  . HIS A 1 145 ? -11.694 3.949   -4.359  1.00 22.66 ? 144 HIS A CG  1 
ATOM   1050 N ND1 . HIS A 1 145 ? -11.129 4.109   -5.604  1.00 22.16 ? 144 HIS A ND1 1 
ATOM   1051 C CD2 . HIS A 1 145 ? -13.035 4.076   -4.531  1.00 22.46 ? 144 HIS A CD2 1 
ATOM   1052 C CE1 . HIS A 1 145 ? -12.087 4.311   -6.494  1.00 23.21 ? 144 HIS A CE1 1 
ATOM   1053 N NE2 . HIS A 1 145 ? -13.252 4.298   -5.868  1.00 22.23 ? 144 HIS A NE2 1 
ATOM   1054 N N   . ARG A 1 146 ? -9.065  4.018   -0.678  1.00 22.39 ? 145 ARG A N   1 
ATOM   1055 C CA  . ARG A 1 146 ? -8.717  3.506   0.649   1.00 22.36 ? 145 ARG A CA  1 
ATOM   1056 C C   . ARG A 1 146 ? -8.524  4.657   1.634   1.00 21.80 ? 145 ARG A C   1 
ATOM   1057 O O   . ARG A 1 146 ? -8.990  4.612   2.755   1.00 20.69 ? 145 ARG A O   1 
ATOM   1058 C CB  . ARG A 1 146 ? -7.416  2.695   0.586   1.00 22.85 ? 145 ARG A CB  1 
ATOM   1059 C CG  . ARG A 1 146 ? -7.389  1.537   -0.375  1.00 23.86 ? 145 ARG A CG  1 
ATOM   1060 C CD  . ARG A 1 146 ? -7.623  0.214   0.299   1.00 27.54 ? 145 ARG A CD  1 
ATOM   1061 N NE  . ARG A 1 146 ? -7.073  -0.937  -0.422  1.00 30.36 ? 145 ARG A NE  1 
ATOM   1062 C CZ  . ARG A 1 146 ? -7.522  -1.379  -1.591  1.00 31.21 ? 145 ARG A CZ  1 
ATOM   1063 N NH1 . ARG A 1 146 ? -8.504  -0.751  -2.223  1.00 31.92 ? 145 ARG A NH1 1 
ATOM   1064 N NH2 . ARG A 1 146 ? -6.954  -2.446  -2.141  1.00 31.52 ? 145 ARG A NH2 1 
ATOM   1065 N N   . ALA A 1 147 ? -7.824  5.691   1.189   1.00 21.58 ? 146 ALA A N   1 
ATOM   1066 C CA  . ALA A 1 147 ? -7.530  6.836   2.023   1.00 21.59 ? 146 ALA A CA  1 
ATOM   1067 C C   . ALA A 1 147 ? -8.812  7.598   2.383   1.00 21.66 ? 146 ALA A C   1 
ATOM   1068 O O   . ALA A 1 147 ? -9.011  7.999   3.537   1.00 21.65 ? 146 ALA A O   1 
ATOM   1069 C CB  . ALA A 1 147 ? -6.577  7.737   1.304   1.00 21.57 ? 146 ALA A CB  1 
ATOM   1070 N N   . ALA A 1 148 ? -9.680  7.784   1.390   1.00 21.36 ? 147 ALA A N   1 
ATOM   1071 C CA  . ALA A 1 148 ? -10.955 8.488   1.578   1.00 20.97 ? 147 ALA A CA  1 
ATOM   1072 C C   . ALA A 1 148 ? -11.826 7.765   2.579   1.00 20.68 ? 147 ALA A C   1 
ATOM   1073 O O   . ALA A 1 148 ? -12.438 8.396   3.423   1.00 20.77 ? 147 ALA A O   1 
ATOM   1074 C CB  . ALA A 1 148 ? -11.702 8.632   0.248   1.00 20.70 ? 147 ALA A CB  1 
ATOM   1075 N N   . ALA A 1 149 ? -11.863 6.441   2.486   1.00 20.58 ? 148 ALA A N   1 
ATOM   1076 C CA  . ALA A 1 149 ? -12.744 5.633   3.322   1.00 20.46 ? 148 ALA A CA  1 
ATOM   1077 C C   . ALA A 1 149 ? -12.242 5.600   4.747   1.00 20.56 ? 148 ALA A C   1 
ATOM   1078 O O   . ALA A 1 149 ? -13.028 5.650   5.676   1.00 21.07 ? 148 ALA A O   1 
ATOM   1079 C CB  . ALA A 1 149 ? -12.851 4.235   2.787   1.00 20.35 ? 148 ALA A CB  1 
ATOM   1080 N N   . LYS A 1 150 ? -10.934 5.538   4.930   1.00 20.59 ? 149 LYS A N   1 
ATOM   1081 C CA  . LYS A 1 150 ? -10.378 5.492   6.268   1.00 20.80 ? 149 LYS A CA  1 
ATOM   1082 C C   . LYS A 1 150 ? -10.355 6.852   6.930   1.00 20.96 ? 149 LYS A C   1 
ATOM   1083 O O   . LYS A 1 150 ? -10.243 6.917   8.140   1.00 21.45 ? 149 LYS A O   1 
ATOM   1084 C CB  . LYS A 1 150 ? -8.964  4.929   6.249   1.00 20.92 ? 149 LYS A CB  1 
ATOM   1085 C CG  . LYS A 1 150 ? -8.883  3.530   5.653   1.00 22.21 ? 149 LYS A CG  1 
ATOM   1086 C CD  . LYS A 1 150 ? -8.559  2.440   6.665   1.00 23.48 ? 149 LYS A CD  1 
ATOM   1087 C CE  . LYS A 1 150 ? -8.790  1.076   6.052   1.00 24.62 ? 149 LYS A CE  1 
ATOM   1088 N NZ  . LYS A 1 150 ? -7.888  0.052   6.630   1.00 25.53 ? 149 LYS A NZ  1 
ATOM   1089 N N   . GLY A 1 151 ? -10.463 7.929   6.150   1.00 21.14 ? 150 GLY A N   1 
ATOM   1090 C CA  . GLY A 1 151 ? -10.285 9.280   6.665   1.00 21.30 ? 150 GLY A CA  1 
ATOM   1091 C C   . GLY A 1 151 ? -8.823  9.620   6.900   1.00 21.44 ? 150 GLY A C   1 
ATOM   1092 O O   . GLY A 1 151 ? -8.422  9.932   8.012   1.00 21.43 ? 150 GLY A O   1 
ATOM   1093 N N   . ASN A 1 152 ? -8.028  9.537   5.842   1.00 21.99 ? 151 ASN A N   1 
ATOM   1094 C CA  . ASN A 1 152 ? -6.596  9.820   5.895   1.00 22.56 ? 151 ASN A CA  1 
ATOM   1095 C C   . ASN A 1 152 ? -6.332  11.104  5.125   1.00 22.90 ? 151 ASN A C   1 
ATOM   1096 O O   . ASN A 1 152 ? -5.906  11.080  3.966   1.00 22.74 ? 151 ASN A O   1 
ATOM   1097 C CB  . ASN A 1 152 ? -5.793  8.667   5.295   1.00 22.86 ? 151 ASN A CB  1 
ATOM   1098 C CG  . ASN A 1 152 ? -5.854  7.409   6.139   1.00 23.75 ? 151 ASN A CG  1 
ATOM   1099 O OD1 . ASN A 1 152 ? -5.379  6.354   5.720   1.00 24.80 ? 151 ASN A OD1 1 
ATOM   1100 N ND2 . ASN A 1 152 ? -6.446  7.509   7.330   1.00 24.94 ? 151 ASN A ND2 1 
ATOM   1101 N N   . LEU A 1 153 ? -6.619  12.220  5.785   1.00 23.46 ? 152 LEU A N   1 
ATOM   1102 C CA  . LEU A 1 153 ? -6.601  13.523  5.157   1.00 23.83 ? 152 LEU A CA  1 
ATOM   1103 C C   . LEU A 1 153 ? -5.235  13.809  4.545   1.00 24.52 ? 152 LEU A C   1 
ATOM   1104 O O   . LEU A 1 153 ? -5.157  14.141  3.360   1.00 24.67 ? 152 LEU A O   1 
ATOM   1105 C CB  . LEU A 1 153 ? -6.983  14.598  6.176   1.00 23.82 ? 152 LEU A CB  1 
ATOM   1106 C CG  . LEU A 1 153 ? -7.108  16.036  5.670   1.00 23.15 ? 152 LEU A CG  1 
ATOM   1107 C CD1 . LEU A 1 153 ? -8.183  16.127  4.610   1.00 22.82 ? 152 LEU A CD1 1 
ATOM   1108 C CD2 . LEU A 1 153 ? -7.401  16.993  6.827   1.00 23.34 ? 152 LEU A CD2 1 
ATOM   1109 N N   . LYS A 1 154 ? -4.164  13.648  5.328   1.00 24.90 ? 153 LYS A N   1 
ATOM   1110 C CA  . LYS A 1 154 ? -2.819  13.929  4.826   1.00 25.43 ? 153 LYS A CA  1 
ATOM   1111 C C   . LYS A 1 154 ? -2.427  13.028  3.651   1.00 24.98 ? 153 LYS A C   1 
ATOM   1112 O O   . LYS A 1 154 ? -1.764  13.466  2.732   1.00 25.31 ? 153 LYS A O   1 
ATOM   1113 C CB  . LYS A 1 154 ? -1.783  13.828  5.945   1.00 25.95 ? 153 LYS A CB  1 
ATOM   1114 C CG  . LYS A 1 154 ? -0.339  14.069  5.461   1.00 28.60 ? 153 LYS A CG  1 
ATOM   1115 C CD  . LYS A 1 154 ? 0.649   14.306  6.636   1.00 31.91 ? 153 LYS A CD  1 
ATOM   1116 C CE  . LYS A 1 154 ? 2.072   14.644  6.128   1.00 32.25 ? 153 LYS A CE  1 
ATOM   1117 N NZ  . LYS A 1 154 ? 3.069   14.317  7.169   1.00 32.62 ? 153 LYS A NZ  1 
ATOM   1118 N N   . MET A 1 155 ? -2.845  11.773  3.686   1.00 24.79 ? 154 MET A N   1 
ATOM   1119 C CA  . MET A 1 155 ? -2.578  10.826  2.600   1.00 24.56 ? 154 MET A CA  1 
ATOM   1120 C C   . MET A 1 155 ? -3.268  11.247  1.307   1.00 24.41 ? 154 MET A C   1 
ATOM   1121 O O   . MET A 1 155 ? -2.769  10.989  0.219   1.00 24.65 ? 154 MET A O   1 
ATOM   1122 C CB  . MET A 1 155 ? -3.066  9.418   2.998   1.00 24.53 ? 154 MET A CB  1 
ATOM   1123 C CG  . MET A 1 155 ? -2.794  8.305   1.979   1.00 24.34 ? 154 MET A CG  1 
ATOM   1124 S SD  . MET A 1 155 ? -1.045  8.122   1.536   1.00 24.50 ? 154 MET A SD  1 
ATOM   1125 C CE  . MET A 1 155 ? -0.325  7.471   2.996   1.00 22.95 ? 154 MET A CE  1 
ATOM   1126 N N   . ILE A 1 156 ? -4.435  11.864  1.422   1.00 23.96 ? 155 ILE A N   1 
ATOM   1127 C CA  . ILE A 1 156 ? -5.148  12.321  0.243   1.00 23.68 ? 155 ILE A CA  1 
ATOM   1128 C C   . ILE A 1 156 ? -4.378  13.472  -0.384  1.00 23.36 ? 155 ILE A C   1 
ATOM   1129 O O   . ILE A 1 156 ? -4.291  13.572  -1.601  1.00 24.06 ? 155 ILE A O   1 
ATOM   1130 C CB  . ILE A 1 156 ? -6.588  12.735  0.581   1.00 23.63 ? 155 ILE A CB  1 
ATOM   1131 C CG1 . ILE A 1 156 ? -7.398  11.497  0.968   1.00 24.45 ? 155 ILE A CG1 1 
ATOM   1132 C CG2 . ILE A 1 156 ? -7.234  13.410  -0.611  1.00 23.46 ? 155 ILE A CG2 1 
ATOM   1133 C CD1 . ILE A 1 156 ? -8.764  11.795  1.581   1.00 25.31 ? 155 ILE A CD1 1 
ATOM   1134 N N   . HIS A 1 157 ? -3.822  14.347  0.441   1.00 22.51 ? 156 HIS A N   1 
ATOM   1135 C CA  . HIS A 1 157 ? -3.037  15.457  -0.076  1.00 21.49 ? 156 HIS A CA  1 
ATOM   1136 C C   . HIS A 1 157 ? -1.878  14.895  -0.873  1.00 21.26 ? 156 HIS A C   1 
ATOM   1137 O O   . HIS A 1 157 ? -1.564  15.411  -1.938  1.00 21.41 ? 156 HIS A O   1 
ATOM   1138 C CB  . HIS A 1 157 ? -2.501  16.335  1.058   1.00 21.21 ? 156 HIS A CB  1 
ATOM   1139 C CG  . HIS A 1 157 ? -3.485  17.338  1.558   1.00 19.22 ? 156 HIS A CG  1 
ATOM   1140 N ND1 . HIS A 1 157 ? -3.859  18.439  0.819   1.00 18.26 ? 156 HIS A ND1 1 
ATOM   1141 C CD2 . HIS A 1 157 ? -4.163  17.415  2.726   1.00 17.32 ? 156 HIS A CD2 1 
ATOM   1142 C CE1 . HIS A 1 157 ? -4.731  19.150  1.511   1.00 18.75 ? 156 HIS A CE1 1 
ATOM   1143 N NE2 . HIS A 1 157 ? -4.935  18.549  2.670   1.00 18.20 ? 156 HIS A NE2 1 
ATOM   1144 N N   . ILE A 1 158 ? -1.259  13.834  -0.353  1.00 20.57 ? 157 ILE A N   1 
ATOM   1145 C CA  . ILE A 1 158 ? -0.106  13.231  -0.998  1.00 20.18 ? 157 ILE A CA  1 
ATOM   1146 C C   . ILE A 1 158 ? -0.501  12.684  -2.348  1.00 20.19 ? 157 ILE A C   1 
ATOM   1147 O O   . ILE A 1 158 ? 0.113   12.986  -3.351  1.00 19.78 ? 157 ILE A O   1 
ATOM   1148 C CB  . ILE A 1 158 ? 0.490   12.103  -0.129  1.00 20.08 ? 157 ILE A CB  1 
ATOM   1149 C CG1 . ILE A 1 158 ? 1.208   12.712  1.080   1.00 19.54 ? 157 ILE A CG1 1 
ATOM   1150 C CG2 . ILE A 1 158 ? 1.461   11.241  -0.963  1.00 19.28 ? 157 ILE A CG2 1 
ATOM   1151 C CD1 . ILE A 1 158 ? 1.627   11.729  2.131   1.00 18.50 ? 157 ILE A CD1 1 
ATOM   1152 N N   . LEU A 1 159 ? -1.543  11.871  -2.350  1.00 20.65 ? 158 LEU A N   1 
ATOM   1153 C CA  . LEU A 1 159 ? -2.024  11.226  -3.569  1.00 20.95 ? 158 LEU A CA  1 
ATOM   1154 C C   . LEU A 1 159 ? -2.364  12.260  -4.630  1.00 20.77 ? 158 LEU A C   1 
ATOM   1155 O O   . LEU A 1 159 ? -1.977  12.120  -5.780  1.00 20.46 ? 158 LEU A O   1 
ATOM   1156 C CB  . LEU A 1 159 ? -3.250  10.346  -3.269  1.00 20.85 ? 158 LEU A CB  1 
ATOM   1157 C CG  . LEU A 1 159 ? -2.909  9.079   -2.488  1.00 20.77 ? 158 LEU A CG  1 
ATOM   1158 C CD1 . LEU A 1 159 ? -4.181  8.438   -1.946  1.00 21.75 ? 158 LEU A CD1 1 
ATOM   1159 C CD2 . LEU A 1 159 ? -2.151  8.105   -3.383  1.00 21.08 ? 158 LEU A CD2 1 
ATOM   1160 N N   . LEU A 1 160 ? -3.066  13.305  -4.218  1.00 20.76 ? 159 LEU A N   1 
ATOM   1161 C CA  . LEU A 1 160 ? -3.463  14.374  -5.118  1.00 20.88 ? 159 LEU A CA  1 
ATOM   1162 C C   . LEU A 1 160 ? -2.267  15.136  -5.666  1.00 20.65 ? 159 LEU A C   1 
ATOM   1163 O O   . LEU A 1 160 ? -2.307  15.568  -6.804  1.00 20.69 ? 159 LEU A O   1 
ATOM   1164 C CB  . LEU A 1 160 ? -4.379  15.374  -4.409  1.00 21.11 ? 159 LEU A CB  1 
ATOM   1165 C CG  . LEU A 1 160 ? -5.793  14.929  -4.056  1.00 21.64 ? 159 LEU A CG  1 
ATOM   1166 C CD1 . LEU A 1 160 ? -6.399  15.903  -3.061  1.00 21.89 ? 159 LEU A CD1 1 
ATOM   1167 C CD2 . LEU A 1 160 ? -6.640  14.830  -5.315  1.00 22.29 ? 159 LEU A CD2 1 
ATOM   1168 N N   . TYR A 1 161 ? -1.217  15.321  -4.865  1.00 20.41 ? 160 TYR A N   1 
ATOM   1169 C CA  . TYR A 1 161 ? -0.053  16.053  -5.340  1.00 20.12 ? 160 TYR A CA  1 
ATOM   1170 C C   . TYR A 1 161 ? 0.625   15.253  -6.438  1.00 20.57 ? 160 TYR A C   1 
ATOM   1171 O O   . TYR A 1 161 ? 1.129   15.834  -7.402  1.00 21.17 ? 160 TYR A O   1 
ATOM   1172 C CB  . TYR A 1 161 ? 0.942   16.377  -4.220  1.00 19.96 ? 160 TYR A CB  1 
ATOM   1173 C CG  . TYR A 1 161 ? 2.205   17.044  -4.741  1.00 17.91 ? 160 TYR A CG  1 
ATOM   1174 C CD1 . TYR A 1 161 ? 2.203   18.380  -5.120  1.00 16.77 ? 160 TYR A CD1 1 
ATOM   1175 C CD2 . TYR A 1 161 ? 3.380   16.326  -4.894  1.00 15.91 ? 160 TYR A CD2 1 
ATOM   1176 C CE1 . TYR A 1 161 ? 3.356   18.995  -5.618  1.00 15.85 ? 160 TYR A CE1 1 
ATOM   1177 C CE2 . TYR A 1 161 ? 4.529   16.926  -5.385  1.00 15.33 ? 160 TYR A CE2 1 
ATOM   1178 C CZ  . TYR A 1 161 ? 4.514   18.259  -5.750  1.00 14.59 ? 160 TYR A CZ  1 
ATOM   1179 O OH  . TYR A 1 161 ? 5.647   18.844  -6.254  1.00 11.84 ? 160 TYR A OH  1 
ATOM   1180 N N   . TYR A 1 162 ? 0.625   13.927  -6.304  1.00 20.75 ? 161 TYR A N   1 
ATOM   1181 C CA  . TYR A 1 162 ? 1.194   13.047  -7.327  1.00 20.96 ? 161 TYR A CA  1 
ATOM   1182 C C   . TYR A 1 162 ? 0.195   12.656  -8.407  1.00 21.62 ? 161 TYR A C   1 
ATOM   1183 O O   . TYR A 1 162 ? 0.409   11.694  -9.132  1.00 21.43 ? 161 TYR A O   1 
ATOM   1184 C CB  . TYR A 1 162 ? 1.785   11.813  -6.685  1.00 20.68 ? 161 TYR A CB  1 
ATOM   1185 C CG  . TYR A 1 162 ? 3.018   12.145  -5.929  1.00 20.03 ? 161 TYR A CG  1 
ATOM   1186 C CD1 . TYR A 1 162 ? 2.971   12.425  -4.582  1.00 20.13 ? 161 TYR A CD1 1 
ATOM   1187 C CD2 . TYR A 1 162 ? 4.239   12.215  -6.573  1.00 19.79 ? 161 TYR A CD2 1 
ATOM   1188 C CE1 . TYR A 1 162 ? 4.114   12.744  -3.890  1.00 20.42 ? 161 TYR A CE1 1 
ATOM   1189 C CE2 . TYR A 1 162 ? 5.381   12.522  -5.896  1.00 19.48 ? 161 TYR A CE2 1 
ATOM   1190 C CZ  . TYR A 1 162 ? 5.318   12.788  -4.556  1.00 20.09 ? 161 TYR A CZ  1 
ATOM   1191 O OH  . TYR A 1 162 ? 6.470   13.102  -3.887  1.00 22.56 ? 161 TYR A OH  1 
ATOM   1192 N N   . LYS A 1 163 ? -0.889  13.427  -8.496  1.00 22.59 ? 162 LYS A N   1 
ATOM   1193 C CA  . LYS A 1 163 ? -1.823  13.437  -9.627  1.00 23.18 ? 162 LYS A CA  1 
ATOM   1194 C C   . LYS A 1 163 ? -2.774  12.242  -9.638  1.00 23.11 ? 162 LYS A C   1 
ATOM   1195 O O   . LYS A 1 163 ? -3.128  11.731  -10.679 1.00 23.22 ? 162 LYS A O   1 
ATOM   1196 C CB  . LYS A 1 163 ? -1.066  13.519  -10.962 1.00 23.30 ? 162 LYS A CB  1 
ATOM   1197 C CG  . LYS A 1 163 ? 0.150   14.425  -10.948 1.00 25.14 ? 162 LYS A CG  1 
ATOM   1198 C CD  . LYS A 1 163 ? -0.178  15.861  -11.307 1.00 27.35 ? 162 LYS A CD  1 
ATOM   1199 C CE  . LYS A 1 163 ? 1.100   16.684  -11.305 1.00 28.93 ? 162 LYS A CE  1 
ATOM   1200 N NZ  . LYS A 1 163 ? 0.887   18.092  -11.742 1.00 29.52 ? 162 LYS A NZ  1 
ATOM   1201 N N   . ALA A 1 164 ? -3.207  11.813  -8.470  1.00 23.35 ? 163 ALA A N   1 
ATOM   1202 C CA  . ALA A 1 164 ? -4.205  10.762  -8.380  1.00 23.54 ? 163 ALA A CA  1 
ATOM   1203 C C   . ALA A 1 164 ? -5.519  11.288  -8.899  1.00 23.99 ? 163 ALA A C   1 
ATOM   1204 O O   . ALA A 1 164 ? -5.845  12.466  -8.737  1.00 24.56 ? 163 ALA A O   1 
ATOM   1205 C CB  . ALA A 1 164 ? -4.370  10.317  -6.957  1.00 23.49 ? 163 ALA A CB  1 
ATOM   1206 N N   . SER A 1 165 ? -6.280  10.414  -9.529  1.00 24.31 ? 164 SER A N   1 
ATOM   1207 C CA  . SER A 1 165 ? -7.624  10.757  -9.957  1.00 24.45 ? 164 SER A CA  1 
ATOM   1208 C C   . SER A 1 165 ? -8.595  10.566  -8.804  1.00 24.04 ? 164 SER A C   1 
ATOM   1209 O O   . SER A 1 165 ? -8.415  9.669   -7.967  1.00 24.32 ? 164 SER A O   1 
ATOM   1210 C CB  . SER A 1 165 ? -8.038  9.893   -11.137 1.00 24.73 ? 164 SER A CB  1 
ATOM   1211 O OG  . SER A 1 165 ? -7.314  10.265  -12.289 1.00 25.26 ? 164 SER A OG  1 
ATOM   1212 N N   . THR A 1 166 ? -9.616  11.422  -8.780  1.00 23.38 ? 165 THR A N   1 
ATOM   1213 C CA  . THR A 1 166 ? -10.630 11.450  -7.722  1.00 22.70 ? 165 THR A CA  1 
ATOM   1214 C C   . THR A 1 166 ? -11.926 10.792  -8.140  1.00 22.43 ? 165 THR A C   1 
ATOM   1215 O O   . THR A 1 166 ? -12.799 10.549  -7.297  1.00 22.88 ? 165 THR A O   1 
ATOM   1216 C CB  . THR A 1 166 ? -10.969 12.891  -7.358  1.00 22.47 ? 165 THR A CB  1 
ATOM   1217 O OG1 . THR A 1 166 ? -11.331 13.621  -8.546  1.00 21.70 ? 165 THR A OG1 1 
ATOM   1218 C CG2 . THR A 1 166 ? -9.759  13.601  -6.802  1.00 22.65 ? 165 THR A CG2 1 
ATOM   1219 N N   . ASN A 1 167 ? -12.073 10.537  -9.437  1.00 21.78 ? 166 ASN A N   1 
ATOM   1220 C CA  . ASN A 1 167 ? -13.360 10.147  -9.990  1.00 21.15 ? 166 ASN A CA  1 
ATOM   1221 C C   . ASN A 1 167 ? -13.401 8.759   -10.648 1.00 20.49 ? 166 ASN A C   1 
ATOM   1222 O O   . ASN A 1 167 ? -14.350 8.417   -11.347 1.00 20.76 ? 166 ASN A O   1 
ATOM   1223 C CB  . ASN A 1 167 ? -13.854 11.266  -10.905 1.00 21.16 ? 166 ASN A CB  1 
ATOM   1224 C CG  . ASN A 1 167 ? -14.303 12.493  -10.116 1.00 21.30 ? 166 ASN A CG  1 
ATOM   1225 O OD1 . ASN A 1 167 ? -15.027 12.374  -9.131  1.00 22.15 ? 166 ASN A OD1 1 
ATOM   1226 N ND2 . ASN A 1 167 ? -13.866 13.664  -10.535 1.00 21.00 ? 166 ASN A ND2 1 
ATOM   1227 N N   . ILE A 1 168 ? -12.385 7.951   -10.370 1.00 19.71 ? 167 ILE A N   1 
ATOM   1228 C CA  . ILE A 1 168 ? -12.359 6.540   -10.752 1.00 18.80 ? 167 ILE A CA  1 
ATOM   1229 C C   . ILE A 1 168 ? -13.397 5.792   -9.937  1.00 18.72 ? 167 ILE A C   1 
ATOM   1230 O O   . ILE A 1 168 ? -13.592 6.097   -8.768  1.00 18.99 ? 167 ILE A O   1 
ATOM   1231 C CB  . ILE A 1 168 ? -10.951 5.961   -10.502 1.00 18.26 ? 167 ILE A CB  1 
ATOM   1232 C CG1 . ILE A 1 168 ? -9.963  6.628   -11.474 1.00 16.51 ? 167 ILE A CG1 1 
ATOM   1233 C CG2 . ILE A 1 168 ? -10.952 4.445   -10.634 1.00 18.54 ? 167 ILE A CG2 1 
ATOM   1234 C CD1 . ILE A 1 168 ? -8.589  6.030   -11.540 1.00 14.32 ? 167 ILE A CD1 1 
ATOM   1235 N N   . GLN A 1 169 ? -14.053 4.815   -10.560 1.00 18.47 ? 168 GLN A N   1 
ATOM   1236 C CA  . GLN A 1 169 ? -15.179 4.112   -9.955  1.00 18.25 ? 168 GLN A CA  1 
ATOM   1237 C C   . GLN A 1 169 ? -14.834 2.651   -9.674  1.00 18.73 ? 168 GLN A C   1 
ATOM   1238 O O   . GLN A 1 169 ? -14.263 1.963   -10.525 1.00 19.00 ? 168 GLN A O   1 
ATOM   1239 C CB  . GLN A 1 169 ? -16.394 4.187   -10.890 1.00 18.07 ? 168 GLN A CB  1 
ATOM   1240 C CG  . GLN A 1 169 ? -16.958 5.597   -11.100 1.00 16.88 ? 168 GLN A CG  1 
ATOM   1241 C CD  . GLN A 1 169 ? -18.217 5.598   -11.941 1.00 15.20 ? 168 GLN A CD  1 
ATOM   1242 O OE1 . GLN A 1 169 ? -19.320 5.567   -11.411 1.00 15.05 ? 168 GLN A OE1 1 
ATOM   1243 N NE2 . GLN A 1 169 ? -18.054 5.635   -13.248 1.00 13.34 ? 168 GLN A NE2 1 
ATOM   1244 N N   . ASP A 1 170 ? -15.190 2.156   -8.494  1.00 19.26 ? 169 ASP A N   1 
ATOM   1245 C CA  . ASP A 1 170 ? -14.918 0.756   -8.179  1.00 19.97 ? 169 ASP A CA  1 
ATOM   1246 C C   . ASP A 1 170 ? -16.020 -0.138  -8.770  1.00 20.41 ? 169 ASP A C   1 
ATOM   1247 O O   . ASP A 1 170 ? -16.881 0.359   -9.488  1.00 20.53 ? 169 ASP A O   1 
ATOM   1248 C CB  . ASP A 1 170 ? -14.666 0.556   -6.669  1.00 19.98 ? 169 ASP A CB  1 
ATOM   1249 C CG  . ASP A 1 170 ? -15.850 0.915   -5.801  1.00 20.39 ? 169 ASP A CG  1 
ATOM   1250 O OD1 . ASP A 1 170 ? -17.018 0.881   -6.265  1.00 19.79 ? 169 ASP A OD1 1 
ATOM   1251 O OD2 . ASP A 1 170 ? -15.676 1.221   -4.602  1.00 20.31 ? 169 ASP A OD2 1 
ATOM   1252 N N   . THR A 1 171 ? -15.994 -1.444  -8.503  1.00 20.92 ? 170 THR A N   1 
ATOM   1253 C CA  . THR A 1 171 ? -16.966 -2.361  -9.112  1.00 21.30 ? 170 THR A CA  1 
ATOM   1254 C C   . THR A 1 171 ? -18.404 -2.056  -8.702  1.00 21.86 ? 170 THR A C   1 
ATOM   1255 O O   . THR A 1 171 ? -19.343 -2.430  -9.415  1.00 21.80 ? 170 THR A O   1 
ATOM   1256 C CB  . THR A 1 171 ? -16.662 -3.812  -8.743  1.00 21.24 ? 170 THR A CB  1 
ATOM   1257 O OG1 . THR A 1 171 ? -16.298 -3.892  -7.364  1.00 22.23 ? 170 THR A OG1 1 
ATOM   1258 C CG2 . THR A 1 171 ? -15.446 -4.322  -9.469  1.00 21.32 ? 170 THR A CG2 1 
ATOM   1259 N N   . GLU A 1 172 ? -18.555 -1.411  -7.536  1.00 22.52 ? 171 GLU A N   1 
ATOM   1260 C CA  . GLU A 1 172 ? -19.855 -0.965  -7.001  1.00 22.92 ? 171 GLU A CA  1 
ATOM   1261 C C   . GLU A 1 172 ? -20.271 0.440   -7.482  1.00 22.86 ? 171 GLU A C   1 
ATOM   1262 O O   . GLU A 1 172 ? -21.351 0.940   -7.147  1.00 22.27 ? 171 GLU A O   1 
ATOM   1263 C CB  . GLU A 1 172 ? -19.830 -1.025  -5.466  1.00 22.95 ? 171 GLU A CB  1 
ATOM   1264 C CG  . GLU A 1 172 ? -19.921 -2.449  -4.936  1.00 24.75 ? 171 GLU A CG  1 
ATOM   1265 C CD  . GLU A 1 172 ? -19.018 -2.716  -3.737  1.00 28.84 ? 171 GLU A CD  1 
ATOM   1266 O OE1 . GLU A 1 172 ? -19.526 -3.385  -2.801  1.00 30.94 ? 171 GLU A OE1 1 
ATOM   1267 O OE2 . GLU A 1 172 ? -17.813 -2.289  -3.721  1.00 28.78 ? 171 GLU A OE2 1 
ATOM   1268 N N   . GLY A 1 173 ? -19.396 1.068   -8.257  1.00 23.24 ? 172 GLY A N   1 
ATOM   1269 C CA  . GLY A 1 173 ? -19.661 2.353   -8.873  1.00 23.61 ? 172 GLY A CA  1 
ATOM   1270 C C   . GLY A 1 173 ? -19.263 3.529   -8.008  1.00 23.96 ? 172 GLY A C   1 
ATOM   1271 O O   . GLY A 1 173 ? -19.443 4.691   -8.414  1.00 24.08 ? 172 GLY A O   1 
ATOM   1272 N N   . ASN A 1 174 ? -18.731 3.244   -6.816  1.00 24.35 ? 173 ASN A N   1 
ATOM   1273 C CA  . ASN A 1 174 ? -18.353 4.302   -5.880  1.00 24.28 ? 173 ASN A CA  1 
ATOM   1274 C C   . ASN A 1 174 ? -17.014 4.903   -6.265  1.00 24.51 ? 173 ASN A C   1 
ATOM   1275 O O   . ASN A 1 174 ? -16.084 4.186   -6.643  1.00 24.39 ? 173 ASN A O   1 
ATOM   1276 C CB  . ASN A 1 174 ? -18.281 3.792   -4.435  1.00 24.10 ? 173 ASN A CB  1 
ATOM   1277 C CG  . ASN A 1 174 ? -19.625 3.329   -3.895  1.00 23.30 ? 173 ASN A CG  1 
ATOM   1278 O OD1 . ASN A 1 174 ? -19.774 2.168   -3.577  1.00 22.08 ? 173 ASN A OD1 1 
ATOM   1279 N ND2 . ASN A 1 174 ? -20.589 4.240   -3.759  1.00 21.71 ? 173 ASN A ND2 1 
ATOM   1280 N N   . THR A 1 175 ? -16.956 6.226   -6.183  1.00 24.68 ? 174 THR A N   1 
ATOM   1281 C CA  . THR A 1 175 ? -15.721 6.986   -6.223  1.00 25.06 ? 174 THR A CA  1 
ATOM   1282 C C   . THR A 1 175 ? -15.224 7.161   -4.784  1.00 25.21 ? 174 THR A C   1 
ATOM   1283 O O   . THR A 1 175 ? -15.949 6.883   -3.820  1.00 24.82 ? 174 THR A O   1 
ATOM   1284 C CB  . THR A 1 175 ? -15.955 8.366   -6.878  1.00 25.30 ? 174 THR A CB  1 
ATOM   1285 O OG1 . THR A 1 175 ? -16.810 9.182   -6.061  1.00 25.00 ? 174 THR A OG1 1 
ATOM   1286 C CG2 . THR A 1 175 ? -16.717 8.214   -8.199  1.00 25.65 ? 174 THR A CG2 1 
ATOM   1287 N N   . PRO A 1 176 ? -13.981 7.580   -4.625  1.00 25.24 ? 175 PRO A N   1 
ATOM   1288 C CA  . PRO A 1 176 ? -13.499 7.971   -3.303  1.00 25.63 ? 175 PRO A CA  1 
ATOM   1289 C C   . PRO A 1 176 ? -14.449 8.954   -2.611  1.00 26.38 ? 175 PRO A C   1 
ATOM   1290 O O   . PRO A 1 176 ? -14.706 8.821   -1.416  1.00 26.84 ? 175 PRO A O   1 
ATOM   1291 C CB  . PRO A 1 176 ? -12.165 8.604   -3.618  1.00 25.68 ? 175 PRO A CB  1 
ATOM   1292 C CG  . PRO A 1 176 ? -11.702 7.825   -4.828  1.00 25.24 ? 175 PRO A CG  1 
ATOM   1293 C CD  . PRO A 1 176 ? -12.929 7.666   -5.652  1.00 24.79 ? 175 PRO A CD  1 
ATOM   1294 N N   . LEU A 1 177 ? -15.005 9.907   -3.346  1.00 26.88 ? 176 LEU A N   1 
ATOM   1295 C CA  . LEU A 1 177 ? -15.961 10.815  -2.717  1.00 27.31 ? 176 LEU A CA  1 
ATOM   1296 C C   . LEU A 1 177 ? -17.159 10.067  -2.109  1.00 27.39 ? 176 LEU A C   1 
ATOM   1297 O O   . LEU A 1 177 ? -17.559 10.370  -0.997  1.00 27.50 ? 176 LEU A O   1 
ATOM   1298 C CB  . LEU A 1 177 ? -16.447 11.917  -3.677  1.00 27.43 ? 176 LEU A CB  1 
ATOM   1299 C CG  . LEU A 1 177 ? -17.350 12.939  -2.973  1.00 27.77 ? 176 LEU A CG  1 
ATOM   1300 C CD1 . LEU A 1 177 ? -16.643 13.529  -1.748  1.00 29.03 ? 176 LEU A CD1 1 
ATOM   1301 C CD2 . LEU A 1 177 ? -17.792 14.059  -3.905  1.00 28.32 ? 176 LEU A CD2 1 
ATOM   1302 N N   . HIS A 1 178 ? -17.734 9.110   -2.843  1.00 27.71 ? 177 HIS A N   1 
ATOM   1303 C CA  . HIS A 1 178 ? -18.824 8.274   -2.313  1.00 27.61 ? 177 HIS A CA  1 
ATOM   1304 C C   . HIS A 1 178 ? -18.419 7.706   -0.975  1.00 27.71 ? 177 HIS A C   1 
ATOM   1305 O O   . HIS A 1 178 ? -19.166 7.807   -0.024  1.00 28.28 ? 177 HIS A O   1 
ATOM   1306 C CB  . HIS A 1 178 ? -19.130 7.087   -3.219  1.00 27.46 ? 177 HIS A CB  1 
ATOM   1307 C CG  . HIS A 1 178 ? -19.971 7.426   -4.399  1.00 27.49 ? 177 HIS A CG  1 
ATOM   1308 N ND1 . HIS A 1 178 ? -21.323 7.644   -4.300  1.00 27.64 ? 177 HIS A ND1 1 
ATOM   1309 C CD2 . HIS A 1 178 ? -19.660 7.570   -5.707  1.00 28.00 ? 177 HIS A CD2 1 
ATOM   1310 C CE1 . HIS A 1 178 ? -21.807 7.916   -5.498  1.00 28.32 ? 177 HIS A CE1 1 
ATOM   1311 N NE2 . HIS A 1 178 ? -20.819 7.866   -6.371  1.00 27.95 ? 177 HIS A NE2 1 
ATOM   1312 N N   . LEU A 1 179 ? -17.228 7.113   -0.916  1.00 27.60 ? 178 LEU A N   1 
ATOM   1313 C CA  . LEU A 1 179 ? -16.777 6.404   0.274   1.00 27.40 ? 178 LEU A CA  1 
ATOM   1314 C C   . LEU A 1 179 ? -16.544 7.346   1.439   1.00 27.80 ? 178 LEU A C   1 
ATOM   1315 O O   . LEU A 1 179 ? -16.881 7.017   2.575   1.00 27.30 ? 178 LEU A O   1 
ATOM   1316 C CB  . LEU A 1 179 ? -15.487 5.622   -0.007  1.00 27.19 ? 178 LEU A CB  1 
ATOM   1317 C CG  . LEU A 1 179 ? -15.532 4.528   -1.074  1.00 25.69 ? 178 LEU A CG  1 
ATOM   1318 C CD1 . LEU A 1 179 ? -14.340 3.615   -0.899  1.00 25.06 ? 178 LEU A CD1 1 
ATOM   1319 C CD2 . LEU A 1 179 ? -16.811 3.739   -1.039  1.00 24.43 ? 178 LEU A CD2 1 
ATOM   1320 N N   . ALA A 1 180 ? -15.956 8.507   1.154   1.00 28.04 ? 179 ALA A N   1 
ATOM   1321 C CA  . ALA A 1 180 ? -15.693 9.495   2.184   1.00 28.36 ? 179 ALA A CA  1 
ATOM   1322 C C   . ALA A 1 180 ? -17.025 9.905   2.811   1.00 28.89 ? 179 ALA A C   1 
ATOM   1323 O O   . ALA A 1 180 ? -17.161 9.951   4.037   1.00 29.15 ? 179 ALA A O   1 
ATOM   1324 C CB  . ALA A 1 180 ? -15.003 10.701  1.584   1.00 28.34 ? 179 ALA A CB  1 
ATOM   1325 N N   . CYS A 1 181 ? -18.012 10.178  1.955   1.00 28.94 ? 180 CYS A N   1 
ATOM   1326 C CA  . CYS A 1 181 ? -19.332 10.607  2.392   1.00 28.79 ? 180 CYS A CA  1 
ATOM   1327 C C   . CYS A 1 181 ? -20.018 9.542   3.211   1.00 29.04 ? 180 CYS A C   1 
ATOM   1328 O O   . CYS A 1 181 ? -20.698 9.859   4.179   1.00 29.77 ? 180 CYS A O   1 
ATOM   1329 C CB  . CYS A 1 181 ? -20.206 10.940  1.197   1.00 28.53 ? 180 CYS A CB  1 
ATOM   1330 S SG  . CYS A 1 181 ? -19.715 12.446  0.391   1.00 28.20 ? 180 CYS A SG  1 
ATOM   1331 N N   . ASP A 1 182 ? -19.835 8.290   2.811   1.00 29.06 ? 181 ASP A N   1 
ATOM   1332 C CA  . ASP A 1 182 ? -20.497 7.139   3.429   1.00 29.13 ? 181 ASP A CA  1 
ATOM   1333 C C   . ASP A 1 182 ? -19.947 6.876   4.834   1.00 28.61 ? 181 ASP A C   1 
ATOM   1334 O O   . ASP A 1 182 ? -20.661 6.423   5.702   1.00 28.03 ? 181 ASP A O   1 
ATOM   1335 C CB  . ASP A 1 182 ? -20.290 5.920   2.519   1.00 29.48 ? 181 ASP A CB  1 
ATOM   1336 C CG  . ASP A 1 182 ? -21.019 4.683   2.996   1.00 31.07 ? 181 ASP A CG  1 
ATOM   1337 O OD1 . ASP A 1 182 ? -20.401 3.593   2.910   1.00 33.72 ? 181 ASP A OD1 1 
ATOM   1338 O OD2 . ASP A 1 182 ? -22.192 4.686   3.445   1.00 31.96 ? 181 ASP A OD2 1 
ATOM   1339 N N   . GLU A 1 183 ? -18.674 7.190   5.042   1.00 28.70 ? 182 GLU A N   1 
ATOM   1340 C CA  . GLU A 1 183 ? -18.004 6.981   6.318   1.00 28.81 ? 182 GLU A CA  1 
ATOM   1341 C C   . GLU A 1 183 ? -17.949 8.265   7.135   1.00 28.54 ? 182 GLU A C   1 
ATOM   1342 O O   . GLU A 1 183 ? -17.273 8.309   8.165   1.00 28.41 ? 182 GLU A O   1 
ATOM   1343 C CB  . GLU A 1 183 ? -16.582 6.471   6.094   1.00 29.08 ? 182 GLU A CB  1 
ATOM   1344 C CG  . GLU A 1 183 ? -16.473 5.140   5.358   1.00 30.57 ? 182 GLU A CG  1 
ATOM   1345 C CD  . GLU A 1 183 ? -16.807 3.951   6.221   1.00 32.39 ? 182 GLU A CD  1 
ATOM   1346 O OE1 . GLU A 1 183 ? -16.674 4.047   7.456   1.00 33.38 ? 182 GLU A OE1 1 
ATOM   1347 O OE2 . GLU A 1 183 ? -17.214 2.918   5.657   1.00 35.54 ? 182 GLU A OE2 1 
ATOM   1348 N N   . GLU A 1 184 ? -18.664 9.297   6.683   1.00 28.47 ? 183 GLU A N   1 
ATOM   1349 C CA  . GLU A 1 184 ? -18.781 10.575  7.399   1.00 28.34 ? 183 GLU A CA  1 
ATOM   1350 C C   . GLU A 1 184 ? -17.420 11.202  7.664   1.00 28.23 ? 183 GLU A C   1 
ATOM   1351 O O   . GLU A 1 184 ? -17.120 11.674  8.764   1.00 28.11 ? 183 GLU A O   1 
ATOM   1352 C CB  . GLU A 1 184 ? -19.562 10.407  8.695   1.00 28.36 ? 183 GLU A CB  1 
ATOM   1353 C CG  . GLU A 1 184 ? -21.022 10.093  8.457   1.00 28.65 ? 183 GLU A CG  1 
ATOM   1354 C CD  . GLU A 1 184 ? -21.731 9.711   9.725   1.00 28.85 ? 183 GLU A CD  1 
ATOM   1355 O OE1 . GLU A 1 184 ? -21.125 9.803   10.812  1.00 28.36 ? 183 GLU A OE1 1 
ATOM   1356 O OE2 . GLU A 1 184 ? -22.897 9.319   9.626   1.00 30.32 ? 183 GLU A OE2 1 
ATOM   1357 N N   . ARG A 1 185 ? -16.623 11.199  6.606   1.00 28.21 ? 184 ARG A N   1 
ATOM   1358 C CA  . ARG A 1 185 ? -15.268 11.700  6.601   1.00 28.16 ? 184 ARG A CA  1 
ATOM   1359 C C   . ARG A 1 185 ? -15.330 13.115  6.052   1.00 28.30 ? 184 ARG A C   1 
ATOM   1360 O O   . ARG A 1 185 ? -15.105 13.330  4.864   1.00 28.21 ? 184 ARG A O   1 
ATOM   1361 C CB  . ARG A 1 185 ? -14.412 10.814  5.695   1.00 28.01 ? 184 ARG A CB  1 
ATOM   1362 C CG  . ARG A 1 185 ? -13.529 9.839   6.424   1.00 27.74 ? 184 ARG A CG  1 
ATOM   1363 C CD  . ARG A 1 185 ? -14.239 8.714   7.093   1.00 26.77 ? 184 ARG A CD  1 
ATOM   1364 N NE  . ARG A 1 185 ? -13.700 8.483   8.432   1.00 26.42 ? 184 ARG A NE  1 
ATOM   1365 C CZ  . ARG A 1 185 ? -13.430 7.293   8.976   1.00 24.68 ? 184 ARG A CZ  1 
ATOM   1366 N NH1 . ARG A 1 185 ? -13.634 6.153   8.327   1.00 22.55 ? 184 ARG A NH1 1 
ATOM   1367 N NH2 . ARG A 1 185 ? -12.946 7.251   10.208  1.00 25.88 ? 184 ARG A NH2 1 
ATOM   1368 N N   . VAL A 1 186 ? -15.648 14.072  6.919   1.00 28.59 ? 185 VAL A N   1 
ATOM   1369 C CA  . VAL A 1 186 ? -16.039 15.408  6.473   1.00 29.01 ? 185 VAL A CA  1 
ATOM   1370 C C   . VAL A 1 186 ? -14.922 16.176  5.775   1.00 29.40 ? 185 VAL A C   1 
ATOM   1371 O O   . VAL A 1 186 ? -15.070 16.521  4.616   1.00 29.36 ? 185 VAL A O   1 
ATOM   1372 C CB  . VAL A 1 186 ? -16.607 16.263  7.636   1.00 28.97 ? 185 VAL A CB  1 
ATOM   1373 C CG1 . VAL A 1 186 ? -16.760 17.717  7.213   1.00 28.96 ? 185 VAL A CG1 1 
ATOM   1374 C CG2 . VAL A 1 186 ? -17.941 15.709  8.088   1.00 28.36 ? 185 VAL A CG2 1 
ATOM   1375 N N   . GLU A 1 187 ? -13.825 16.459  6.476   1.00 29.95 ? 186 GLU A N   1 
ATOM   1376 C CA  . GLU A 1 187 ? -12.730 17.236  5.878   1.00 30.58 ? 186 GLU A CA  1 
ATOM   1377 C C   . GLU A 1 187 ? -12.147 16.551  4.640   1.00 30.54 ? 186 GLU A C   1 
ATOM   1378 O O   . GLU A 1 187 ? -11.708 17.210  3.710   1.00 30.80 ? 186 GLU A O   1 
ATOM   1379 C CB  . GLU A 1 187 ? -11.617 17.553  6.892   1.00 30.64 ? 186 GLU A CB  1 
ATOM   1380 C CG  . GLU A 1 187 ? -12.069 18.316  8.135   1.00 32.33 ? 186 GLU A CG  1 
ATOM   1381 C CD  . GLU A 1 187 ? -12.871 19.597  7.829   1.00 35.01 ? 186 GLU A CD  1 
ATOM   1382 O OE1 . GLU A 1 187 ? -12.469 20.341  6.898   1.00 36.62 ? 186 GLU A OE1 1 
ATOM   1383 O OE2 . GLU A 1 187 ? -13.905 19.870  8.521   1.00 33.79 ? 186 GLU A OE2 1 
ATOM   1384 N N   . GLU A 1 188 ? -12.171 15.230  4.624   1.00 30.68 ? 187 GLU A N   1 
ATOM   1385 C CA  . GLU A 1 188 ? -11.604 14.466  3.520   1.00 30.95 ? 187 GLU A CA  1 
ATOM   1386 C C   . GLU A 1 188 ? -12.480 14.642  2.270   1.00 30.70 ? 187 GLU A C   1 
ATOM   1387 O O   . GLU A 1 188 ? -11.985 14.722  1.133   1.00 30.11 ? 187 GLU A O   1 
ATOM   1388 C CB  . GLU A 1 188 ? -11.466 12.987  3.914   1.00 31.18 ? 187 GLU A CB  1 
ATOM   1389 C CG  . GLU A 1 188 ? -10.413 12.700  4.999   1.00 32.91 ? 187 GLU A CG  1 
ATOM   1390 C CD  . GLU A 1 188 ? -10.912 12.903  6.439   1.00 35.64 ? 187 GLU A CD  1 
ATOM   1391 O OE1 . GLU A 1 188 ? -12.104 13.222  6.632   1.00 36.62 ? 187 GLU A OE1 1 
ATOM   1392 O OE2 . GLU A 1 188 ? -10.116 12.750  7.400   1.00 38.23 ? 187 GLU A OE2 1 
ATOM   1393 N N   . ALA A 1 189 ? -13.787 14.727  2.497   1.00 30.57 ? 188 ALA A N   1 
ATOM   1394 C CA  . ALA A 1 189 ? -14.752 14.883  1.416   1.00 30.65 ? 188 ALA A CA  1 
ATOM   1395 C C   . ALA A 1 189 ? -14.674 16.272  0.823   1.00 30.51 ? 188 ALA A C   1 
ATOM   1396 O O   . ALA A 1 189 ? -14.793 16.425  -0.383  1.00 30.63 ? 188 ALA A O   1 
ATOM   1397 C CB  . ALA A 1 189 ? -16.163 14.608  1.901   1.00 30.63 ? 188 ALA A CB  1 
ATOM   1398 N N   . LYS A 1 190 ? -14.469 17.276  1.673   1.00 30.41 ? 189 LYS A N   1 
ATOM   1399 C CA  . LYS A 1 190 ? -14.359 18.665  1.219   1.00 30.27 ? 189 LYS A CA  1 
ATOM   1400 C C   . LYS A 1 190 ? -13.085 18.828  0.399   1.00 30.17 ? 189 LYS A C   1 
ATOM   1401 O O   . LYS A 1 190 ? -13.080 19.524  -0.618  1.00 30.10 ? 189 LYS A O   1 
ATOM   1402 C CB  . LYS A 1 190 ? -14.337 19.655  2.392   1.00 30.13 ? 189 LYS A CB  1 
ATOM   1403 C CG  . LYS A 1 190 ? -15.587 19.640  3.268   1.00 29.81 ? 189 LYS A CG  1 
ATOM   1404 C CD  . LYS A 1 190 ? -15.930 21.008  3.844   1.00 29.82 ? 189 LYS A CD  1 
ATOM   1405 C CE  . LYS A 1 190 ? -15.259 21.267  5.175   1.00 30.27 ? 189 LYS A CE  1 
ATOM   1406 N NZ  . LYS A 1 190 ? -15.710 22.556  5.754   1.00 31.02 ? 189 LYS A NZ  1 
ATOM   1407 N N   . LEU A 1 191 ? -12.018 18.169  0.841   1.00 30.06 ? 190 LEU A N   1 
ATOM   1408 C CA  . LEU A 1 191 ? -10.731 18.262  0.170   1.00 29.93 ? 190 LEU A CA  1 
ATOM   1409 C C   . LEU A 1 191 ? -10.881 17.715  -1.227  1.00 29.96 ? 190 LEU A C   1 
ATOM   1410 O O   . LEU A 1 191 ? -10.488 18.362  -2.196  1.00 29.63 ? 190 LEU A O   1 
ATOM   1411 C CB  . LEU A 1 191 ? -9.666  17.470  0.919   1.00 29.72 ? 190 LEU A CB  1 
ATOM   1412 C CG  . LEU A 1 191 ? -8.332  17.369  0.183   1.00 29.96 ? 190 LEU A CG  1 
ATOM   1413 C CD1 . LEU A 1 191 ? -7.753  18.735  -0.177  1.00 29.55 ? 190 LEU A CD1 1 
ATOM   1414 C CD2 . LEU A 1 191 ? -7.362  16.601  1.032   1.00 30.71 ? 190 LEU A CD2 1 
ATOM   1415 N N   . LEU A 1 192 ? -11.469 16.521  -1.307  1.00 30.04 ? 191 LEU A N   1 
ATOM   1416 C CA  . LEU A 1 192 ? -11.748 15.863  -2.578  1.00 29.89 ? 191 LEU A CA  1 
ATOM   1417 C C   . LEU A 1 192 ? -12.535 16.786  -3.515  1.00 29.41 ? 191 LEU A C   1 
ATOM   1418 O O   . LEU A 1 192 ? -12.114 17.023  -4.646  1.00 29.29 ? 191 LEU A O   1 
ATOM   1419 C CB  . LEU A 1 192 ? -12.495 14.539  -2.341  1.00 30.32 ? 191 LEU A CB  1 
ATOM   1420 C CG  . LEU A 1 192 ? -11.663 13.352  -1.808  1.00 31.09 ? 191 LEU A CG  1 
ATOM   1421 C CD1 . LEU A 1 192 ? -12.560 12.175  -1.410  1.00 31.70 ? 191 LEU A CD1 1 
ATOM   1422 C CD2 . LEU A 1 192 ? -10.663 12.891  -2.844  1.00 31.40 ? 191 LEU A CD2 1 
ATOM   1423 N N   . VAL A 1 193 ? -13.646 17.342  -3.034  1.00 28.76 ? 192 VAL A N   1 
ATOM   1424 C CA  . VAL A 1 193 ? -14.506 18.189  -3.869  1.00 28.16 ? 192 VAL A CA  1 
ATOM   1425 C C   . VAL A 1 193 ? -13.808 19.458  -4.359  1.00 27.79 ? 192 VAL A C   1 
ATOM   1426 O O   . VAL A 1 193 ? -14.062 19.897  -5.484  1.00 27.52 ? 192 VAL A O   1 
ATOM   1427 C CB  . VAL A 1 193 ? -15.814 18.542  -3.147  1.00 27.97 ? 192 VAL A CB  1 
ATOM   1428 C CG1 . VAL A 1 193 ? -16.577 19.640  -3.869  1.00 27.77 ? 192 VAL A CG1 1 
ATOM   1429 C CG2 . VAL A 1 193 ? -16.677 17.309  -3.053  1.00 28.35 ? 192 VAL A CG2 1 
ATOM   1430 N N   . SER A 1 194 ? -12.920 20.018  -3.534  1.00 27.44 ? 193 SER A N   1 
ATOM   1431 C CA  . SER A 1 194 ? -12.184 21.242  -3.879  1.00 27.22 ? 193 SER A CA  1 
ATOM   1432 C C   . SER A 1 194 ? -11.169 21.014  -5.003  1.00 27.44 ? 193 SER A C   1 
ATOM   1433 O O   . SER A 1 194 ? -10.843 21.955  -5.735  1.00 27.53 ? 193 SER A O   1 
ATOM   1434 C CB  . SER A 1 194 ? -11.506 21.871  -2.649  1.00 26.92 ? 193 SER A CB  1 
ATOM   1435 O OG  . SER A 1 194 ? -10.439 21.086  -2.153  1.00 25.95 ? 193 SER A OG  1 
ATOM   1436 N N   . GLN A 1 195 ? -10.705 19.770  -5.151  1.00 27.61 ? 194 GLN A N   1 
ATOM   1437 C CA  . GLN A 1 195 ? -9.803  19.373  -6.237  1.00 27.50 ? 194 GLN A CA  1 
ATOM   1438 C C   . GLN A 1 195 ? -10.524 18.535  -7.290  1.00 27.55 ? 194 GLN A C   1 
ATOM   1439 O O   . GLN A 1 195 ? -9.930  17.655  -7.904  1.00 27.16 ? 194 GLN A O   1 
ATOM   1440 C CB  . GLN A 1 195 ? -8.626  18.583  -5.679  1.00 27.55 ? 194 GLN A CB  1 
ATOM   1441 C CG  . GLN A 1 195 ? -7.994  19.193  -4.434  1.00 28.40 ? 194 GLN A CG  1 
ATOM   1442 C CD  . GLN A 1 195 ? -6.841  20.111  -4.748  1.00 29.54 ? 194 GLN A CD  1 
ATOM   1443 O OE1 . GLN A 1 195 ? -7.042  21.207  -5.275  1.00 29.76 ? 194 GLN A OE1 1 
ATOM   1444 N NE2 . GLN A 1 195 ? -5.623  19.666  -4.436  1.00 29.78 ? 194 GLN A NE2 1 
ATOM   1445 N N   . GLY A 1 196 ? -11.817 18.788  -7.473  1.00 28.05 ? 195 GLY A N   1 
ATOM   1446 C CA  . GLY A 1 196 ? -12.548 18.292  -8.629  1.00 28.44 ? 195 GLY A CA  1 
ATOM   1447 C C   . GLY A 1 196 ? -13.336 16.992  -8.529  1.00 28.77 ? 195 GLY A C   1 
ATOM   1448 O O   . GLY A 1 196 ? -13.944 16.583  -9.515  1.00 28.59 ? 195 GLY A O   1 
ATOM   1449 N N   . ALA A 1 197 ? -13.340 16.330  -7.378  1.00 29.12 ? 196 ALA A N   1 
ATOM   1450 C CA  . ALA A 1 197 ? -14.207 15.166  -7.209  1.00 29.51 ? 196 ALA A CA  1 
ATOM   1451 C C   . ALA A 1 197 ? -15.646 15.570  -7.494  1.00 29.52 ? 196 ALA A C   1 
ATOM   1452 O O   . ALA A 1 197 ? -16.094 16.609  -7.026  1.00 29.35 ? 196 ALA A O   1 
ATOM   1453 C CB  . ALA A 1 197 ? -14.092 14.596  -5.812  1.00 29.82 ? 196 ALA A CB  1 
ATOM   1454 N N   . SER A 1 198 ? -16.351 14.744  -8.263  1.00 29.73 ? 197 SER A N   1 
ATOM   1455 C CA  . SER A 1 198 ? -17.682 15.078  -8.770  1.00 30.13 ? 197 SER A CA  1 
ATOM   1456 C C   . SER A 1 198 ? -18.756 14.718  -7.754  1.00 29.96 ? 197 SER A C   1 
ATOM   1457 O O   . SER A 1 198 ? -18.733 13.648  -7.164  1.00 29.91 ? 197 SER A O   1 
ATOM   1458 C CB  . SER A 1 198 ? -17.961 14.364  -10.114 1.00 30.29 ? 197 SER A CB  1 
ATOM   1459 O OG  . SER A 1 198 ? -19.315 14.526  -10.547 1.00 30.01 ? 197 SER A OG  1 
ATOM   1460 N N   . ILE A 1 199 ? -19.699 15.627  -7.558  1.00 29.86 ? 198 ILE A N   1 
ATOM   1461 C CA  . ILE A 1 199 ? -20.818 15.362  -6.673  1.00 30.03 ? 198 ILE A CA  1 
ATOM   1462 C C   . ILE A 1 199 ? -21.972 14.796  -7.470  1.00 30.06 ? 198 ILE A C   1 
ATOM   1463 O O   . ILE A 1 199 ? -23.024 14.526  -6.900  1.00 29.82 ? 198 ILE A O   1 
ATOM   1464 C CB  . ILE A 1 199 ? -21.275 16.643  -5.923  1.00 30.19 ? 198 ILE A CB  1 
ATOM   1465 C CG1 . ILE A 1 199 ? -21.865 17.668  -6.907  1.00 29.63 ? 198 ILE A CG1 1 
ATOM   1466 C CG2 . ILE A 1 199 ? -20.111 17.208  -5.081  1.00 30.06 ? 198 ILE A CG2 1 
ATOM   1467 C CD1 . ILE A 1 199 ? -22.266 18.966  -6.275  1.00 29.27 ? 198 ILE A CD1 1 
ATOM   1468 N N   . TYR A 1 200 ? -21.767 14.609  -8.776  1.00 30.23 ? 199 TYR A N   1 
ATOM   1469 C CA  . TYR A 1 200 ? -22.818 14.127  -9.683  1.00 30.31 ? 199 TYR A CA  1 
ATOM   1470 C C   . TYR A 1 200 ? -22.720 12.633  -10.069 1.00 30.12 ? 199 TYR A C   1 
ATOM   1471 O O   . TYR A 1 200 ? -23.737 12.014  -10.349 1.00 30.27 ? 199 TYR A O   1 
ATOM   1472 C CB  . TYR A 1 200 ? -22.892 15.013  -10.945 1.00 30.35 ? 199 TYR A CB  1 
ATOM   1473 C CG  . TYR A 1 200 ? -22.976 16.512  -10.654 1.00 30.87 ? 199 TYR A CG  1 
ATOM   1474 C CD1 . TYR A 1 200 ? -21.902 17.359  -10.934 1.00 31.75 ? 199 TYR A CD1 1 
ATOM   1475 C CD2 . TYR A 1 200 ? -24.117 17.075  -10.090 1.00 31.24 ? 199 TYR A CD2 1 
ATOM   1476 C CE1 . TYR A 1 200 ? -21.964 18.728  -10.668 1.00 31.39 ? 199 TYR A CE1 1 
ATOM   1477 C CE2 . TYR A 1 200 ? -24.190 18.448  -9.823  1.00 31.61 ? 199 TYR A CE2 1 
ATOM   1478 C CZ  . TYR A 1 200 ? -23.104 19.268  -10.111 1.00 31.48 ? 199 TYR A CZ  1 
ATOM   1479 O OH  . TYR A 1 200 ? -23.145 20.623  -9.845  1.00 30.95 ? 199 TYR A OH  1 
ATOM   1480 N N   . ILE A 1 201 ? -21.531 12.039  -10.062 1.00 30.19 ? 200 ILE A N   1 
ATOM   1481 C CA  . ILE A 1 201 ? -21.390 10.635  -10.486 1.00 30.07 ? 200 ILE A CA  1 
ATOM   1482 C C   . ILE A 1 201 ? -22.225 9.675   -9.643  1.00 29.52 ? 200 ILE A C   1 
ATOM   1483 O O   . ILE A 1 201 ? -22.170 9.710   -8.420  1.00 29.35 ? 200 ILE A O   1 
ATOM   1484 C CB  . ILE A 1 201 ? -19.917 10.179  -10.462 1.00 30.30 ? 200 ILE A CB  1 
ATOM   1485 C CG1 . ILE A 1 201 ? -19.093 10.994  -11.476 1.00 31.89 ? 200 ILE A CG1 1 
ATOM   1486 C CG2 . ILE A 1 201 ? -19.824 8.689   -10.794 1.00 30.05 ? 200 ILE A CG2 1 
ATOM   1487 C CD1 . ILE A 1 201 ? -17.563 10.706  -11.473 1.00 32.87 ? 200 ILE A CD1 1 
ATOM   1488 N N   . GLU A 1 202 ? -22.982 8.811   -10.317 1.00 29.26 ? 201 GLU A N   1 
ATOM   1489 C CA  . GLU A 1 202 ? -23.835 7.822   -9.659  1.00 29.08 ? 201 GLU A CA  1 
ATOM   1490 C C   . GLU A 1 202 ? -23.141 6.454   -9.565  1.00 28.73 ? 201 GLU A C   1 
ATOM   1491 O O   . GLU A 1 202 ? -22.592 5.962   -10.551 1.00 28.62 ? 201 GLU A O   1 
ATOM   1492 C CB  . GLU A 1 202 ? -25.168 7.668   -10.415 1.00 29.15 ? 201 GLU A CB  1 
ATOM   1493 C CG  . GLU A 1 202 ? -26.085 8.895   -10.421 1.00 29.18 ? 201 GLU A CG  1 
ATOM   1494 C CD  . GLU A 1 202 ? -27.454 8.651   -11.089 1.00 29.57 ? 201 GLU A CD  1 
ATOM   1495 O OE1 . GLU A 1 202 ? -28.332 9.565   -11.058 1.00 29.14 ? 201 GLU A OE1 1 
ATOM   1496 O OE2 . GLU A 1 202 ? -27.667 7.551   -11.651 1.00 29.10 ? 201 GLU A OE2 1 
ATOM   1497 N N   . ASN A 1 203 ? -23.161 5.854   -8.374  1.00 28.42 ? 202 ASN A N   1 
ATOM   1498 C CA  . ASN A 1 203 ? -22.736 4.471   -8.195  1.00 28.19 ? 202 ASN A CA  1 
ATOM   1499 C C   . ASN A 1 203 ? -23.745 3.521   -8.826  1.00 28.19 ? 202 ASN A C   1 
ATOM   1500 O O   . ASN A 1 203 ? -24.809 3.953   -9.261  1.00 28.36 ? 202 ASN A O   1 
ATOM   1501 C CB  . ASN A 1 203 ? -22.465 4.138   -6.707  1.00 28.24 ? 202 ASN A CB  1 
ATOM   1502 C CG  . ASN A 1 203 ? -23.697 4.257   -5.808  1.00 27.87 ? 202 ASN A CG  1 
ATOM   1503 O OD1 . ASN A 1 203 ? -24.821 4.248   -6.268  1.00 28.91 ? 202 ASN A OD1 1 
ATOM   1504 N ND2 . ASN A 1 203 ? -23.469 4.350   -4.505  1.00 27.69 ? 202 ASN A ND2 1 
ATOM   1505 N N   . LYS A 1 204 ? -23.417 2.235   -8.876  1.00 28.12 ? 203 LYS A N   1 
ATOM   1506 C CA  . LYS A 1 204 ? -24.282 1.229   -9.501  1.00 28.04 ? 203 LYS A CA  1 
ATOM   1507 C C   . LYS A 1 204 ? -25.663 1.101   -8.830  1.00 28.06 ? 203 LYS A C   1 
ATOM   1508 O O   . LYS A 1 204 ? -26.543 0.426   -9.358  1.00 27.82 ? 203 LYS A O   1 
ATOM   1509 C CB  . LYS A 1 204 ? -23.567 -0.135  -9.564  1.00 27.97 ? 203 LYS A CB  1 
ATOM   1510 C CG  . LYS A 1 204 ? -22.574 -0.268  -10.725 1.00 28.31 ? 203 LYS A CG  1 
ATOM   1511 C CD  . LYS A 1 204 ? -22.048 -1.692  -10.837 1.00 30.05 ? 203 LYS A CD  1 
ATOM   1512 C CE  . LYS A 1 204 ? -21.446 -2.042  -12.221 1.00 31.23 ? 203 LYS A CE  1 
ATOM   1513 N NZ  . LYS A 1 204 ? -22.150 -3.199  -12.925 1.00 31.54 ? 203 LYS A NZ  1 
ATOM   1514 N N   . GLU A 1 205 ? -25.837 1.740   -7.672  1.00 28.40 ? 204 GLU A N   1 
ATOM   1515 C CA  . GLU A 1 205 ? -27.154 1.896   -7.021  1.00 28.66 ? 204 GLU A CA  1 
ATOM   1516 C C   . GLU A 1 205 ? -27.889 3.196   -7.402  1.00 28.70 ? 204 GLU A C   1 
ATOM   1517 O O   . GLU A 1 205 ? -28.913 3.528   -6.809  1.00 28.40 ? 204 GLU A O   1 
ATOM   1518 C CB  . GLU A 1 205 ? -26.997 1.863   -5.494  1.00 28.84 ? 204 GLU A CB  1 
ATOM   1519 C CG  . GLU A 1 205 ? -27.283 0.519   -4.844  1.00 29.47 ? 204 GLU A CG  1 
ATOM   1520 C CD  . GLU A 1 205 ? -26.806 0.478   -3.398  1.00 30.42 ? 204 GLU A CD  1 
ATOM   1521 O OE1 . GLU A 1 205 ? -26.897 1.522   -2.716  1.00 31.00 ? 204 GLU A OE1 1 
ATOM   1522 O OE2 . GLU A 1 205 ? -26.327 -0.589  -2.942  1.00 31.05 ? 204 GLU A OE2 1 
ATOM   1523 N N   . GLU A 1 206 ? -27.365 3.913   -8.391  1.00 29.04 ? 205 GLU A N   1 
ATOM   1524 C CA  . GLU A 1 206 ? -27.916 5.199   -8.843  1.00 29.49 ? 205 GLU A CA  1 
ATOM   1525 C C   . GLU A 1 206 ? -27.904 6.329   -7.793  1.00 30.19 ? 205 GLU A C   1 
ATOM   1526 O O   . GLU A 1 206 ? -28.674 7.290   -7.899  1.00 30.34 ? 205 GLU A O   1 
ATOM   1527 C CB  . GLU A 1 206 ? -29.327 5.016   -9.441  1.00 29.17 ? 205 GLU A CB  1 
ATOM   1528 C CG  . GLU A 1 206 ? -29.315 4.585   -10.902 1.00 28.19 ? 205 GLU A CG  1 
ATOM   1529 C CD  . GLU A 1 206 ? -30.551 3.809   -11.292 1.00 26.39 ? 205 GLU A CD  1 
ATOM   1530 O OE1 . GLU A 1 206 ? -30.532 2.572   -11.183 1.00 24.85 ? 205 GLU A OE1 1 
ATOM   1531 O OE2 . GLU A 1 206 ? -31.541 4.437   -11.699 1.00 25.22 ? 205 GLU A OE2 1 
ATOM   1532 N N   . LYS A 1 207 ? -27.009 6.234   -6.810  1.00 30.82 ? 206 LYS A N   1 
ATOM   1533 C CA  . LYS A 1 207 ? -26.853 7.278   -5.789  1.00 31.37 ? 206 LYS A CA  1 
ATOM   1534 C C   . LYS A 1 207 ? -25.583 8.127   -6.028  1.00 31.44 ? 206 LYS A C   1 
ATOM   1535 O O   . LYS A 1 207 ? -24.552 7.604   -6.399  1.00 31.09 ? 206 LYS A O   1 
ATOM   1536 C CB  . LYS A 1 207 ? -26.813 6.636   -4.393  1.00 31.52 ? 206 LYS A CB  1 
ATOM   1537 C CG  . LYS A 1 207 ? -28.027 5.754   -4.065  1.00 32.24 ? 206 LYS A CG  1 
ATOM   1538 C CD  . LYS A 1 207 ? -28.653 6.073   -2.692  1.00 33.86 ? 206 LYS A CD  1 
ATOM   1539 C CE  . LYS A 1 207 ? -30.207 6.042   -2.723  1.00 34.98 ? 206 LYS A CE  1 
ATOM   1540 N NZ  . LYS A 1 207 ? -30.824 7.421   -2.719  1.00 35.59 ? 206 LYS A NZ  1 
ATOM   1541 N N   . THR A 1 208 ? -25.674 9.440   -5.827  1.00 31.81 ? 207 THR A N   1 
ATOM   1542 C CA  . THR A 1 208 ? -24.497 10.330  -5.873  1.00 31.93 ? 207 THR A CA  1 
ATOM   1543 C C   . THR A 1 208 ? -23.815 10.398  -4.507  1.00 31.56 ? 207 THR A C   1 
ATOM   1544 O O   . THR A 1 208 ? -24.414 10.024  -3.510  1.00 31.66 ? 207 THR A O   1 
ATOM   1545 C CB  . THR A 1 208 ? -24.928 11.767  -6.267  1.00 32.15 ? 207 THR A CB  1 
ATOM   1546 O OG1 . THR A 1 208 ? -25.871 12.275  -5.313  1.00 32.73 ? 207 THR A OG1 1 
ATOM   1547 C CG2 . THR A 1 208 ? -25.697 11.782  -7.596  1.00 31.74 ? 207 THR A CG2 1 
ATOM   1548 N N   . PRO A 1 209 ? -22.588 10.899  -4.427  1.00 31.37 ? 208 PRO A N   1 
ATOM   1549 C CA  . PRO A 1 209 ? -21.977 11.111  -3.108  1.00 31.23 ? 208 PRO A CA  1 
ATOM   1550 C C   . PRO A 1 209 ? -22.877 11.935  -2.177  1.00 31.27 ? 208 PRO A C   1 
ATOM   1551 O O   . PRO A 1 209 ? -22.888 11.684  -0.968  1.00 31.24 ? 208 PRO A O   1 
ATOM   1552 C CB  . PRO A 1 209 ? -20.675 11.838  -3.425  1.00 30.96 ? 208 PRO A CB  1 
ATOM   1553 C CG  . PRO A 1 209 ? -20.366 11.466  -4.827  1.00 31.13 ? 208 PRO A CG  1 
ATOM   1554 C CD  . PRO A 1 209 ? -21.680 11.284  -5.522  1.00 31.45 ? 208 PRO A CD  1 
ATOM   1555 N N   . LEU A 1 210 ? -23.646 12.874  -2.726  1.00 31.13 ? 209 LEU A N   1 
ATOM   1556 C CA  . LEU A 1 210 ? -24.581 13.637  -1.899  1.00 31.08 ? 209 LEU A CA  1 
ATOM   1557 C C   . LEU A 1 210 ? -25.675 12.742  -1.300  1.00 31.12 ? 209 LEU A C   1 
ATOM   1558 O O   . LEU A 1 210 ? -26.046 12.887  -0.136  1.00 30.97 ? 209 LEU A O   1 
ATOM   1559 C CB  . LEU A 1 210 ? -25.224 14.769  -2.700  1.00 31.09 ? 209 LEU A CB  1 
ATOM   1560 C CG  . LEU A 1 210 ? -24.320 15.762  -3.440  1.00 30.84 ? 209 LEU A CG  1 
ATOM   1561 C CD1 . LEU A 1 210 ? -25.119 16.990  -3.856  1.00 30.65 ? 209 LEU A CD1 1 
ATOM   1562 C CD2 . LEU A 1 210 ? -23.125 16.169  -2.601  1.00 30.87 ? 209 LEU A CD2 1 
ATOM   1563 N N   . GLN A 1 211 ? -26.190 11.814  -2.090  1.00 31.22 ? 210 GLN A N   1 
ATOM   1564 C CA  . GLN A 1 211 ? -27.298 10.983  -1.638  1.00 31.55 ? 210 GLN A CA  1 
ATOM   1565 C C   . GLN A 1 211 ? -26.846 9.977   -0.575  1.00 31.89 ? 210 GLN A C   1 
ATOM   1566 O O   . GLN A 1 211 ? -27.600 9.590   0.310   1.00 32.03 ? 210 GLN A O   1 
ATOM   1567 C CB  . GLN A 1 211 ? -27.947 10.301  -2.841  1.00 31.64 ? 210 GLN A CB  1 
ATOM   1568 C CG  . GLN A 1 211 ? -28.672 11.293  -3.762  1.00 31.35 ? 210 GLN A CG  1 
ATOM   1569 C CD  . GLN A 1 211 ? -29.434 10.605  -4.869  1.00 31.09 ? 210 GLN A CD  1 
ATOM   1570 O OE1 . GLN A 1 211 ? -28.933 10.470  -5.985  1.00 31.42 ? 210 GLN A OE1 1 
ATOM   1571 N NE2 . GLN A 1 211 ? -30.640 10.151  -4.560  1.00 29.73 ? 210 GLN A NE2 1 
ATOM   1572 N N   . VAL A 1 212 ? -25.586 9.594   -0.663  1.00 32.40 ? 211 VAL A N   1 
ATOM   1573 C CA  . VAL A 1 212 ? -24.933 8.727   0.314   1.00 32.62 ? 211 VAL A CA  1 
ATOM   1574 C C   . VAL A 1 212 ? -24.551 9.497   1.585   1.00 32.86 ? 211 VAL A C   1 
ATOM   1575 O O   . VAL A 1 212 ? -24.385 8.902   2.637   1.00 32.73 ? 211 VAL A O   1 
ATOM   1576 C CB  . VAL A 1 212 ? -23.644 8.130   -0.329  1.00 32.80 ? 211 VAL A CB  1 
ATOM   1577 C CG1 . VAL A 1 212 ? -22.741 7.432   0.687   1.00 33.11 ? 211 VAL A CG1 1 
ATOM   1578 C CG2 . VAL A 1 212 ? -24.014 7.182   -1.471  1.00 32.57 ? 211 VAL A CG2 1 
ATOM   1579 N N   . ALA A 1 213 ? -24.402 10.818  1.477   1.00 33.43 ? 212 ALA A N   1 
ATOM   1580 C CA  . ALA A 1 213 ? -23.960 11.663  2.598   1.00 33.40 ? 212 ALA A CA  1 
ATOM   1581 C C   . ALA A 1 213 ? -25.049 11.864  3.656   1.00 33.59 ? 212 ALA A C   1 
ATOM   1582 O O   . ALA A 1 213 ? -26.248 11.868  3.348   1.00 33.32 ? 212 ALA A O   1 
ATOM   1583 C CB  . ALA A 1 213 ? -23.478 13.005  2.080   1.00 33.12 ? 212 ALA A CB  1 
ATOM   1584 N N   . LYS A 1 214 ? -24.600 12.026  4.898   1.00 34.03 ? 213 LYS A N   1 
ATOM   1585 C CA  . LYS A 1 214 ? -25.473 12.226  6.045   1.00 34.32 ? 213 LYS A CA  1 
ATOM   1586 C C   . LYS A 1 214 ? -25.183 13.567  6.695   1.00 34.80 ? 213 LYS A C   1 
ATOM   1587 O O   . LYS A 1 214 ? -24.307 14.296  6.274   1.00 34.70 ? 213 LYS A O   1 
ATOM   1588 C CB  . LYS A 1 214 ? -25.293 11.096  7.054   1.00 34.41 ? 213 LYS A CB  1 
ATOM   1589 N N   . GLY A 1 215 ? -25.949 13.876  7.732   1.00 36.00 ? 214 GLY A N   1 
ATOM   1590 C CA  . GLY A 1 215 ? -25.896 15.142  8.466   1.00 36.65 ? 214 GLY A CA  1 
ATOM   1591 C C   . GLY A 1 215 ? -25.774 16.431  7.662   1.00 37.02 ? 214 GLY A C   1 
ATOM   1592 O O   . GLY A 1 215 ? -25.115 17.370  8.125   1.00 37.40 ? 214 GLY A O   1 
ATOM   1593 N N   . GLY A 1 216 ? -26.396 16.494  6.481   1.00 36.97 ? 215 GLY A N   1 
ATOM   1594 C CA  . GLY A 1 216 ? -26.241 17.638  5.597   1.00 36.69 ? 215 GLY A CA  1 
ATOM   1595 C C   . GLY A 1 216 ? -24.786 17.967  5.315   1.00 36.82 ? 215 GLY A C   1 
ATOM   1596 O O   . GLY A 1 216 ? -24.419 19.125  5.209   1.00 36.97 ? 215 GLY A O   1 
ATOM   1597 N N   . LEU A 1 217 ? -23.944 16.942  5.225   1.00 37.10 ? 216 LEU A N   1 
ATOM   1598 C CA  . LEU A 1 217 ? -22.607 17.096  4.666   1.00 36.98 ? 216 LEU A CA  1 
ATOM   1599 C C   . LEU A 1 217 ? -22.818 17.352  3.187   1.00 37.14 ? 216 LEU A C   1 
ATOM   1600 O O   . LEU A 1 217 ? -22.163 18.190  2.593   1.00 37.55 ? 216 LEU A O   1 
ATOM   1601 C CB  . LEU A 1 217 ? -21.771 15.825  4.859   1.00 36.83 ? 216 LEU A CB  1 
ATOM   1602 C CG  . LEU A 1 217 ? -20.238 15.810  4.636   1.00 35.95 ? 216 LEU A CG  1 
ATOM   1603 C CD1 . LEU A 1 217 ? -19.798 14.533  3.952   1.00 34.72 ? 216 LEU A CD1 1 
ATOM   1604 C CD2 . LEU A 1 217 ? -19.708 16.975  3.863   1.00 36.03 ? 216 LEU A CD2 1 
ATOM   1605 N N   . GLY A 1 218 ? -23.759 16.631  2.594   1.00 37.14 ? 217 GLY A N   1 
ATOM   1606 C CA  . GLY A 1 218 ? -24.078 16.834  1.196   1.00 37.27 ? 217 GLY A CA  1 
ATOM   1607 C C   . GLY A 1 218 ? -24.420 18.268  0.865   1.00 37.27 ? 217 GLY A C   1 
ATOM   1608 O O   . GLY A 1 218 ? -24.115 18.734  -0.220  1.00 36.97 ? 217 GLY A O   1 
ATOM   1609 N N   . LEU A 1 219 ? -25.072 18.958  1.793   1.00 37.68 ? 218 LEU A N   1 
ATOM   1610 C CA  . LEU A 1 219 ? -25.376 20.365  1.599   1.00 38.19 ? 218 LEU A CA  1 
ATOM   1611 C C   . LEU A 1 219 ? -24.080 21.160  1.498   1.00 38.67 ? 218 LEU A C   1 
ATOM   1612 O O   . LEU A 1 219 ? -23.939 22.000  0.607   1.00 38.98 ? 218 LEU A O   1 
ATOM   1613 C CB  . LEU A 1 219 ? -26.243 20.921  2.739   1.00 38.26 ? 218 LEU A CB  1 
ATOM   1614 C CG  . LEU A 1 219 ? -26.526 22.433  2.692   1.00 38.02 ? 218 LEU A CG  1 
ATOM   1615 C CD1 . LEU A 1 219 ? -27.167 22.804  1.363   1.00 37.74 ? 218 LEU A CD1 1 
ATOM   1616 C CD2 . LEU A 1 219 ? -27.397 22.903  3.862   1.00 37.97 ? 218 LEU A CD2 1 
ATOM   1617 N N   . ILE A 1 220 ? -23.147 20.907  2.417   1.00 38.94 ? 219 ILE A N   1 
ATOM   1618 C CA  . ILE A 1 220 ? -21.851 21.579  2.395   1.00 39.22 ? 219 ILE A CA  1 
ATOM   1619 C C   . ILE A 1 220 ? -21.142 21.387  1.049   1.00 39.47 ? 219 ILE A C   1 
ATOM   1620 O O   . ILE A 1 220 ? -20.722 22.358  0.434   1.00 40.07 ? 219 ILE A O   1 
ATOM   1621 C CB  . ILE A 1 220 ? -20.942 21.091  3.538   1.00 39.31 ? 219 ILE A CB  1 
ATOM   1622 C CG1 . ILE A 1 220 ? -21.583 21.394  4.903   1.00 39.74 ? 219 ILE A CG1 1 
ATOM   1623 C CG2 . ILE A 1 220 ? -19.561 21.750  3.415   1.00 39.33 ? 219 ILE A CG2 1 
ATOM   1624 C CD1 . ILE A 1 220 ? -20.666 21.131  6.125   1.00 39.81 ? 219 ILE A CD1 1 
ATOM   1625 N N   . LEU A 1 221 ? -21.008 20.143  0.608   1.00 39.40 ? 220 LEU A N   1 
ATOM   1626 C CA  . LEU A 1 221 ? -20.419 19.827  -0.685  1.00 39.60 ? 220 LEU A CA  1 
ATOM   1627 C C   . LEU A 1 221 ? -21.156 20.487  -1.850  1.00 40.03 ? 220 LEU A C   1 
ATOM   1628 O O   . LEU A 1 221 ? -20.528 20.995  -2.772  1.00 40.08 ? 220 LEU A O   1 
ATOM   1629 C CB  . LEU A 1 221 ? -20.424 18.317  -0.896  1.00 39.66 ? 220 LEU A CB  1 
ATOM   1630 C CG  . LEU A 1 221 ? -19.267 17.490  -0.324  1.00 40.34 ? 220 LEU A CG  1 
ATOM   1631 C CD1 . LEU A 1 221 ? -18.547 18.151  0.844   1.00 40.59 ? 220 LEU A CD1 1 
ATOM   1632 C CD2 . LEU A 1 221 ? -19.751 16.098  0.068   1.00 40.62 ? 220 LEU A CD2 1 
ATOM   1633 N N   . LYS A 1 222 ? -22.489 20.476  -1.817  1.00 40.50 ? 221 LYS A N   1 
ATOM   1634 C CA  . LYS A 1 222 ? -23.302 21.085  -2.882  1.00 40.64 ? 221 LYS A CA  1 
ATOM   1635 C C   . LYS A 1 222 ? -23.038 22.584  -3.031  1.00 40.67 ? 221 LYS A C   1 
ATOM   1636 O O   . LYS A 1 222 ? -23.040 23.097  -4.141  1.00 40.72 ? 221 LYS A O   1 
ATOM   1637 C CB  . LYS A 1 222 ? -24.801 20.847  -2.641  1.00 40.79 ? 221 LYS A CB  1 
ATOM   1638 C CG  . LYS A 1 222 ? -25.713 21.380  -3.758  1.00 41.06 ? 221 LYS A CG  1 
ATOM   1639 C CD  . LYS A 1 222 ? -27.127 20.774  -3.688  1.00 41.79 ? 221 LYS A CD  1 
ATOM   1640 C CE  . LYS A 1 222 ? -27.838 20.768  -5.048  1.00 42.06 ? 221 LYS A CE  1 
ATOM   1641 N NZ  . LYS A 1 222 ? -29.277 21.171  -4.946  1.00 42.54 ? 221 LYS A NZ  1 
ATOM   1642 N N   . ARG A 1 223 ? -22.804 23.275  -1.915  1.00 40.77 ? 222 ARG A N   1 
ATOM   1643 C CA  . ARG A 1 223 ? -22.587 24.729  -1.929  1.00 41.01 ? 222 ARG A CA  1 
ATOM   1644 C C   . ARG A 1 223 ? -21.169 25.058  -2.348  1.00 40.97 ? 222 ARG A C   1 
ATOM   1645 O O   . ARG A 1 223 ? -20.897 26.137  -2.870  1.00 41.18 ? 222 ARG A O   1 
ATOM   1646 C CB  . ARG A 1 223 ? -22.851 25.356  -0.545  1.00 41.18 ? 222 ARG A CB  1 
ATOM   1647 C CG  . ARG A 1 223 ? -24.319 25.413  -0.096  1.00 40.44 ? 222 ARG A CG  1 
ATOM   1648 C CD  . ARG A 1 223 ? -25.204 26.263  -0.969  1.00 39.39 ? 222 ARG A CD  1 
ATOM   1649 N NE  . ARG A 1 223 ? -24.915 27.696  -0.905  1.00 38.66 ? 222 ARG A NE  1 
ATOM   1650 C CZ  . ARG A 1 223 ? -25.131 28.468  0.156   1.00 36.99 ? 222 ARG A CZ  1 
ATOM   1651 N NH1 . ARG A 1 223 ? -25.612 27.962  1.290   1.00 36.61 ? 222 ARG A NH1 1 
ATOM   1652 N NH2 . ARG A 1 223 ? -24.863 29.763  0.079   1.00 35.55 ? 222 ARG A NH2 1 
ATOM   1653 N N   . MET A 1 224 ? -20.255 24.139  -2.084  1.00 40.83 ? 223 MET A N   1 
ATOM   1654 C CA  . MET A 1 224 ? -18.891 24.306  -2.541  1.00 40.80 ? 223 MET A CA  1 
ATOM   1655 C C   . MET A 1 224 ? -18.873 24.357  -4.052  1.00 40.31 ? 223 MET A C   1 
ATOM   1656 O O   . MET A 1 224 ? -18.161 25.154  -4.620  1.00 40.27 ? 223 MET A O   1 
ATOM   1657 C CB  . MET A 1 224 ? -18.003 23.163  -2.052  1.00 40.98 ? 223 MET A CB  1 
ATOM   1658 C CG  . MET A 1 224 ? -17.591 23.305  -0.614  1.00 41.31 ? 223 MET A CG  1 
ATOM   1659 S SD  . MET A 1 224 ? -16.545 21.975  -0.164  1.00 42.32 ? 223 MET A SD  1 
ATOM   1660 C CE  . MET A 1 224 ? -15.024 22.470  -0.852  1.00 42.43 ? 223 MET A CE  1 
ATOM   1661 N N   . VAL A 1 225 ? -19.689 23.528  -4.686  1.00 40.15 ? 224 VAL A N   1 
ATOM   1662 C CA  . VAL A 1 225 ? -19.659 23.358  -6.129  1.00 40.08 ? 224 VAL A CA  1 
ATOM   1663 C C   . VAL A 1 225 ? -20.640 24.268  -6.849  1.00 39.93 ? 224 VAL A C   1 
ATOM   1664 O O   . VAL A 1 225 ? -20.341 24.731  -7.937  1.00 39.57 ? 224 VAL A O   1 
ATOM   1665 C CB  . VAL A 1 225 ? -19.970 21.889  -6.526  1.00 40.18 ? 224 VAL A CB  1 
ATOM   1666 C CG1 . VAL A 1 225 ? -20.024 21.711  -8.051  1.00 40.15 ? 224 VAL A CG1 1 
ATOM   1667 C CG2 . VAL A 1 225 ? -18.945 20.937  -5.921  1.00 40.32 ? 224 VAL A CG2 1 
ATOM   1668 N N   . GLU A 1 226 ? -21.806 24.518  -6.260  1.00 40.14 ? 225 GLU A N   1 
ATOM   1669 C CA  . GLU A 1 226 ? -22.905 25.162  -7.002  1.00 40.49 ? 225 GLU A CA  1 
ATOM   1670 C C   . GLU A 1 226 ? -23.226 26.600  -6.563  1.00 40.54 ? 225 GLU A C   1 
ATOM   1671 O O   . GLU A 1 226 ? -24.084 27.241  -7.155  1.00 40.42 ? 225 GLU A O   1 
ATOM   1672 C CB  . GLU A 1 226 ? -24.176 24.288  -6.978  1.00 40.55 ? 225 GLU A CB  1 
ATOM   1673 C CG  . GLU A 1 226 ? -24.043 22.969  -7.747  1.00 40.37 ? 225 GLU A CG  1 
ATOM   1674 C CD  . GLU A 1 226 ? -25.345 22.180  -7.849  1.00 39.63 ? 225 GLU A CD  1 
ATOM   1675 O OE1 . GLU A 1 226 ? -26.414 22.679  -7.435  1.00 38.60 ? 225 GLU A OE1 1 
ATOM   1676 O OE2 . GLU A 1 226 ? -25.296 21.045  -8.350  1.00 39.40 ? 225 GLU A OE2 1 
ATOM   1677 N N   . GLY A 1 227 ? -22.530 27.101  -5.546  1.00 40.85 ? 226 GLY A N   1 
ATOM   1678 C CA  . GLY A 1 227 ? -22.647 28.491  -5.135  1.00 40.99 ? 226 GLY A CA  1 
ATOM   1679 C C   . GLY A 1 227 ? -22.756 28.637  -3.630  1.00 41.05 ? 226 GLY A C   1 
ATOM   1680 O O   . GLY A 1 227 ? -23.799 28.357  -3.050  1.00 40.92 ? 226 GLY A O   1 
HETATM 1681 O O   . HOH B 2 .   ? -6.608  7.856   -8.175  1.00 60.28 ? 227 HOH A O   1 
HETATM 1682 O O   . HOH B 2 .   ? 0.896   1.849   -7.503  1.00 48.47 ? 228 HOH A O   1 
HETATM 1683 O O   . HOH B 2 .   ? 12.313  -11.697 -3.341  1.00 60.12 ? 229 HOH A O   1 
HETATM 1684 O O   . HOH B 2 .   ? 7.996   -5.348  -5.674  1.00 51.59 ? 230 HOH A O   1 
HETATM 1685 O O   . HOH B 2 .   ? 3.711   -7.363  -10.898 1.00 64.59 ? 231 HOH A O   1 
HETATM 1686 O O   . HOH B 2 .   ? -17.611 0.419   -2.991  1.00 61.56 ? 232 HOH A O   1 
HETATM 1687 O O   . HOH B 2 .   ? -10.163 12.481  -11.563 1.00 60.95 ? 233 HOH A O   1 
HETATM 1688 O O   . HOH B 2 .   ? -7.630  9.644   10.415  1.00 68.99 ? 234 HOH A O   1 
HETATM 1689 O O   . HOH B 2 .   ? -5.325  -2.107  1.318   1.00 63.73 ? 235 HOH A O   1 
HETATM 1690 O O   . HOH B 2 .   ? -3.605  -15.550 -8.534  1.00 62.69 ? 236 HOH A O   1 
HETATM 1691 O O   . HOH B 2 .   ? 15.148  -8.836  -8.095  1.00 68.55 ? 237 HOH A O   1 
HETATM 1692 O O   . HOH B 2 .   ? 2.624   -9.997  5.475   1.00 58.31 ? 238 HOH A O   1 
HETATM 1693 O O   . HOH B 2 .   ? 12.954  0.632   -7.524  1.00 63.76 ? 239 HOH A O   1 
HETATM 1694 O O   . HOH B 2 .   ? -10.225 10.110  10.384  1.00 69.58 ? 240 HOH A O   1 
HETATM 1695 O O   . HOH B 2 .   ? 22.772  -10.288 -7.660  1.00 57.35 ? 241 HOH A O   1 
HETATM 1696 O O   . HOH B 2 .   ? -4.455  12.428  8.365   1.00 57.28 ? 242 HOH A O   1 
HETATM 1697 O O   . HOH B 2 .   ? -3.576  10.799  6.480   1.00 68.36 ? 243 HOH A O   1 
HETATM 1698 O O   . HOH B 2 .   ? 15.520  4.135   -2.788  1.00 63.19 ? 244 HOH A O   1 
HETATM 1699 O O   . HOH B 2 .   ? -6.026  15.240  -9.411  1.00 70.27 ? 245 HOH A O   1 
HETATM 1700 O O   . HOH B 2 .   ? 7.856   -14.063 -8.337  0.50 65.02 ? 246 HOH A O   1 
HETATM 1701 O O   . HOH B 2 .   ? -26.493 14.945  4.084   1.00 68.55 ? 247 HOH A O   1 
HETATM 1702 O O   . HOH B 2 .   ? -3.856  3.262   -6.834  1.00 60.82 ? 248 HOH A O   1 
HETATM 1703 O O   . HOH B 2 .   ? -12.569 14.927  8.436   1.00 67.08 ? 249 HOH A O   1 
HETATM 1704 O O   . HOH B 2 .   ? -25.299 15.798  -6.897  1.00 73.34 ? 250 HOH A O   1 
HETATM 1705 O O   . HOH B 2 .   ? -27.191 14.370  -5.898  1.00 69.94 ? 251 HOH A O   1 
HETATM 1706 O O   . HOH B 2 .   ? 7.650   17.373  -6.803  1.00 64.13 ? 252 HOH A O   1 
HETATM 1707 O O   . HOH B 2 .   ? 2.812   1.000   -5.381  1.00 52.91 ? 253 HOH A O   1 
HETATM 1708 O O   . HOH B 2 .   ? 9.661   -6.126  -3.710  1.00 53.28 ? 254 HOH A O   1 
HETATM 1709 O O   . HOH B 2 .   ? 15.607  -13.025 -1.920  1.00 60.09 ? 255 HOH A O   1 
HETATM 1710 O O   . HOH B 2 .   ? 12.897  -0.062  7.985   1.00 60.57 ? 256 HOH A O   1 
HETATM 1711 O O   . HOH B 2 .   ? 22.418  -12.154 16.395  1.00 67.28 ? 257 HOH A O   1 
HETATM 1712 O O   . HOH B 2 .   ? 11.927  2.244   9.121   1.00 68.88 ? 258 HOH A O   1 
HETATM 1713 O O   . HOH B 2 .   ? -8.501  -0.527  3.264   1.00 65.77 ? 259 HOH A O   1 
HETATM 1714 O O   . HOH B 2 .   ? 7.603   -7.640  -6.988  1.00 61.07 ? 260 HOH A O   1 
HETATM 1715 O O   . HOH B 2 .   ? -11.337 10.421  -12.598 1.00 69.54 ? 261 HOH A O   1 
HETATM 1716 O O   . HOH B 2 .   ? 15.904  -17.926 2.383   1.00 70.72 ? 262 HOH A O   1 
HETATM 1717 O O   . HOH B 2 .   ? 16.129  -13.932 0.676   1.00 62.75 ? 263 HOH A O   1 
HETATM 1718 O O   . HOH B 2 .   ? 16.902  -20.847 -4.409  1.00 67.27 ? 264 HOH A O   1 
HETATM 1719 O O   . HOH B 2 .   ? 19.457  -18.176 -5.731  1.00 70.03 ? 265 HOH A O   1 
HETATM 1720 O O   . HOH B 2 .   ? -17.638 3.408   2.174   1.00 70.74 ? 266 HOH A O   1 
HETATM 1721 O O   . HOH B 2 .   ? 3.761   -16.008 5.087   1.00 67.22 ? 267 HOH A O   1 
HETATM 1722 O O   . HOH B 2 .   ? 12.697  -13.916 -1.856  1.00 67.30 ? 268 HOH A O   1 
HETATM 1723 O O   . HOH B 2 .   ? 4.261   8.359   8.092   1.00 59.89 ? 269 HOH A O   1 
HETATM 1724 O O   . HOH B 2 .   ? 18.454  -5.940  11.577  1.00 63.66 ? 270 HOH A O   1 
HETATM 1725 O O   . HOH B 2 .   ? 13.437  -11.264 -8.177  1.00 71.29 ? 271 HOH A O   1 
HETATM 1726 O O   . HOH B 2 .   ? 10.046  -0.351  -9.526  1.00 58.45 ? 272 HOH A O   1 
HETATM 1727 O O   . HOH B 2 .   ? 5.690   5.962   6.012   1.00 65.15 ? 273 HOH A O   1 
HETATM 1728 O O   . HOH B 2 .   ? -5.415  6.657   -5.880  1.00 57.90 ? 274 HOH A O   1 
HETATM 1729 O O   . HOH B 2 .   ? -11.587 1.552   0.852   1.00 63.60 ? 275 HOH A O   1 
HETATM 1730 O O   . HOH B 2 .   ? -10.452 7.936   -7.898  1.00 65.87 ? 276 HOH A O   1 
HETATM 1731 O O   . HOH B 2 .   ? -17.043 11.827  -7.448  1.00 60.97 ? 277 HOH A O   1 
HETATM 1732 O O   . HOH B 2 .   ? -13.458 0.516   -2.775  1.00 62.72 ? 278 HOH A O   1 
HETATM 1733 O O   . HOH B 2 .   ? -21.772 31.064  -2.614  1.00 66.82 ? 279 HOH A O   1 
# 
loop_
_pdbx_poly_seq_scheme.asym_id 
_pdbx_poly_seq_scheme.entity_id 
_pdbx_poly_seq_scheme.seq_id 
_pdbx_poly_seq_scheme.mon_id 
_pdbx_poly_seq_scheme.ndb_seq_num 
_pdbx_poly_seq_scheme.pdb_seq_num 
_pdbx_poly_seq_scheme.auth_seq_num 
_pdbx_poly_seq_scheme.pdb_mon_id 
_pdbx_poly_seq_scheme.auth_mon_id 
_pdbx_poly_seq_scheme.pdb_strand_id 
_pdbx_poly_seq_scheme.pdb_ins_code 
_pdbx_poly_seq_scheme.hetero 
A 1 1   GLY 1   0   ?   ?   ?   A . n 
A 1 2   SER 2   1   ?   ?   ?   A . n 
A 1 3   GLU 3   2   ?   ?   ?   A . n 
A 1 4   GLY 4   3   ?   ?   ?   A . n 
A 1 5   CYS 5   4   4   CYS CYS A . n 
A 1 6   VAL 6   5   5   VAL VAL A . n 
A 1 7   SER 7   6   6   SER SER A . n 
A 1 8   ASN 8   7   7   ASN ASN A . n 
A 1 9   LEU 9   8   8   LEU LEU A . n 
A 1 10  MET 10  9   9   MET MET A . n 
A 1 11  VAL 11  10  10  VAL VAL A . n 
A 1 12  CYS 12  11  11  CYS CYS A . n 
A 1 13  ASN 13  12  12  ASN ASN A . n 
A 1 14  LEU 14  13  13  LEU LEU A . n 
A 1 15  ALA 15  14  14  ALA ALA A . n 
A 1 16  TYR 16  15  15  TYR TYR A . n 
A 1 17  SER 17  16  16  SER SER A . n 
A 1 18  GLY 18  17  17  GLY GLY A . n 
A 1 19  LYS 19  18  18  LYS LYS A . n 
A 1 20  LEU 20  19  19  LEU LEU A . n 
A 1 21  GLU 21  20  20  GLU GLU A . n 
A 1 22  GLU 22  21  21  GLU GLU A . n 
A 1 23  LEU 23  22  22  LEU LEU A . n 
A 1 24  LYS 24  23  23  LYS LYS A . n 
A 1 25  GLU 25  24  24  GLU GLU A . n 
A 1 26  SER 26  25  25  SER SER A . n 
A 1 27  ILE 27  26  26  ILE ILE A . n 
A 1 28  LEU 28  27  27  LEU LEU A . n 
A 1 29  ALA 29  28  28  ALA ALA A . n 
A 1 30  ASP 30  29  29  ASP ASP A . n 
A 1 31  LYS 31  30  30  LYS ALA A . n 
A 1 32  SER 32  31  31  SER SER A . n 
A 1 33  LEU 33  32  32  LEU LEU A . n 
A 1 34  ALA 34  33  33  ALA ALA A . n 
A 1 35  THR 35  34  34  THR THR A . n 
A 1 36  ARG 36  35  35  ARG ARG A . n 
A 1 37  THR 37  36  36  THR THR A . n 
A 1 38  ASP 38  37  37  ASP ASP A . n 
A 1 39  GLN 39  38  38  GLN GLN A . n 
A 1 40  ASP 40  39  39  ASP ASP A . n 
A 1 41  SER 41  40  40  SER SER A . n 
A 1 42  ARG 42  41  41  ARG ARG A . n 
A 1 43  THR 43  42  42  THR THR A . n 
A 1 44  ALA 44  43  43  ALA ALA A . n 
A 1 45  LEU 45  44  44  LEU LEU A . n 
A 1 46  HIS 46  45  45  HIS HIS A . n 
A 1 47  TRP 47  46  46  TRP TRP A . n 
A 1 48  ALA 48  47  47  ALA ALA A . n 
A 1 49  CYS 49  48  48  CYS CYS A . n 
A 1 50  SER 50  49  49  SER SER A . n 
A 1 51  ALA 51  50  50  ALA ALA A . n 
A 1 52  GLY 52  51  51  GLY GLY A . n 
A 1 53  HIS 53  52  52  HIS HIS A . n 
A 1 54  THR 54  53  53  THR THR A . n 
A 1 55  GLU 55  54  54  GLU GLU A . n 
A 1 56  ILE 56  55  55  ILE ILE A . n 
A 1 57  VAL 57  56  56  VAL VAL A . n 
A 1 58  GLU 58  57  57  GLU GLU A . n 
A 1 59  PHE 59  58  58  PHE PHE A . n 
A 1 60  LEU 60  59  59  LEU LEU A . n 
A 1 61  LEU 61  60  60  LEU LEU A . n 
A 1 62  GLN 62  61  61  GLN GLN A . n 
A 1 63  LEU 63  62  62  LEU LEU A . n 
A 1 64  GLY 64  63  63  GLY GLY A . n 
A 1 65  VAL 65  64  64  VAL VAL A . n 
A 1 66  PRO 66  65  65  PRO PRO A . n 
A 1 67  VAL 67  66  66  VAL VAL A . n 
A 1 68  ASN 68  67  67  ASN ASN A . n 
A 1 69  ASP 69  68  68  ASP ASP A . n 
A 1 70  LYS 70  69  69  LYS LYS A . n 
A 1 71  ASP 71  70  70  ASP ASP A . n 
A 1 72  ASP 72  71  71  ASP ASP A . n 
A 1 73  ALA 73  72  72  ALA ALA A . n 
A 1 74  GLY 74  73  73  GLY GLY A . n 
A 1 75  TRP 75  74  74  TRP TRP A . n 
A 1 76  SER 76  75  75  SER SER A . n 
A 1 77  PRO 77  76  76  PRO PRO A . n 
A 1 78  LEU 78  77  77  LEU LEU A . n 
A 1 79  HIS 79  78  78  HIS HIS A . n 
A 1 80  ILE 80  79  79  ILE ILE A . n 
A 1 81  ALA 81  80  80  ALA ALA A . n 
A 1 82  ALA 82  81  81  ALA ALA A . n 
A 1 83  SER 83  82  82  SER SER A . n 
A 1 84  ALA 84  83  83  ALA ALA A . n 
A 1 85  GLY 85  84  84  GLY GLY A . n 
A 1 86  ARG 86  85  85  ARG ARG A . n 
A 1 87  ASP 87  86  86  ASP ASP A . n 
A 1 88  GLU 88  87  87  GLU GLU A . n 
A 1 89  ILE 89  88  88  ILE ILE A . n 
A 1 90  VAL 90  89  89  VAL VAL A . n 
A 1 91  LYS 91  90  90  LYS LYS A . n 
A 1 92  ALA 92  91  91  ALA ALA A . n 
A 1 93  LEU 93  92  92  LEU LEU A . n 
A 1 94  LEU 94  93  93  LEU LEU A . n 
A 1 95  GLY 95  94  94  GLY GLY A . n 
A 1 96  LYS 96  95  95  LYS LYS A . n 
A 1 97  GLY 97  96  96  GLY GLY A . n 
A 1 98  ALA 98  97  97  ALA ALA A . n 
A 1 99  GLN 99  98  98  GLN GLN A . n 
A 1 100 VAL 100 99  99  VAL VAL A . n 
A 1 101 ASN 101 100 100 ASN ASN A . n 
A 1 102 ALA 102 101 101 ALA ALA A . n 
A 1 103 VAL 103 102 102 VAL VAL A . n 
A 1 104 ASN 104 103 103 ASN ASN A . n 
A 1 105 GLN 105 104 104 GLN GLN A . n 
A 1 106 ASN 106 105 105 ASN ASN A . n 
A 1 107 GLY 107 106 106 GLY GLY A . n 
A 1 108 CYS 108 107 107 CYS CYS A . n 
A 1 109 THR 109 108 108 THR THR A . n 
A 1 110 PRO 110 109 109 PRO PRO A . n 
A 1 111 LEU 111 110 110 LEU LEU A . n 
A 1 112 HIS 112 111 111 HIS HIS A . n 
A 1 113 TYR 113 112 112 TYR TYR A . n 
A 1 114 ALA 114 113 113 ALA ALA A . n 
A 1 115 ALA 115 114 114 ALA ALA A . n 
A 1 116 SER 116 115 115 SER SER A . n 
A 1 117 LYS 117 116 116 LYS LYS A . n 
A 1 118 ASN 118 117 117 ASN ASN A . n 
A 1 119 ARG 119 118 118 ARG ARG A . n 
A 1 120 HIS 120 119 119 HIS HIS A . n 
A 1 121 GLU 121 120 120 GLU GLU A . n 
A 1 122 ILE 122 121 121 ILE ILE A . n 
A 1 123 ALA 123 122 122 ALA ALA A . n 
A 1 124 VAL 124 123 123 VAL VAL A . n 
A 1 125 MET 125 124 124 MET MET A . n 
A 1 126 LEU 126 125 125 LEU LEU A . n 
A 1 127 LEU 127 126 126 LEU LEU A . n 
A 1 128 GLU 128 127 127 GLU GLU A . n 
A 1 129 GLY 129 128 128 GLY GLY A . n 
A 1 130 GLY 130 129 129 GLY GLY A . n 
A 1 131 ALA 131 130 130 ALA ALA A . n 
A 1 132 ASN 132 131 131 ASN ASN A . n 
A 1 133 PRO 133 132 132 PRO PRO A . n 
A 1 134 ASP 134 133 133 ASP ASP A . n 
A 1 135 ALA 135 134 134 ALA ALA A . n 
A 1 136 LYS 136 135 135 LYS LYS A . n 
A 1 137 ASP 137 136 136 ASP ASP A . n 
A 1 138 HIS 138 137 137 HIS HIS A . n 
A 1 139 TYR 139 138 138 TYR TYR A . n 
A 1 140 GLU 140 139 139 GLU GLU A . n 
A 1 141 ALA 141 140 140 ALA ALA A . n 
A 1 142 THR 142 141 141 THR THR A . n 
A 1 143 ALA 143 142 142 ALA ALA A . n 
A 1 144 MET 144 143 143 MET MET A . n 
A 1 145 HIS 145 144 144 HIS HIS A . n 
A 1 146 ARG 146 145 145 ARG ARG A . n 
A 1 147 ALA 147 146 146 ALA ALA A . n 
A 1 148 ALA 148 147 147 ALA ALA A . n 
A 1 149 ALA 149 148 148 ALA ALA A . n 
A 1 150 LYS 150 149 149 LYS LYS A . n 
A 1 151 GLY 151 150 150 GLY GLY A . n 
A 1 152 ASN 152 151 151 ASN ASN A . n 
A 1 153 LEU 153 152 152 LEU LEU A . n 
A 1 154 LYS 154 153 153 LYS LYS A . n 
A 1 155 MET 155 154 154 MET MET A . n 
A 1 156 ILE 156 155 155 ILE ILE A . n 
A 1 157 HIS 157 156 156 HIS HIS A . n 
A 1 158 ILE 158 157 157 ILE ILE A . n 
A 1 159 LEU 159 158 158 LEU LEU A . n 
A 1 160 LEU 160 159 159 LEU LEU A . n 
A 1 161 TYR 161 160 160 TYR TYR A . n 
A 1 162 TYR 162 161 161 TYR TYR A . n 
A 1 163 LYS 163 162 162 LYS LYS A . n 
A 1 164 ALA 164 163 163 ALA ALA A . n 
A 1 165 SER 165 164 164 SER SER A . n 
A 1 166 THR 166 165 165 THR THR A . n 
A 1 167 ASN 167 166 166 ASN ASN A . n 
A 1 168 ILE 168 167 167 ILE ILE A . n 
A 1 169 GLN 169 168 168 GLN GLN A . n 
A 1 170 ASP 170 169 169 ASP ASP A . n 
A 1 171 THR 171 170 170 THR THR A . n 
A 1 172 GLU 172 171 171 GLU GLU A . n 
A 1 173 GLY 173 172 172 GLY GLY A . n 
A 1 174 ASN 174 173 173 ASN ASN A . n 
A 1 175 THR 175 174 174 THR THR A . n 
A 1 176 PRO 176 175 175 PRO PRO A . n 
A 1 177 LEU 177 176 176 LEU LEU A . n 
A 1 178 HIS 178 177 177 HIS HIS A . n 
A 1 179 LEU 179 178 178 LEU LEU A . n 
A 1 180 ALA 180 179 179 ALA ALA A . n 
A 1 181 CYS 181 180 180 CYS CYS A . n 
A 1 182 ASP 182 181 181 ASP ASP A . n 
A 1 183 GLU 183 182 182 GLU GLU A . n 
A 1 184 GLU 184 183 183 GLU GLU A . n 
A 1 185 ARG 185 184 184 ARG ARG A . n 
A 1 186 VAL 186 185 185 VAL VAL A . n 
A 1 187 GLU 187 186 186 GLU GLU A . n 
A 1 188 GLU 188 187 187 GLU GLU A . n 
A 1 189 ALA 189 188 188 ALA ALA A . n 
A 1 190 LYS 190 189 189 LYS LYS A . n 
A 1 191 LEU 191 190 190 LEU LEU A . n 
A 1 192 LEU 192 191 191 LEU LEU A . n 
A 1 193 VAL 193 192 192 VAL VAL A . n 
A 1 194 SER 194 193 193 SER SER A . n 
A 1 195 GLN 195 194 194 GLN GLN A . n 
A 1 196 GLY 196 195 195 GLY GLY A . n 
A 1 197 ALA 197 196 196 ALA ALA A . n 
A 1 198 SER 198 197 197 SER SER A . n 
A 1 199 ILE 199 198 198 ILE ILE A . n 
A 1 200 TYR 200 199 199 TYR TYR A . n 
A 1 201 ILE 201 200 200 ILE ILE A . n 
A 1 202 GLU 202 201 201 GLU GLU A . n 
A 1 203 ASN 203 202 202 ASN ASN A . n 
A 1 204 LYS 204 203 203 LYS LYS A . n 
A 1 205 GLU 205 204 204 GLU GLU A . n 
A 1 206 GLU 206 205 205 GLU GLU A . n 
A 1 207 LYS 207 206 206 LYS LYS A . n 
A 1 208 THR 208 207 207 THR THR A . n 
A 1 209 PRO 209 208 208 PRO PRO A . n 
A 1 210 LEU 210 209 209 LEU LEU A . n 
A 1 211 GLN 211 210 210 GLN GLN A . n 
A 1 212 VAL 212 211 211 VAL VAL A . n 
A 1 213 ALA 213 212 212 ALA ALA A . n 
A 1 214 LYS 214 213 213 LYS ALA A . n 
A 1 215 GLY 215 214 214 GLY GLY A . n 
A 1 216 GLY 216 215 215 GLY GLY A . n 
A 1 217 LEU 217 216 216 LEU LEU A . n 
A 1 218 GLY 218 217 217 GLY GLY A . n 
A 1 219 LEU 219 218 218 LEU LEU A . n 
A 1 220 ILE 220 219 219 ILE ILE A . n 
A 1 221 LEU 221 220 220 LEU LEU A . n 
A 1 222 LYS 222 221 221 LYS LYS A . n 
A 1 223 ARG 223 222 222 ARG ARG A . n 
A 1 224 MET 224 223 223 MET MET A . n 
A 1 225 VAL 225 224 224 VAL VAL A . n 
A 1 226 GLU 226 225 225 GLU GLU A . n 
A 1 227 GLY 227 226 226 GLY GLY A . n 
# 
loop_
_pdbx_nonpoly_scheme.asym_id 
_pdbx_nonpoly_scheme.entity_id 
_pdbx_nonpoly_scheme.mon_id 
_pdbx_nonpoly_scheme.ndb_seq_num 
_pdbx_nonpoly_scheme.pdb_seq_num 
_pdbx_nonpoly_scheme.auth_seq_num 
_pdbx_nonpoly_scheme.pdb_mon_id 
_pdbx_nonpoly_scheme.auth_mon_id 
_pdbx_nonpoly_scheme.pdb_strand_id 
_pdbx_nonpoly_scheme.pdb_ins_code 
B 2 HOH 1  227 1  HOH HOH A . 
B 2 HOH 2  228 2  HOH HOH A . 
B 2 HOH 3  229 3  HOH HOH A . 
B 2 HOH 4  230 4  HOH HOH A . 
B 2 HOH 5  231 5  HOH HOH A . 
B 2 HOH 6  232 6  HOH HOH A . 
B 2 HOH 7  233 7  HOH HOH A . 
B 2 HOH 8  234 8  HOH HOH A . 
B 2 HOH 9  235 9  HOH HOH A . 
B 2 HOH 10 236 10 HOH HOH A . 
B 2 HOH 11 237 11 HOH HOH A . 
B 2 HOH 12 238 12 HOH HOH A . 
B 2 HOH 13 239 13 HOH HOH A . 
B 2 HOH 14 240 14 HOH HOH A . 
B 2 HOH 15 241 15 HOH HOH A . 
B 2 HOH 16 242 16 HOH HOH A . 
B 2 HOH 17 243 17 HOH HOH A . 
B 2 HOH 18 244 18 HOH HOH A . 
B 2 HOH 19 245 19 HOH HOH A . 
B 2 HOH 20 246 20 HOH HOH A . 
B 2 HOH 21 247 21 HOH HOH A . 
B 2 HOH 22 248 22 HOH HOH A . 
B 2 HOH 23 249 23 HOH HOH A . 
B 2 HOH 24 250 24 HOH HOH A . 
B 2 HOH 25 251 25 HOH HOH A . 
B 2 HOH 26 252 26 HOH HOH A . 
B 2 HOH 27 253 27 HOH HOH A . 
B 2 HOH 28 254 28 HOH HOH A . 
B 2 HOH 29 255 29 HOH HOH A . 
B 2 HOH 30 256 30 HOH HOH A . 
B 2 HOH 31 257 31 HOH HOH A . 
B 2 HOH 32 258 32 HOH HOH A . 
B 2 HOH 33 259 33 HOH HOH A . 
B 2 HOH 34 260 34 HOH HOH A . 
B 2 HOH 35 261 35 HOH HOH A . 
B 2 HOH 36 262 36 HOH HOH A . 
B 2 HOH 37 263 37 HOH HOH A . 
B 2 HOH 38 264 38 HOH HOH A . 
B 2 HOH 39 265 39 HOH HOH A . 
B 2 HOH 40 266 40 HOH HOH A . 
B 2 HOH 41 267 41 HOH HOH A . 
B 2 HOH 42 268 42 HOH HOH A . 
B 2 HOH 43 269 43 HOH HOH A . 
B 2 HOH 44 270 44 HOH HOH A . 
B 2 HOH 45 271 45 HOH HOH A . 
B 2 HOH 46 272 46 HOH HOH A . 
B 2 HOH 47 273 47 HOH HOH A . 
B 2 HOH 48 274 48 HOH HOH A . 
B 2 HOH 49 275 49 HOH HOH A . 
B 2 HOH 50 276 50 HOH HOH A . 
B 2 HOH 51 277 51 HOH HOH A . 
B 2 HOH 52 278 52 HOH HOH A . 
B 2 HOH 53 279 53 HOH HOH A . 
# 
_pdbx_struct_assembly.id                   1 
_pdbx_struct_assembly.details              author_defined_assembly 
_pdbx_struct_assembly.method_details       ? 
_pdbx_struct_assembly.oligomeric_details   monomeric 
_pdbx_struct_assembly.oligomeric_count     1 
# 
_pdbx_struct_assembly_gen.assembly_id       1 
_pdbx_struct_assembly_gen.oper_expression   1 
_pdbx_struct_assembly_gen.asym_id_list      A,B 
# 
_pdbx_struct_oper_list.id                   1 
_pdbx_struct_oper_list.type                 'identity operation' 
_pdbx_struct_oper_list.name                 1_555 
_pdbx_struct_oper_list.symmetry_operation   x,y,z 
_pdbx_struct_oper_list.matrix[1][1]         1.0000000000 
_pdbx_struct_oper_list.matrix[1][2]         0.0000000000 
_pdbx_struct_oper_list.matrix[1][3]         0.0000000000 
_pdbx_struct_oper_list.vector[1]            0.0000000000 
_pdbx_struct_oper_list.matrix[2][1]         0.0000000000 
_pdbx_struct_oper_list.matrix[2][2]         1.0000000000 
_pdbx_struct_oper_list.matrix[2][3]         0.0000000000 
_pdbx_struct_oper_list.vector[2]            0.0000000000 
_pdbx_struct_oper_list.matrix[3][1]         0.0000000000 
_pdbx_struct_oper_list.matrix[3][2]         0.0000000000 
_pdbx_struct_oper_list.matrix[3][3]         1.0000000000 
_pdbx_struct_oper_list.vector[3]            0.0000000000 
# 
_pdbx_struct_special_symmetry.id              1 
_pdbx_struct_special_symmetry.PDB_model_num   1 
_pdbx_struct_special_symmetry.auth_asym_id    A 
_pdbx_struct_special_symmetry.auth_comp_id    HOH 
_pdbx_struct_special_symmetry.auth_seq_id     246 
_pdbx_struct_special_symmetry.PDB_ins_code    ? 
_pdbx_struct_special_symmetry.label_asym_id   B 
_pdbx_struct_special_symmetry.label_comp_id   HOH 
_pdbx_struct_special_symmetry.label_seq_id    . 
# 
loop_
_pdbx_audit_revision_history.ordinal 
_pdbx_audit_revision_history.data_content_type 
_pdbx_audit_revision_history.major_revision 
_pdbx_audit_revision_history.minor_revision 
_pdbx_audit_revision_history.revision_date 
1 'Structure model' 1 0 2003-11-18 
2 'Structure model' 1 1 2008-04-29 
3 'Structure model' 1 2 2011-07-13 
4 'Structure model' 1 3 2023-08-23 
# 
_pdbx_audit_revision_details.ordinal             1 
_pdbx_audit_revision_details.revision_ordinal    1 
_pdbx_audit_revision_details.data_content_type   'Structure model' 
_pdbx_audit_revision_details.provider            repository 
_pdbx_audit_revision_details.type                'Initial release' 
_pdbx_audit_revision_details.description         ? 
_pdbx_audit_revision_details.details             ? 
# 
loop_
_pdbx_audit_revision_group.ordinal 
_pdbx_audit_revision_group.revision_ordinal 
_pdbx_audit_revision_group.data_content_type 
_pdbx_audit_revision_group.group 
1 2 'Structure model' 'Version format compliance' 
2 3 'Structure model' Advisory                    
3 3 'Structure model' 'Refinement description'    
4 3 'Structure model' 'Version format compliance' 
5 4 'Structure model' 'Data collection'           
6 4 'Structure model' 'Database references'       
7 4 'Structure model' 'Refinement description'    
# 
loop_
_pdbx_audit_revision_category.ordinal 
_pdbx_audit_revision_category.revision_ordinal 
_pdbx_audit_revision_category.data_content_type 
_pdbx_audit_revision_category.category 
1 4 'Structure model' chem_comp_atom                
2 4 'Structure model' chem_comp_bond                
3 4 'Structure model' database_2                    
4 4 'Structure model' pdbx_initial_refinement_model 
5 4 'Structure model' struct_ref_seq_dif            
# 
loop_
_pdbx_audit_revision_item.ordinal 
_pdbx_audit_revision_item.revision_ordinal 
_pdbx_audit_revision_item.data_content_type 
_pdbx_audit_revision_item.item 
1 4 'Structure model' '_database_2.pdbx_DOI'                
2 4 'Structure model' '_database_2.pdbx_database_accession' 
3 4 'Structure model' '_struct_ref_seq_dif.details'         
# 
loop_
_pdbx_refine_tls.pdbx_refine_id 
_pdbx_refine_tls.id 
_pdbx_refine_tls.details 
_pdbx_refine_tls.method 
_pdbx_refine_tls.origin_x 
_pdbx_refine_tls.origin_y 
_pdbx_refine_tls.origin_z 
_pdbx_refine_tls.T[1][1] 
_pdbx_refine_tls.T[2][2] 
_pdbx_refine_tls.T[3][3] 
_pdbx_refine_tls.T[1][2] 
_pdbx_refine_tls.T[1][3] 
_pdbx_refine_tls.T[2][3] 
_pdbx_refine_tls.L[1][1] 
_pdbx_refine_tls.L[2][2] 
_pdbx_refine_tls.L[3][3] 
_pdbx_refine_tls.L[1][2] 
_pdbx_refine_tls.L[1][3] 
_pdbx_refine_tls.L[2][3] 
_pdbx_refine_tls.S[1][1] 
_pdbx_refine_tls.S[2][2] 
_pdbx_refine_tls.S[3][3] 
_pdbx_refine_tls.S[1][2] 
_pdbx_refine_tls.S[1][3] 
_pdbx_refine_tls.S[2][3] 
_pdbx_refine_tls.S[2][1] 
_pdbx_refine_tls.S[3][1] 
_pdbx_refine_tls.S[3][2] 
'X-RAY DIFFRACTION' 1 ? refined 17.4132  -18.3055 7.8357  0.4695 0.6108 0.3882 0.3671  -0.2131 -0.0307 12.2446 8.1225  10.8695 0.8425  0.9752 1.5271  -0.0289 0.3578  -0.3290 -0.5773 -2.2565 -0.8228 0.7885  1.0864  1.2545  
'X-RAY DIFFRACTION' 2 ? refined 14.3577  -10.3067 2.5545  0.3731 0.7544 0.3666 0.1010  -0.0706 -0.2090 12.7927 8.5446  8.1529  -4.2336 0.4166 1.6979  -0.2281 0.4764  -0.2482 -0.5411 -0.3425 -0.6322 0.7659  0.4184  1.1338  
'X-RAY DIFFRACTION' 3 ? refined 8.1178   -3.4923  -0.7079 0.2995 0.6990 0.3268 -0.0162 0.0371  -0.2233 12.1456 10.1206 5.4127  -2.4963 2.6958 1.3051  -0.1475 -0.0146 0.1621  0.1582  0.1776  -0.0722 0.0126  0.0114  0.6057  
'X-RAY DIFFRACTION' 4 ? refined 0.6725   2.7731   -2.2304 0.3662 0.5857 0.3648 -0.0298 0.0717  -0.1980 9.8320  7.9846  5.9491  -5.0553 2.3918 0.9377  0.1401  -0.0806 -0.0596 0.0457  0.2177  0.1592  -0.0948 -0.2896 0.2577  
'X-RAY DIFFRACTION' 5 ? refined -6.9965  8.1241   -3.0646 0.3950 0.4372 0.5217 -0.0016 0.0363  -0.0519 13.6116 6.4504  5.6914  0.1537  1.6449 3.0672  0.2523  0.0108  -0.2631 0.2395  0.1383  0.1311  0.0493  -0.2507 -0.0851 
'X-RAY DIFFRACTION' 6 ? refined -16.7903 11.4120  -2.1575 0.3074 0.3511 0.5687 0.0455  0.0894  -0.0286 14.6078 6.7727  6.6055  -3.1356 4.2212 0.9751  0.4486  -0.0596 -0.3890 0.2247  -0.0478 0.6593  0.0524  -0.2330 -0.1914 
'X-RAY DIFFRACTION' 7 ? refined -23.9164 15.9516  -1.2995 0.3291 0.4567 0.6877 0.0579  0.1622  0.0784  12.6951 6.8814  -0.4672 -4.5354 1.5082 -2.4314 -0.0875 0.2362  -0.1487 0.1993  -0.1626 1.2434  0.1707  -0.1014 -0.4260  
# 
loop_
_pdbx_refine_tls_group.pdbx_refine_id 
_pdbx_refine_tls_group.id 
_pdbx_refine_tls_group.refine_tls_id 
_pdbx_refine_tls_group.beg_auth_asym_id 
_pdbx_refine_tls_group.beg_auth_seq_id 
_pdbx_refine_tls_group.end_auth_asym_id 
_pdbx_refine_tls_group.end_auth_seq_id 
_pdbx_refine_tls_group.selection_details 
_pdbx_refine_tls_group.beg_label_asym_id 
_pdbx_refine_tls_group.beg_label_seq_id 
_pdbx_refine_tls_group.end_label_asym_id 
_pdbx_refine_tls_group.end_label_seq_id 
_pdbx_refine_tls_group.selection 
'X-RAY DIFFRACTION' 1 1 A 4   A 39  ? . . . . ? 
'X-RAY DIFFRACTION' 2 2 A 40  A 71  ? . . . . ? 
'X-RAY DIFFRACTION' 3 3 A 72  A 104 ? . . . . ? 
'X-RAY DIFFRACTION' 4 4 A 105 A 137 ? . . . . ? 
'X-RAY DIFFRACTION' 5 5 A 138 A 170 ? . . . . ? 
'X-RAY DIFFRACTION' 6 6 A 171 A 203 ? . . . . ? 
'X-RAY DIFFRACTION' 7 7 A 204 A 226 ? . . . . ? 
# 
loop_
_software.name 
_software.classification 
_software.version 
_software.citation_id 
_software.pdbx_ordinal 
REFMAC    refinement       5.1.24 ? 1 
DENZO     'data reduction' .      ? 2 
SCALEPACK 'data scaling'   .      ? 3 
MOLREP    phasing          .      ? 4 
# 
loop_
_pdbx_validate_rmsd_angle.id 
_pdbx_validate_rmsd_angle.PDB_model_num 
_pdbx_validate_rmsd_angle.auth_atom_id_1 
_pdbx_validate_rmsd_angle.auth_asym_id_1 
_pdbx_validate_rmsd_angle.auth_comp_id_1 
_pdbx_validate_rmsd_angle.auth_seq_id_1 
_pdbx_validate_rmsd_angle.PDB_ins_code_1 
_pdbx_validate_rmsd_angle.label_alt_id_1 
_pdbx_validate_rmsd_angle.auth_atom_id_2 
_pdbx_validate_rmsd_angle.auth_asym_id_2 
_pdbx_validate_rmsd_angle.auth_comp_id_2 
_pdbx_validate_rmsd_angle.auth_seq_id_2 
_pdbx_validate_rmsd_angle.PDB_ins_code_2 
_pdbx_validate_rmsd_angle.label_alt_id_2 
_pdbx_validate_rmsd_angle.auth_atom_id_3 
_pdbx_validate_rmsd_angle.auth_asym_id_3 
_pdbx_validate_rmsd_angle.auth_comp_id_3 
_pdbx_validate_rmsd_angle.auth_seq_id_3 
_pdbx_validate_rmsd_angle.PDB_ins_code_3 
_pdbx_validate_rmsd_angle.label_alt_id_3 
_pdbx_validate_rmsd_angle.angle_value 
_pdbx_validate_rmsd_angle.angle_target_value 
_pdbx_validate_rmsd_angle.angle_deviation 
_pdbx_validate_rmsd_angle.angle_standard_deviation 
_pdbx_validate_rmsd_angle.linker_flag 
1 1 CB A ASP 136 ? ? CG A ASP 136 ? ? OD2 A ASP 136 ? ? 124.67 118.30 6.37 0.90 N 
2 1 CB A ASP 181 ? ? CG A ASP 181 ? ? OD2 A ASP 181 ? ? 124.08 118.30 5.78 0.90 N 
# 
loop_
_pdbx_validate_torsion.id 
_pdbx_validate_torsion.PDB_model_num 
_pdbx_validate_torsion.auth_comp_id 
_pdbx_validate_torsion.auth_asym_id 
_pdbx_validate_torsion.auth_seq_id 
_pdbx_validate_torsion.PDB_ins_code 
_pdbx_validate_torsion.label_alt_id 
_pdbx_validate_torsion.phi 
_pdbx_validate_torsion.psi 
1 1 ASP A 37  ? ? -92.35  -156.71 
2 1 ASN A 151 ? ? -110.90 79.12   
3 1 LYS A 162 ? ? 76.73   36.63   
# 
loop_
_pdbx_unobs_or_zero_occ_atoms.id 
_pdbx_unobs_or_zero_occ_atoms.PDB_model_num 
_pdbx_unobs_or_zero_occ_atoms.polymer_flag 
_pdbx_unobs_or_zero_occ_atoms.occupancy_flag 
_pdbx_unobs_or_zero_occ_atoms.auth_asym_id 
_pdbx_unobs_or_zero_occ_atoms.auth_comp_id 
_pdbx_unobs_or_zero_occ_atoms.auth_seq_id 
_pdbx_unobs_or_zero_occ_atoms.PDB_ins_code 
_pdbx_unobs_or_zero_occ_atoms.auth_atom_id 
_pdbx_unobs_or_zero_occ_atoms.label_alt_id 
_pdbx_unobs_or_zero_occ_atoms.label_asym_id 
_pdbx_unobs_or_zero_occ_atoms.label_comp_id 
_pdbx_unobs_or_zero_occ_atoms.label_seq_id 
_pdbx_unobs_or_zero_occ_atoms.label_atom_id 
1 1 Y 1 A LYS 30  ? CG ? A LYS 31  CG 
2 1 Y 1 A LYS 30  ? CD ? A LYS 31  CD 
3 1 Y 1 A LYS 30  ? CE ? A LYS 31  CE 
4 1 Y 1 A LYS 30  ? NZ ? A LYS 31  NZ 
5 1 Y 1 A LYS 213 ? CG ? A LYS 214 CG 
6 1 Y 1 A LYS 213 ? CD ? A LYS 214 CD 
7 1 Y 1 A LYS 213 ? CE ? A LYS 214 CE 
8 1 Y 1 A LYS 213 ? NZ ? A LYS 214 NZ 
# 
loop_
_pdbx_unobs_or_zero_occ_residues.id 
_pdbx_unobs_or_zero_occ_residues.PDB_model_num 
_pdbx_unobs_or_zero_occ_residues.polymer_flag 
_pdbx_unobs_or_zero_occ_residues.occupancy_flag 
_pdbx_unobs_or_zero_occ_residues.auth_asym_id 
_pdbx_unobs_or_zero_occ_residues.auth_comp_id 
_pdbx_unobs_or_zero_occ_residues.auth_seq_id 
_pdbx_unobs_or_zero_occ_residues.PDB_ins_code 
_pdbx_unobs_or_zero_occ_residues.label_asym_id 
_pdbx_unobs_or_zero_occ_residues.label_comp_id 
_pdbx_unobs_or_zero_occ_residues.label_seq_id 
1 1 Y 1 A GLY 0 ? A GLY 1 
2 1 Y 1 A SER 1 ? A SER 2 
3 1 Y 1 A GLU 2 ? A GLU 3 
4 1 Y 1 A GLY 3 ? A GLY 4 
# 
loop_
_chem_comp_atom.comp_id 
_chem_comp_atom.atom_id 
_chem_comp_atom.type_symbol 
_chem_comp_atom.pdbx_aromatic_flag 
_chem_comp_atom.pdbx_stereo_config 
_chem_comp_atom.pdbx_ordinal 
ALA N    N N N 1   
ALA CA   C N S 2   
ALA C    C N N 3   
ALA O    O N N 4   
ALA CB   C N N 5   
ALA OXT  O N N 6   
ALA H    H N N 7   
ALA H2   H N N 8   
ALA HA   H N N 9   
ALA HB1  H N N 10  
ALA HB2  H N N 11  
ALA HB3  H N N 12  
ALA HXT  H N N 13  
ARG N    N N N 14  
ARG CA   C N S 15  
ARG C    C N N 16  
ARG O    O N N 17  
ARG CB   C N N 18  
ARG CG   C N N 19  
ARG CD   C N N 20  
ARG NE   N N N 21  
ARG CZ   C N N 22  
ARG NH1  N N N 23  
ARG NH2  N N N 24  
ARG OXT  O N N 25  
ARG H    H N N 26  
ARG H2   H N N 27  
ARG HA   H N N 28  
ARG HB2  H N N 29  
ARG HB3  H N N 30  
ARG HG2  H N N 31  
ARG HG3  H N N 32  
ARG HD2  H N N 33  
ARG HD3  H N N 34  
ARG HE   H N N 35  
ARG HH11 H N N 36  
ARG HH12 H N N 37  
ARG HH21 H N N 38  
ARG HH22 H N N 39  
ARG HXT  H N N 40  
ASN N    N N N 41  
ASN CA   C N S 42  
ASN C    C N N 43  
ASN O    O N N 44  
ASN CB   C N N 45  
ASN CG   C N N 46  
ASN OD1  O N N 47  
ASN ND2  N N N 48  
ASN OXT  O N N 49  
ASN H    H N N 50  
ASN H2   H N N 51  
ASN HA   H N N 52  
ASN HB2  H N N 53  
ASN HB3  H N N 54  
ASN HD21 H N N 55  
ASN HD22 H N N 56  
ASN HXT  H N N 57  
ASP N    N N N 58  
ASP CA   C N S 59  
ASP C    C N N 60  
ASP O    O N N 61  
ASP CB   C N N 62  
ASP CG   C N N 63  
ASP OD1  O N N 64  
ASP OD2  O N N 65  
ASP OXT  O N N 66  
ASP H    H N N 67  
ASP H2   H N N 68  
ASP HA   H N N 69  
ASP HB2  H N N 70  
ASP HB3  H N N 71  
ASP HD2  H N N 72  
ASP HXT  H N N 73  
CYS N    N N N 74  
CYS CA   C N R 75  
CYS C    C N N 76  
CYS O    O N N 77  
CYS CB   C N N 78  
CYS SG   S N N 79  
CYS OXT  O N N 80  
CYS H    H N N 81  
CYS H2   H N N 82  
CYS HA   H N N 83  
CYS HB2  H N N 84  
CYS HB3  H N N 85  
CYS HG   H N N 86  
CYS HXT  H N N 87  
GLN N    N N N 88  
GLN CA   C N S 89  
GLN C    C N N 90  
GLN O    O N N 91  
GLN CB   C N N 92  
GLN CG   C N N 93  
GLN CD   C N N 94  
GLN OE1  O N N 95  
GLN NE2  N N N 96  
GLN OXT  O N N 97  
GLN H    H N N 98  
GLN H2   H N N 99  
GLN HA   H N N 100 
GLN HB2  H N N 101 
GLN HB3  H N N 102 
GLN HG2  H N N 103 
GLN HG3  H N N 104 
GLN HE21 H N N 105 
GLN HE22 H N N 106 
GLN HXT  H N N 107 
GLU N    N N N 108 
GLU CA   C N S 109 
GLU C    C N N 110 
GLU O    O N N 111 
GLU CB   C N N 112 
GLU CG   C N N 113 
GLU CD   C N N 114 
GLU OE1  O N N 115 
GLU OE2  O N N 116 
GLU OXT  O N N 117 
GLU H    H N N 118 
GLU H2   H N N 119 
GLU HA   H N N 120 
GLU HB2  H N N 121 
GLU HB3  H N N 122 
GLU HG2  H N N 123 
GLU HG3  H N N 124 
GLU HE2  H N N 125 
GLU HXT  H N N 126 
GLY N    N N N 127 
GLY CA   C N N 128 
GLY C    C N N 129 
GLY O    O N N 130 
GLY OXT  O N N 131 
GLY H    H N N 132 
GLY H2   H N N 133 
GLY HA2  H N N 134 
GLY HA3  H N N 135 
GLY HXT  H N N 136 
HIS N    N N N 137 
HIS CA   C N S 138 
HIS C    C N N 139 
HIS O    O N N 140 
HIS CB   C N N 141 
HIS CG   C Y N 142 
HIS ND1  N Y N 143 
HIS CD2  C Y N 144 
HIS CE1  C Y N 145 
HIS NE2  N Y N 146 
HIS OXT  O N N 147 
HIS H    H N N 148 
HIS H2   H N N 149 
HIS HA   H N N 150 
HIS HB2  H N N 151 
HIS HB3  H N N 152 
HIS HD1  H N N 153 
HIS HD2  H N N 154 
HIS HE1  H N N 155 
HIS HE2  H N N 156 
HIS HXT  H N N 157 
HOH O    O N N 158 
HOH H1   H N N 159 
HOH H2   H N N 160 
ILE N    N N N 161 
ILE CA   C N S 162 
ILE C    C N N 163 
ILE O    O N N 164 
ILE CB   C N S 165 
ILE CG1  C N N 166 
ILE CG2  C N N 167 
ILE CD1  C N N 168 
ILE OXT  O N N 169 
ILE H    H N N 170 
ILE H2   H N N 171 
ILE HA   H N N 172 
ILE HB   H N N 173 
ILE HG12 H N N 174 
ILE HG13 H N N 175 
ILE HG21 H N N 176 
ILE HG22 H N N 177 
ILE HG23 H N N 178 
ILE HD11 H N N 179 
ILE HD12 H N N 180 
ILE HD13 H N N 181 
ILE HXT  H N N 182 
LEU N    N N N 183 
LEU CA   C N S 184 
LEU C    C N N 185 
LEU O    O N N 186 
LEU CB   C N N 187 
LEU CG   C N N 188 
LEU CD1  C N N 189 
LEU CD2  C N N 190 
LEU OXT  O N N 191 
LEU H    H N N 192 
LEU H2   H N N 193 
LEU HA   H N N 194 
LEU HB2  H N N 195 
LEU HB3  H N N 196 
LEU HG   H N N 197 
LEU HD11 H N N 198 
LEU HD12 H N N 199 
LEU HD13 H N N 200 
LEU HD21 H N N 201 
LEU HD22 H N N 202 
LEU HD23 H N N 203 
LEU HXT  H N N 204 
LYS N    N N N 205 
LYS CA   C N S 206 
LYS C    C N N 207 
LYS O    O N N 208 
LYS CB   C N N 209 
LYS CG   C N N 210 
LYS CD   C N N 211 
LYS CE   C N N 212 
LYS NZ   N N N 213 
LYS OXT  O N N 214 
LYS H    H N N 215 
LYS H2   H N N 216 
LYS HA   H N N 217 
LYS HB2  H N N 218 
LYS HB3  H N N 219 
LYS HG2  H N N 220 
LYS HG3  H N N 221 
LYS HD2  H N N 222 
LYS HD3  H N N 223 
LYS HE2  H N N 224 
LYS HE3  H N N 225 
LYS HZ1  H N N 226 
LYS HZ2  H N N 227 
LYS HZ3  H N N 228 
LYS HXT  H N N 229 
MET N    N N N 230 
MET CA   C N S 231 
MET C    C N N 232 
MET O    O N N 233 
MET CB   C N N 234 
MET CG   C N N 235 
MET SD   S N N 236 
MET CE   C N N 237 
MET OXT  O N N 238 
MET H    H N N 239 
MET H2   H N N 240 
MET HA   H N N 241 
MET HB2  H N N 242 
MET HB3  H N N 243 
MET HG2  H N N 244 
MET HG3  H N N 245 
MET HE1  H N N 246 
MET HE2  H N N 247 
MET HE3  H N N 248 
MET HXT  H N N 249 
PHE N    N N N 250 
PHE CA   C N S 251 
PHE C    C N N 252 
PHE O    O N N 253 
PHE CB   C N N 254 
PHE CG   C Y N 255 
PHE CD1  C Y N 256 
PHE CD2  C Y N 257 
PHE CE1  C Y N 258 
PHE CE2  C Y N 259 
PHE CZ   C Y N 260 
PHE OXT  O N N 261 
PHE H    H N N 262 
PHE H2   H N N 263 
PHE HA   H N N 264 
PHE HB2  H N N 265 
PHE HB3  H N N 266 
PHE HD1  H N N 267 
PHE HD2  H N N 268 
PHE HE1  H N N 269 
PHE HE2  H N N 270 
PHE HZ   H N N 271 
PHE HXT  H N N 272 
PRO N    N N N 273 
PRO CA   C N S 274 
PRO C    C N N 275 
PRO O    O N N 276 
PRO CB   C N N 277 
PRO CG   C N N 278 
PRO CD   C N N 279 
PRO OXT  O N N 280 
PRO H    H N N 281 
PRO HA   H N N 282 
PRO HB2  H N N 283 
PRO HB3  H N N 284 
PRO HG2  H N N 285 
PRO HG3  H N N 286 
PRO HD2  H N N 287 
PRO HD3  H N N 288 
PRO HXT  H N N 289 
SER N    N N N 290 
SER CA   C N S 291 
SER C    C N N 292 
SER O    O N N 293 
SER CB   C N N 294 
SER OG   O N N 295 
SER OXT  O N N 296 
SER H    H N N 297 
SER H2   H N N 298 
SER HA   H N N 299 
SER HB2  H N N 300 
SER HB3  H N N 301 
SER HG   H N N 302 
SER HXT  H N N 303 
THR N    N N N 304 
THR CA   C N S 305 
THR C    C N N 306 
THR O    O N N 307 
THR CB   C N R 308 
THR OG1  O N N 309 
THR CG2  C N N 310 
THR OXT  O N N 311 
THR H    H N N 312 
THR H2   H N N 313 
THR HA   H N N 314 
THR HB   H N N 315 
THR HG1  H N N 316 
THR HG21 H N N 317 
THR HG22 H N N 318 
THR HG23 H N N 319 
THR HXT  H N N 320 
TRP N    N N N 321 
TRP CA   C N S 322 
TRP C    C N N 323 
TRP O    O N N 324 
TRP CB   C N N 325 
TRP CG   C Y N 326 
TRP CD1  C Y N 327 
TRP CD2  C Y N 328 
TRP NE1  N Y N 329 
TRP CE2  C Y N 330 
TRP CE3  C Y N 331 
TRP CZ2  C Y N 332 
TRP CZ3  C Y N 333 
TRP CH2  C Y N 334 
TRP OXT  O N N 335 
TRP H    H N N 336 
TRP H2   H N N 337 
TRP HA   H N N 338 
TRP HB2  H N N 339 
TRP HB3  H N N 340 
TRP HD1  H N N 341 
TRP HE1  H N N 342 
TRP HE3  H N N 343 
TRP HZ2  H N N 344 
TRP HZ3  H N N 345 
TRP HH2  H N N 346 
TRP HXT  H N N 347 
TYR N    N N N 348 
TYR CA   C N S 349 
TYR C    C N N 350 
TYR O    O N N 351 
TYR CB   C N N 352 
TYR CG   C Y N 353 
TYR CD1  C Y N 354 
TYR CD2  C Y N 355 
TYR CE1  C Y N 356 
TYR CE2  C Y N 357 
TYR CZ   C Y N 358 
TYR OH   O N N 359 
TYR OXT  O N N 360 
TYR H    H N N 361 
TYR H2   H N N 362 
TYR HA   H N N 363 
TYR HB2  H N N 364 
TYR HB3  H N N 365 
TYR HD1  H N N 366 
TYR HD2  H N N 367 
TYR HE1  H N N 368 
TYR HE2  H N N 369 
TYR HH   H N N 370 
TYR HXT  H N N 371 
VAL N    N N N 372 
VAL CA   C N S 373 
VAL C    C N N 374 
VAL O    O N N 375 
VAL CB   C N N 376 
VAL CG1  C N N 377 
VAL CG2  C N N 378 
VAL OXT  O N N 379 
VAL H    H N N 380 
VAL H2   H N N 381 
VAL HA   H N N 382 
VAL HB   H N N 383 
VAL HG11 H N N 384 
VAL HG12 H N N 385 
VAL HG13 H N N 386 
VAL HG21 H N N 387 
VAL HG22 H N N 388 
VAL HG23 H N N 389 
VAL HXT  H N N 390 
# 
loop_
_chem_comp_bond.comp_id 
_chem_comp_bond.atom_id_1 
_chem_comp_bond.atom_id_2 
_chem_comp_bond.value_order 
_chem_comp_bond.pdbx_aromatic_flag 
_chem_comp_bond.pdbx_stereo_config 
_chem_comp_bond.pdbx_ordinal 
ALA N   CA   sing N N 1   
ALA N   H    sing N N 2   
ALA N   H2   sing N N 3   
ALA CA  C    sing N N 4   
ALA CA  CB   sing N N 5   
ALA CA  HA   sing N N 6   
ALA C   O    doub N N 7   
ALA C   OXT  sing N N 8   
ALA CB  HB1  sing N N 9   
ALA CB  HB2  sing N N 10  
ALA CB  HB3  sing N N 11  
ALA OXT HXT  sing N N 12  
ARG N   CA   sing N N 13  
ARG N   H    sing N N 14  
ARG N   H2   sing N N 15  
ARG CA  C    sing N N 16  
ARG CA  CB   sing N N 17  
ARG CA  HA   sing N N 18  
ARG C   O    doub N N 19  
ARG C   OXT  sing N N 20  
ARG CB  CG   sing N N 21  
ARG CB  HB2  sing N N 22  
ARG CB  HB3  sing N N 23  
ARG CG  CD   sing N N 24  
ARG CG  HG2  sing N N 25  
ARG CG  HG3  sing N N 26  
ARG CD  NE   sing N N 27  
ARG CD  HD2  sing N N 28  
ARG CD  HD3  sing N N 29  
ARG NE  CZ   sing N N 30  
ARG NE  HE   sing N N 31  
ARG CZ  NH1  sing N N 32  
ARG CZ  NH2  doub N N 33  
ARG NH1 HH11 sing N N 34  
ARG NH1 HH12 sing N N 35  
ARG NH2 HH21 sing N N 36  
ARG NH2 HH22 sing N N 37  
ARG OXT HXT  sing N N 38  
ASN N   CA   sing N N 39  
ASN N   H    sing N N 40  
ASN N   H2   sing N N 41  
ASN CA  C    sing N N 42  
ASN CA  CB   sing N N 43  
ASN CA  HA   sing N N 44  
ASN C   O    doub N N 45  
ASN C   OXT  sing N N 46  
ASN CB  CG   sing N N 47  
ASN CB  HB2  sing N N 48  
ASN CB  HB3  sing N N 49  
ASN CG  OD1  doub N N 50  
ASN CG  ND2  sing N N 51  
ASN ND2 HD21 sing N N 52  
ASN ND2 HD22 sing N N 53  
ASN OXT HXT  sing N N 54  
ASP N   CA   sing N N 55  
ASP N   H    sing N N 56  
ASP N   H2   sing N N 57  
ASP CA  C    sing N N 58  
ASP CA  CB   sing N N 59  
ASP CA  HA   sing N N 60  
ASP C   O    doub N N 61  
ASP C   OXT  sing N N 62  
ASP CB  CG   sing N N 63  
ASP CB  HB2  sing N N 64  
ASP CB  HB3  sing N N 65  
ASP CG  OD1  doub N N 66  
ASP CG  OD2  sing N N 67  
ASP OD2 HD2  sing N N 68  
ASP OXT HXT  sing N N 69  
CYS N   CA   sing N N 70  
CYS N   H    sing N N 71  
CYS N   H2   sing N N 72  
CYS CA  C    sing N N 73  
CYS CA  CB   sing N N 74  
CYS CA  HA   sing N N 75  
CYS C   O    doub N N 76  
CYS C   OXT  sing N N 77  
CYS CB  SG   sing N N 78  
CYS CB  HB2  sing N N 79  
CYS CB  HB3  sing N N 80  
CYS SG  HG   sing N N 81  
CYS OXT HXT  sing N N 82  
GLN N   CA   sing N N 83  
GLN N   H    sing N N 84  
GLN N   H2   sing N N 85  
GLN CA  C    sing N N 86  
GLN CA  CB   sing N N 87  
GLN CA  HA   sing N N 88  
GLN C   O    doub N N 89  
GLN C   OXT  sing N N 90  
GLN CB  CG   sing N N 91  
GLN CB  HB2  sing N N 92  
GLN CB  HB3  sing N N 93  
GLN CG  CD   sing N N 94  
GLN CG  HG2  sing N N 95  
GLN CG  HG3  sing N N 96  
GLN CD  OE1  doub N N 97  
GLN CD  NE2  sing N N 98  
GLN NE2 HE21 sing N N 99  
GLN NE2 HE22 sing N N 100 
GLN OXT HXT  sing N N 101 
GLU N   CA   sing N N 102 
GLU N   H    sing N N 103 
GLU N   H2   sing N N 104 
GLU CA  C    sing N N 105 
GLU CA  CB   sing N N 106 
GLU CA  HA   sing N N 107 
GLU C   O    doub N N 108 
GLU C   OXT  sing N N 109 
GLU CB  CG   sing N N 110 
GLU CB  HB2  sing N N 111 
GLU CB  HB3  sing N N 112 
GLU CG  CD   sing N N 113 
GLU CG  HG2  sing N N 114 
GLU CG  HG3  sing N N 115 
GLU CD  OE1  doub N N 116 
GLU CD  OE2  sing N N 117 
GLU OE2 HE2  sing N N 118 
GLU OXT HXT  sing N N 119 
GLY N   CA   sing N N 120 
GLY N   H    sing N N 121 
GLY N   H2   sing N N 122 
GLY CA  C    sing N N 123 
GLY CA  HA2  sing N N 124 
GLY CA  HA3  sing N N 125 
GLY C   O    doub N N 126 
GLY C   OXT  sing N N 127 
GLY OXT HXT  sing N N 128 
HIS N   CA   sing N N 129 
HIS N   H    sing N N 130 
HIS N   H2   sing N N 131 
HIS CA  C    sing N N 132 
HIS CA  CB   sing N N 133 
HIS CA  HA   sing N N 134 
HIS C   O    doub N N 135 
HIS C   OXT  sing N N 136 
HIS CB  CG   sing N N 137 
HIS CB  HB2  sing N N 138 
HIS CB  HB3  sing N N 139 
HIS CG  ND1  sing Y N 140 
HIS CG  CD2  doub Y N 141 
HIS ND1 CE1  doub Y N 142 
HIS ND1 HD1  sing N N 143 
HIS CD2 NE2  sing Y N 144 
HIS CD2 HD2  sing N N 145 
HIS CE1 NE2  sing Y N 146 
HIS CE1 HE1  sing N N 147 
HIS NE2 HE2  sing N N 148 
HIS OXT HXT  sing N N 149 
HOH O   H1   sing N N 150 
HOH O   H2   sing N N 151 
ILE N   CA   sing N N 152 
ILE N   H    sing N N 153 
ILE N   H2   sing N N 154 
ILE CA  C    sing N N 155 
ILE CA  CB   sing N N 156 
ILE CA  HA   sing N N 157 
ILE C   O    doub N N 158 
ILE C   OXT  sing N N 159 
ILE CB  CG1  sing N N 160 
ILE CB  CG2  sing N N 161 
ILE CB  HB   sing N N 162 
ILE CG1 CD1  sing N N 163 
ILE CG1 HG12 sing N N 164 
ILE CG1 HG13 sing N N 165 
ILE CG2 HG21 sing N N 166 
ILE CG2 HG22 sing N N 167 
ILE CG2 HG23 sing N N 168 
ILE CD1 HD11 sing N N 169 
ILE CD1 HD12 sing N N 170 
ILE CD1 HD13 sing N N 171 
ILE OXT HXT  sing N N 172 
LEU N   CA   sing N N 173 
LEU N   H    sing N N 174 
LEU N   H2   sing N N 175 
LEU CA  C    sing N N 176 
LEU CA  CB   sing N N 177 
LEU CA  HA   sing N N 178 
LEU C   O    doub N N 179 
LEU C   OXT  sing N N 180 
LEU CB  CG   sing N N 181 
LEU CB  HB2  sing N N 182 
LEU CB  HB3  sing N N 183 
LEU CG  CD1  sing N N 184 
LEU CG  CD2  sing N N 185 
LEU CG  HG   sing N N 186 
LEU CD1 HD11 sing N N 187 
LEU CD1 HD12 sing N N 188 
LEU CD1 HD13 sing N N 189 
LEU CD2 HD21 sing N N 190 
LEU CD2 HD22 sing N N 191 
LEU CD2 HD23 sing N N 192 
LEU OXT HXT  sing N N 193 
LYS N   CA   sing N N 194 
LYS N   H    sing N N 195 
LYS N   H2   sing N N 196 
LYS CA  C    sing N N 197 
LYS CA  CB   sing N N 198 
LYS CA  HA   sing N N 199 
LYS C   O    doub N N 200 
LYS C   OXT  sing N N 201 
LYS CB  CG   sing N N 202 
LYS CB  HB2  sing N N 203 
LYS CB  HB3  sing N N 204 
LYS CG  CD   sing N N 205 
LYS CG  HG2  sing N N 206 
LYS CG  HG3  sing N N 207 
LYS CD  CE   sing N N 208 
LYS CD  HD2  sing N N 209 
LYS CD  HD3  sing N N 210 
LYS CE  NZ   sing N N 211 
LYS CE  HE2  sing N N 212 
LYS CE  HE3  sing N N 213 
LYS NZ  HZ1  sing N N 214 
LYS NZ  HZ2  sing N N 215 
LYS NZ  HZ3  sing N N 216 
LYS OXT HXT  sing N N 217 
MET N   CA   sing N N 218 
MET N   H    sing N N 219 
MET N   H2   sing N N 220 
MET CA  C    sing N N 221 
MET CA  CB   sing N N 222 
MET CA  HA   sing N N 223 
MET C   O    doub N N 224 
MET C   OXT  sing N N 225 
MET CB  CG   sing N N 226 
MET CB  HB2  sing N N 227 
MET CB  HB3  sing N N 228 
MET CG  SD   sing N N 229 
MET CG  HG2  sing N N 230 
MET CG  HG3  sing N N 231 
MET SD  CE   sing N N 232 
MET CE  HE1  sing N N 233 
MET CE  HE2  sing N N 234 
MET CE  HE3  sing N N 235 
MET OXT HXT  sing N N 236 
PHE N   CA   sing N N 237 
PHE N   H    sing N N 238 
PHE N   H2   sing N N 239 
PHE CA  C    sing N N 240 
PHE CA  CB   sing N N 241 
PHE CA  HA   sing N N 242 
PHE C   O    doub N N 243 
PHE C   OXT  sing N N 244 
PHE CB  CG   sing N N 245 
PHE CB  HB2  sing N N 246 
PHE CB  HB3  sing N N 247 
PHE CG  CD1  doub Y N 248 
PHE CG  CD2  sing Y N 249 
PHE CD1 CE1  sing Y N 250 
PHE CD1 HD1  sing N N 251 
PHE CD2 CE2  doub Y N 252 
PHE CD2 HD2  sing N N 253 
PHE CE1 CZ   doub Y N 254 
PHE CE1 HE1  sing N N 255 
PHE CE2 CZ   sing Y N 256 
PHE CE2 HE2  sing N N 257 
PHE CZ  HZ   sing N N 258 
PHE OXT HXT  sing N N 259 
PRO N   CA   sing N N 260 
PRO N   CD   sing N N 261 
PRO N   H    sing N N 262 
PRO CA  C    sing N N 263 
PRO CA  CB   sing N N 264 
PRO CA  HA   sing N N 265 
PRO C   O    doub N N 266 
PRO C   OXT  sing N N 267 
PRO CB  CG   sing N N 268 
PRO CB  HB2  sing N N 269 
PRO CB  HB3  sing N N 270 
PRO CG  CD   sing N N 271 
PRO CG  HG2  sing N N 272 
PRO CG  HG3  sing N N 273 
PRO CD  HD2  sing N N 274 
PRO CD  HD3  sing N N 275 
PRO OXT HXT  sing N N 276 
SER N   CA   sing N N 277 
SER N   H    sing N N 278 
SER N   H2   sing N N 279 
SER CA  C    sing N N 280 
SER CA  CB   sing N N 281 
SER CA  HA   sing N N 282 
SER C   O    doub N N 283 
SER C   OXT  sing N N 284 
SER CB  OG   sing N N 285 
SER CB  HB2  sing N N 286 
SER CB  HB3  sing N N 287 
SER OG  HG   sing N N 288 
SER OXT HXT  sing N N 289 
THR N   CA   sing N N 290 
THR N   H    sing N N 291 
THR N   H2   sing N N 292 
THR CA  C    sing N N 293 
THR CA  CB   sing N N 294 
THR CA  HA   sing N N 295 
THR C   O    doub N N 296 
THR C   OXT  sing N N 297 
THR CB  OG1  sing N N 298 
THR CB  CG2  sing N N 299 
THR CB  HB   sing N N 300 
THR OG1 HG1  sing N N 301 
THR CG2 HG21 sing N N 302 
THR CG2 HG22 sing N N 303 
THR CG2 HG23 sing N N 304 
THR OXT HXT  sing N N 305 
TRP N   CA   sing N N 306 
TRP N   H    sing N N 307 
TRP N   H2   sing N N 308 
TRP CA  C    sing N N 309 
TRP CA  CB   sing N N 310 
TRP CA  HA   sing N N 311 
TRP C   O    doub N N 312 
TRP C   OXT  sing N N 313 
TRP CB  CG   sing N N 314 
TRP CB  HB2  sing N N 315 
TRP CB  HB3  sing N N 316 
TRP CG  CD1  doub Y N 317 
TRP CG  CD2  sing Y N 318 
TRP CD1 NE1  sing Y N 319 
TRP CD1 HD1  sing N N 320 
TRP CD2 CE2  doub Y N 321 
TRP CD2 CE3  sing Y N 322 
TRP NE1 CE2  sing Y N 323 
TRP NE1 HE1  sing N N 324 
TRP CE2 CZ2  sing Y N 325 
TRP CE3 CZ3  doub Y N 326 
TRP CE3 HE3  sing N N 327 
TRP CZ2 CH2  doub Y N 328 
TRP CZ2 HZ2  sing N N 329 
TRP CZ3 CH2  sing Y N 330 
TRP CZ3 HZ3  sing N N 331 
TRP CH2 HH2  sing N N 332 
TRP OXT HXT  sing N N 333 
TYR N   CA   sing N N 334 
TYR N   H    sing N N 335 
TYR N   H2   sing N N 336 
TYR CA  C    sing N N 337 
TYR CA  CB   sing N N 338 
TYR CA  HA   sing N N 339 
TYR C   O    doub N N 340 
TYR C   OXT  sing N N 341 
TYR CB  CG   sing N N 342 
TYR CB  HB2  sing N N 343 
TYR CB  HB3  sing N N 344 
TYR CG  CD1  doub Y N 345 
TYR CG  CD2  sing Y N 346 
TYR CD1 CE1  sing Y N 347 
TYR CD1 HD1  sing N N 348 
TYR CD2 CE2  doub Y N 349 
TYR CD2 HD2  sing N N 350 
TYR CE1 CZ   doub Y N 351 
TYR CE1 HE1  sing N N 352 
TYR CE2 CZ   sing Y N 353 
TYR CE2 HE2  sing N N 354 
TYR CZ  OH   sing N N 355 
TYR OH  HH   sing N N 356 
TYR OXT HXT  sing N N 357 
VAL N   CA   sing N N 358 
VAL N   H    sing N N 359 
VAL N   H2   sing N N 360 
VAL CA  C    sing N N 361 
VAL CA  CB   sing N N 362 
VAL CA  HA   sing N N 363 
VAL C   O    doub N N 364 
VAL C   OXT  sing N N 365 
VAL CB  CG1  sing N N 366 
VAL CB  CG2  sing N N 367 
VAL CB  HB   sing N N 368 
VAL CG1 HG11 sing N N 369 
VAL CG1 HG12 sing N N 370 
VAL CG1 HG13 sing N N 371 
VAL CG2 HG21 sing N N 372 
VAL CG2 HG22 sing N N 373 
VAL CG2 HG23 sing N N 374 
VAL OXT HXT  sing N N 375 
# 
_pdbx_entity_nonpoly.entity_id   2 
_pdbx_entity_nonpoly.name        water 
_pdbx_entity_nonpoly.comp_id     HOH 
# 
loop_
_pdbx_initial_refinement_model.id 
_pdbx_initial_refinement_model.entity_id_list 
_pdbx_initial_refinement_model.type 
_pdbx_initial_refinement_model.source_name 
_pdbx_initial_refinement_model.accession_code 
_pdbx_initial_refinement_model.details 
1 ? 'experimental model' PDB 1N1I 'SWISS-MODEL    (PDB ENTRIES 1N1I, 1N0R, 1MJ0, 1N0Q)' 
2 ? 'experimental model' PDB 1N0R 'SWISS-MODEL    (PDB ENTRIES 1N1I, 1N0R, 1MJ0, 1N0Q)' 
3 ? 'experimental model' PDB 1MJ0 'SWISS-MODEL    (PDB ENTRIES 1N1I, 1N0R, 1MJ0, 1N0Q)' 
4 ? 'experimental model' PDB 1N0Q 'SWISS-MODEL    (PDB ENTRIES 1N1I, 1N0R, 1MJ0, 1N0Q)' 
# 
